data_7REB
# 
_entry.id   7REB 
# 
_audit_conform.dict_name       mmcif_pdbx.dic 
_audit_conform.dict_version    5.380 
_audit_conform.dict_location   http://mmcif.pdb.org/dictionaries/ascii/mmcif_pdbx.dic 
# 
loop_
_database_2.database_id 
_database_2.database_code 
_database_2.pdbx_database_accession 
_database_2.pdbx_DOI 
PDB   7REB         pdb_00007reb 10.2210/pdb7reb/pdb 
WWPDB D_1000256683 ?            ?                   
# 
_pdbx_database_status.status_code                     REL 
_pdbx_database_status.status_code_sf                  REL 
_pdbx_database_status.status_code_mr                  ? 
_pdbx_database_status.entry_id                        7REB 
_pdbx_database_status.recvd_initial_deposition_date   2021-07-12 
_pdbx_database_status.SG_entry                        N 
_pdbx_database_status.deposit_site                    RCSB 
_pdbx_database_status.process_site                    RCSB 
_pdbx_database_status.status_code_cs                  ? 
_pdbx_database_status.status_code_nmr_data            ? 
_pdbx_database_status.methods_development_category    ? 
_pdbx_database_status.pdb_format_compatible           Y 
# 
loop_
_audit_author.name 
_audit_author.pdbx_ordinal 
_audit_author.identifier_ORCID 
'Lombardo, M.N.' 1 0000-0002-4239-8630 
'Wright, D.L.'   2 ?                   
# 
_citation.abstract                  ? 
_citation.abstract_id_CAS           ? 
_citation.book_id_ISBN              ? 
_citation.book_publisher            ? 
_citation.book_publisher_city       ? 
_citation.book_title                ? 
_citation.coordinate_linkage        ? 
_citation.country                   UK 
_citation.database_id_Medline       ? 
_citation.details                   ? 
_citation.id                        primary 
_citation.journal_abbrev            'Commun Biol' 
_citation.journal_id_ASTM           ? 
_citation.journal_id_CSD            ? 
_citation.journal_id_ISSN           2399-3642 
_citation.journal_full              ? 
_citation.journal_issue             ? 
_citation.journal_volume            5 
_citation.language                  ? 
_citation.page_first                459 
_citation.page_last                 459 
_citation.title                     
;Structure-guided functional studies of plasmid-encoded dihydrofolate reductases reveal a common mechanism of trimethoprim resistance in Gram-negative pathogens.
;
_citation.year                      2022 
_citation.database_id_CSD           ? 
_citation.pdbx_database_id_DOI      10.1038/s42003-022-03384-y 
_citation.pdbx_database_id_PubMed   35562546 
_citation.pdbx_database_id_patent   ? 
_citation.unpublished_flag          ? 
# 
loop_
_citation_author.citation_id 
_citation_author.name 
_citation_author.ordinal 
_citation_author.identifier_ORCID 
primary 'Krucinska, J.'   1 0000-0002-3787-7194 
primary 'Lombardo, M.N.'  2 ?                   
primary 'Erlandsen, H.'   3 0000-0002-0716-5460 
primary 'Estrada, A.'     4 0000-0001-6698-0708 
primary 'Si, D.'          5 ?                   
primary 'Viswanathan, K.' 6 ?                   
primary 'Wright, D.L.'    7 0000-0003-4634-3351 
# 
_cell.angle_alpha                  90.000 
_cell.angle_alpha_esd              ? 
_cell.angle_beta                   90.000 
_cell.angle_beta_esd               ? 
_cell.angle_gamma                  120.000 
_cell.angle_gamma_esd              ? 
_cell.entry_id                     7REB 
_cell.details                      ? 
_cell.formula_units_Z              ? 
_cell.length_a                     66.487 
_cell.length_a_esd                 ? 
_cell.length_b                     66.487 
_cell.length_b_esd                 ? 
_cell.length_c                     213.194 
_cell.length_c_esd                 ? 
_cell.volume                       816167.100 
_cell.volume_esd                   ? 
_cell.Z_PDB                        12 
_cell.reciprocal_angle_alpha       ? 
_cell.reciprocal_angle_beta        ? 
_cell.reciprocal_angle_gamma       ? 
_cell.reciprocal_angle_alpha_esd   ? 
_cell.reciprocal_angle_beta_esd    ? 
_cell.reciprocal_angle_gamma_esd   ? 
_cell.reciprocal_length_a          ? 
_cell.reciprocal_length_b          ? 
_cell.reciprocal_length_c          ? 
_cell.reciprocal_length_a_esd      ? 
_cell.reciprocal_length_b_esd      ? 
_cell.reciprocal_length_c_esd      ? 
_cell.pdbx_unique_axis             ? 
# 
_symmetry.entry_id                         7REB 
_symmetry.cell_setting                     ? 
_symmetry.Int_Tables_number                178 
_symmetry.space_group_name_Hall            'P 61 2 (x,y,z+5/12)' 
_symmetry.space_group_name_H-M             'P 61 2 2' 
_symmetry.pdbx_full_space_group_name_H-M   ? 
# 
loop_
_entity.id 
_entity.type 
_entity.src_method 
_entity.pdbx_description 
_entity.formula_weight 
_entity.pdbx_number_of_molecules 
_entity.pdbx_ec 
_entity.pdbx_mutation 
_entity.pdbx_fragment 
_entity.details 
1 polymer     man 'Dihydrofolate reductase'                                                                                   
18262.600 1  1.5.1.3 ? ? ? 
2 non-polymer syn 'SULFATE ION'                                                                                               
96.063    7  ?       ? ? ? 
3 non-polymer syn '5-[(3R)-3-{7-[4-(aminomethyl)phenyl]-2H-1,3-benzodioxol-5-yl}but-1-yn-1-yl]-6-ethylpyrimidine-2,4-diamine' 
415.488   1  ?       ? ? ? 
4 water       nat water                                                                                                       
18.015    51 ?       ? ? ? 
# 
_entity_poly.entity_id                      1 
_entity_poly.type                           'polypeptide(L)' 
_entity_poly.nstd_linkage                   no 
_entity_poly.nstd_monomer                   no 
_entity_poly.pdbx_seq_one_letter_code       
;MISLIAALAVDRVIGMENAMPWNLPADLAWFKRNTLDKPVIMGRHTWESIGRPLPGRKNIILSSQPGTDDRVTWVKSVDE
AIAACGDVPEIMVIGGGRVYEQFLPKAQKLYLTHIDAEVEGDTHFPDYEPDDWESVFSEFHDADAQNSHSYCFEILERRL
E
;
_entity_poly.pdbx_seq_one_letter_code_can   
;MISLIAALAVDRVIGMENAMPWNLPADLAWFKRNTLDKPVIMGRHTWESIGRPLPGRKNIILSSQPGTDDRVTWVKSVDE
AIAACGDVPEIMVIGGGRVYEQFLPKAQKLYLTHIDAEVEGDTHFPDYEPDDWESVFSEFHDADAQNSHSYCFEILERRL
E
;
_entity_poly.pdbx_strand_id                 A 
_entity_poly.pdbx_target_identifier         ? 
# 
loop_
_entity_poly_seq.entity_id 
_entity_poly_seq.num 
_entity_poly_seq.mon_id 
_entity_poly_seq.hetero 
1 1   MET n 
1 2   ILE n 
1 3   SER n 
1 4   LEU n 
1 5   ILE n 
1 6   ALA n 
1 7   ALA n 
1 8   LEU n 
1 9   ALA n 
1 10  VAL n 
1 11  ASP n 
1 12  ARG n 
1 13  VAL n 
1 14  ILE n 
1 15  GLY n 
1 16  MET n 
1 17  GLU n 
1 18  ASN n 
1 19  ALA n 
1 20  MET n 
1 21  PRO n 
1 22  TRP n 
1 23  ASN n 
1 24  LEU n 
1 25  PRO n 
1 26  ALA n 
1 27  ASP n 
1 28  LEU n 
1 29  ALA n 
1 30  TRP n 
1 31  PHE n 
1 32  LYS n 
1 33  ARG n 
1 34  ASN n 
1 35  THR n 
1 36  LEU n 
1 37  ASP n 
1 38  LYS n 
1 39  PRO n 
1 40  VAL n 
1 41  ILE n 
1 42  MET n 
1 43  GLY n 
1 44  ARG n 
1 45  HIS n 
1 46  THR n 
1 47  TRP n 
1 48  GLU n 
1 49  SER n 
1 50  ILE n 
1 51  GLY n 
1 52  ARG n 
1 53  PRO n 
1 54  LEU n 
1 55  PRO n 
1 56  GLY n 
1 57  ARG n 
1 58  LYS n 
1 59  ASN n 
1 60  ILE n 
1 61  ILE n 
1 62  LEU n 
1 63  SER n 
1 64  SER n 
1 65  GLN n 
1 66  PRO n 
1 67  GLY n 
1 68  THR n 
1 69  ASP n 
1 70  ASP n 
1 71  ARG n 
1 72  VAL n 
1 73  THR n 
1 74  TRP n 
1 75  VAL n 
1 76  LYS n 
1 77  SER n 
1 78  VAL n 
1 79  ASP n 
1 80  GLU n 
1 81  ALA n 
1 82  ILE n 
1 83  ALA n 
1 84  ALA n 
1 85  CYS n 
1 86  GLY n 
1 87  ASP n 
1 88  VAL n 
1 89  PRO n 
1 90  GLU n 
1 91  ILE n 
1 92  MET n 
1 93  VAL n 
1 94  ILE n 
1 95  GLY n 
1 96  GLY n 
1 97  GLY n 
1 98  ARG n 
1 99  VAL n 
1 100 TYR n 
1 101 GLU n 
1 102 GLN n 
1 103 PHE n 
1 104 LEU n 
1 105 PRO n 
1 106 LYS n 
1 107 ALA n 
1 108 GLN n 
1 109 LYS n 
1 110 LEU n 
1 111 TYR n 
1 112 LEU n 
1 113 THR n 
1 114 HIS n 
1 115 ILE n 
1 116 ASP n 
1 117 ALA n 
1 118 GLU n 
1 119 VAL n 
1 120 GLU n 
1 121 GLY n 
1 122 ASP n 
1 123 THR n 
1 124 HIS n 
1 125 PHE n 
1 126 PRO n 
1 127 ASP n 
1 128 TYR n 
1 129 GLU n 
1 130 PRO n 
1 131 ASP n 
1 132 ASP n 
1 133 TRP n 
1 134 GLU n 
1 135 SER n 
1 136 VAL n 
1 137 PHE n 
1 138 SER n 
1 139 GLU n 
1 140 PHE n 
1 141 HIS n 
1 142 ASP n 
1 143 ALA n 
1 144 ASP n 
1 145 ALA n 
1 146 GLN n 
1 147 ASN n 
1 148 SER n 
1 149 HIS n 
1 150 SER n 
1 151 TYR n 
1 152 CYS n 
1 153 PHE n 
1 154 GLU n 
1 155 ILE n 
1 156 LEU n 
1 157 GLU n 
1 158 ARG n 
1 159 ARG n 
1 160 LEU n 
1 161 GLU n 
# 
_entity_src_gen.entity_id                          1 
_entity_src_gen.pdbx_src_id                        1 
_entity_src_gen.pdbx_alt_source_flag               sample 
_entity_src_gen.pdbx_seq_type                      'Biological sequence' 
_entity_src_gen.pdbx_beg_seq_num                   1 
_entity_src_gen.pdbx_end_seq_num                   161 
_entity_src_gen.gene_src_common_name               ? 
_entity_src_gen.gene_src_genus                     ? 
_entity_src_gen.pdbx_gene_src_gene                 'folA, folA_1' 
_entity_src_gen.gene_src_species                   ? 
_entity_src_gen.gene_src_strain                    ? 
_entity_src_gen.gene_src_tissue                    ? 
_entity_src_gen.gene_src_tissue_fraction           ? 
_entity_src_gen.gene_src_details                   ? 
_entity_src_gen.pdbx_gene_src_fragment             ? 
_entity_src_gen.pdbx_gene_src_scientific_name      'Escherichia coli' 
_entity_src_gen.pdbx_gene_src_ncbi_taxonomy_id     562 
_entity_src_gen.pdbx_gene_src_variant              ? 
_entity_src_gen.pdbx_gene_src_cell_line            ? 
_entity_src_gen.pdbx_gene_src_atcc                 ? 
_entity_src_gen.pdbx_gene_src_organ                ? 
_entity_src_gen.pdbx_gene_src_organelle            ? 
_entity_src_gen.pdbx_gene_src_cell                 ? 
_entity_src_gen.pdbx_gene_src_cellular_location    ? 
_entity_src_gen.host_org_common_name               ? 
_entity_src_gen.pdbx_host_org_scientific_name      'Escherichia coli BL21(DE3)' 
_entity_src_gen.pdbx_host_org_ncbi_taxonomy_id     469008 
_entity_src_gen.host_org_genus                     ? 
_entity_src_gen.pdbx_host_org_gene                 ? 
_entity_src_gen.pdbx_host_org_organ                ? 
_entity_src_gen.host_org_species                   ? 
_entity_src_gen.pdbx_host_org_tissue               ? 
_entity_src_gen.pdbx_host_org_tissue_fraction      ? 
_entity_src_gen.pdbx_host_org_strain               ? 
_entity_src_gen.pdbx_host_org_variant              ? 
_entity_src_gen.pdbx_host_org_cell_line            ? 
_entity_src_gen.pdbx_host_org_atcc                 ? 
_entity_src_gen.pdbx_host_org_culture_collection   ? 
_entity_src_gen.pdbx_host_org_cell                 ? 
_entity_src_gen.pdbx_host_org_organelle            ? 
_entity_src_gen.pdbx_host_org_cellular_location    ? 
_entity_src_gen.pdbx_host_org_vector_type          ? 
_entity_src_gen.pdbx_host_org_vector               ? 
_entity_src_gen.host_org_details                   ? 
_entity_src_gen.expression_system_id               ? 
_entity_src_gen.plasmid_name                       ? 
_entity_src_gen.plasmid_details                    ? 
_entity_src_gen.pdbx_description                   ? 
# 
_struct_ref.id                         1 
_struct_ref.db_name                    UNP 
_struct_ref.db_code                    C3TR70_ECOLX 
_struct_ref.pdbx_db_accession          C3TR70 
_struct_ref.pdbx_db_isoform            ? 
_struct_ref.entity_id                  1 
_struct_ref.pdbx_seq_one_letter_code   
;MISLIAALAVDRVIGMENAMPWNLPADLAWFKRNTLNKPVIMGRHTWESIGRPLPGRKNIILSSQPGTDDRVTWVKSVDE
AIAACGDVPEIMVIGGGRVYEQFLPKAQKLYLTHIDAEVEGDTHFPDYEPDDWESVFSEFHDADAQNSHSYCFEILERR
;
_struct_ref.pdbx_align_begin           1 
# 
_struct_ref_seq.align_id                      1 
_struct_ref_seq.ref_id                        1 
_struct_ref_seq.pdbx_PDB_id_code              7REB 
_struct_ref_seq.pdbx_strand_id                A 
_struct_ref_seq.seq_align_beg                 1 
_struct_ref_seq.pdbx_seq_align_beg_ins_code   ? 
_struct_ref_seq.seq_align_end                 159 
_struct_ref_seq.pdbx_seq_align_end_ins_code   ? 
_struct_ref_seq.pdbx_db_accession             C3TR70 
_struct_ref_seq.db_align_beg                  1 
_struct_ref_seq.pdbx_db_align_beg_ins_code    ? 
_struct_ref_seq.db_align_end                  159 
_struct_ref_seq.pdbx_db_align_end_ins_code    ? 
_struct_ref_seq.pdbx_auth_seq_align_beg       1 
_struct_ref_seq.pdbx_auth_seq_align_end       159 
# 
loop_
_struct_ref_seq_dif.align_id 
_struct_ref_seq_dif.pdbx_pdb_id_code 
_struct_ref_seq_dif.mon_id 
_struct_ref_seq_dif.pdbx_pdb_strand_id 
_struct_ref_seq_dif.seq_num 
_struct_ref_seq_dif.pdbx_pdb_ins_code 
_struct_ref_seq_dif.pdbx_seq_db_name 
_struct_ref_seq_dif.pdbx_seq_db_accession_code 
_struct_ref_seq_dif.db_mon_id 
_struct_ref_seq_dif.pdbx_seq_db_seq_num 
_struct_ref_seq_dif.details 
_struct_ref_seq_dif.pdbx_auth_seq_num 
_struct_ref_seq_dif.pdbx_ordinal 
1 7REB ASP A 37  ? UNP C3TR70 ASN 37 conflict         37  1 
1 7REB LEU A 160 ? UNP C3TR70 ?   ?  'expression tag' 160 2 
1 7REB GLU A 161 ? UNP C3TR70 ?   ?  'expression tag' 161 3 
# 
loop_
_chem_comp.id 
_chem_comp.type 
_chem_comp.mon_nstd_flag 
_chem_comp.name 
_chem_comp.pdbx_synonyms 
_chem_comp.formula 
_chem_comp.formula_weight 
560 non-polymer         . 
'5-[(3R)-3-{7-[4-(aminomethyl)phenyl]-2H-1,3-benzodioxol-5-yl}but-1-yn-1-yl]-6-ethylpyrimidine-2,4-diamine' ? 'C24 H25 N5 O2'  
415.488 
ALA 'L-peptide linking' y ALANINE ? 'C3 H7 N O2'     89.093  
ARG 'L-peptide linking' y ARGININE ? 'C6 H15 N4 O2 1' 175.209 
ASN 'L-peptide linking' y ASPARAGINE ? 'C4 H8 N2 O3'    132.118 
ASP 'L-peptide linking' y 'ASPARTIC ACID' ? 'C4 H7 N O4'     133.103 
CYS 'L-peptide linking' y CYSTEINE ? 'C3 H7 N O2 S'   121.158 
GLN 'L-peptide linking' y GLUTAMINE ? 'C5 H10 N2 O3'   146.144 
GLU 'L-peptide linking' y 'GLUTAMIC ACID' ? 'C5 H9 N O4'     147.129 
GLY 'peptide linking'   y GLYCINE ? 'C2 H5 N O2'     75.067  
HIS 'L-peptide linking' y HISTIDINE ? 'C6 H10 N3 O2 1' 156.162 
HOH non-polymer         . WATER ? 'H2 O'           18.015  
ILE 'L-peptide linking' y ISOLEUCINE ? 'C6 H13 N O2'    131.173 
LEU 'L-peptide linking' y LEUCINE ? 'C6 H13 N O2'    131.173 
LYS 'L-peptide linking' y LYSINE ? 'C6 H15 N2 O2 1' 147.195 
MET 'L-peptide linking' y METHIONINE ? 'C5 H11 N O2 S'  149.211 
PHE 'L-peptide linking' y PHENYLALANINE ? 'C9 H11 N O2'    165.189 
PRO 'L-peptide linking' y PROLINE ? 'C5 H9 N O2'     115.130 
SER 'L-peptide linking' y SERINE ? 'C3 H7 N O3'     105.093 
SO4 non-polymer         . 'SULFATE ION' ? 'O4 S -2'        96.063  
THR 'L-peptide linking' y THREONINE ? 'C4 H9 N O3'     119.119 
TRP 'L-peptide linking' y TRYPTOPHAN ? 'C11 H12 N2 O2'  204.225 
TYR 'L-peptide linking' y TYROSINE ? 'C9 H11 N O3'    181.189 
VAL 'L-peptide linking' y VALINE ? 'C5 H11 N O2'    117.146 
# 
_exptl.absorpt_coefficient_mu     ? 
_exptl.absorpt_correction_T_max   ? 
_exptl.absorpt_correction_T_min   ? 
_exptl.absorpt_correction_type    ? 
_exptl.absorpt_process_details    ? 
_exptl.entry_id                   7REB 
_exptl.crystals_number            1 
_exptl.details                    ? 
_exptl.method                     'X-RAY DIFFRACTION' 
_exptl.method_details             ? 
# 
_exptl_crystal.colour                      ? 
_exptl_crystal.density_diffrn              ? 
_exptl_crystal.density_Matthews            3.78 
_exptl_crystal.density_method              ? 
_exptl_crystal.density_percent_sol         67.48 
_exptl_crystal.description                 ? 
_exptl_crystal.F_000                       ? 
_exptl_crystal.id                          1 
_exptl_crystal.preparation                 ? 
_exptl_crystal.size_max                    ? 
_exptl_crystal.size_mid                    ? 
_exptl_crystal.size_min                    ? 
_exptl_crystal.size_rad                    ? 
_exptl_crystal.colour_lustre               ? 
_exptl_crystal.colour_modifier             ? 
_exptl_crystal.colour_primary              ? 
_exptl_crystal.density_meas                ? 
_exptl_crystal.density_meas_esd            ? 
_exptl_crystal.density_meas_gt             ? 
_exptl_crystal.density_meas_lt             ? 
_exptl_crystal.density_meas_temp           ? 
_exptl_crystal.density_meas_temp_esd       ? 
_exptl_crystal.density_meas_temp_gt        ? 
_exptl_crystal.density_meas_temp_lt        ? 
_exptl_crystal.pdbx_crystal_image_url      ? 
_exptl_crystal.pdbx_crystal_image_format   ? 
_exptl_crystal.pdbx_mosaicity              ? 
_exptl_crystal.pdbx_mosaicity_esd          ? 
# 
_exptl_crystal_grow.apparatus       ? 
_exptl_crystal_grow.atmosphere      ? 
_exptl_crystal_grow.crystal_id      1 
_exptl_crystal_grow.details         ? 
_exptl_crystal_grow.method          'VAPOR DIFFUSION, HANGING DROP' 
_exptl_crystal_grow.method_ref      ? 
_exptl_crystal_grow.pH              ? 
_exptl_crystal_grow.pressure        ? 
_exptl_crystal_grow.pressure_esd    ? 
_exptl_crystal_grow.seeding         ? 
_exptl_crystal_grow.seeding_ref     ? 
_exptl_crystal_grow.temp            277 
_exptl_crystal_grow.temp_details    ? 
_exptl_crystal_grow.temp_esd        ? 
_exptl_crystal_grow.time            ? 
_exptl_crystal_grow.pdbx_details    '0.3-0.35 M lithium sulfate, 15-19% PEG 6,000' 
_exptl_crystal_grow.pdbx_pH_range   ? 
# 
_diffrn.ambient_environment              ? 
_diffrn.ambient_temp                     100 
_diffrn.ambient_temp_details             ? 
_diffrn.ambient_temp_esd                 ? 
_diffrn.crystal_id                       1 
_diffrn.crystal_support                  ? 
_diffrn.crystal_treatment                ? 
_diffrn.details                          ? 
_diffrn.id                               1 
_diffrn.ambient_pressure                 ? 
_diffrn.ambient_pressure_esd             ? 
_diffrn.ambient_pressure_gt              ? 
_diffrn.ambient_pressure_lt              ? 
_diffrn.ambient_temp_gt                  ? 
_diffrn.ambient_temp_lt                  ? 
_diffrn.pdbx_serial_crystal_experiment   N 
# 
_diffrn_detector.details                      ? 
_diffrn_detector.detector                     CCD 
_diffrn_detector.diffrn_id                    1 
_diffrn_detector.type                         'MARMOSAIC 325 mm CCD' 
_diffrn_detector.area_resol_mean              ? 
_diffrn_detector.dtime                        ? 
_diffrn_detector.pdbx_frames_total            ? 
_diffrn_detector.pdbx_collection_time_total   ? 
_diffrn_detector.pdbx_collection_date         2017-06-15 
_diffrn_detector.pdbx_frequency               ? 
# 
_diffrn_radiation.collimation                      ? 
_diffrn_radiation.diffrn_id                        1 
_diffrn_radiation.filter_edge                      ? 
_diffrn_radiation.inhomogeneity                    ? 
_diffrn_radiation.monochromator                    ? 
_diffrn_radiation.polarisn_norm                    ? 
_diffrn_radiation.polarisn_ratio                   ? 
_diffrn_radiation.probe                            ? 
_diffrn_radiation.type                             ? 
_diffrn_radiation.xray_symbol                      ? 
_diffrn_radiation.wavelength_id                    1 
_diffrn_radiation.pdbx_monochromatic_or_laue_m_l   M 
_diffrn_radiation.pdbx_wavelength_list             ? 
_diffrn_radiation.pdbx_wavelength                  ? 
_diffrn_radiation.pdbx_diffrn_protocol             'SINGLE WAVELENGTH' 
_diffrn_radiation.pdbx_analyzer                    ? 
_diffrn_radiation.pdbx_scattering_type             x-ray 
# 
_diffrn_radiation_wavelength.id           1 
_diffrn_radiation_wavelength.wavelength   1 
_diffrn_radiation_wavelength.wt           1.0 
# 
_diffrn_source.current                     ? 
_diffrn_source.details                     ? 
_diffrn_source.diffrn_id                   1 
_diffrn_source.power                       ? 
_diffrn_source.size                        ? 
_diffrn_source.source                      SYNCHROTRON 
_diffrn_source.target                      ? 
_diffrn_source.type                        'SSRL BEAMLINE BL14-1' 
_diffrn_source.voltage                     ? 
_diffrn_source.take-off_angle              ? 
_diffrn_source.pdbx_wavelength_list        1 
_diffrn_source.pdbx_wavelength             ? 
_diffrn_source.pdbx_synchrotron_beamline   BL14-1 
_diffrn_source.pdbx_synchrotron_site       SSRL 
# 
_reflns.B_iso_Wilson_estimate                          51.19 
_reflns.entry_id                                       7REB 
_reflns.data_reduction_details                         ? 
_reflns.data_reduction_method                          ? 
_reflns.d_resolution_high                              1.91 
_reflns.d_resolution_low                               57.65 
_reflns.details                                        ? 
_reflns.limit_h_max                                    ? 
_reflns.limit_h_min                                    ? 
_reflns.limit_k_max                                    ? 
_reflns.limit_k_min                                    ? 
_reflns.limit_l_max                                    ? 
_reflns.limit_l_min                                    ? 
_reflns.number_all                                     ? 
_reflns.number_obs                                     22557 
_reflns.observed_criterion                             ? 
_reflns.observed_criterion_F_max                       ? 
_reflns.observed_criterion_F_min                       ? 
_reflns.observed_criterion_I_max                       ? 
_reflns.observed_criterion_I_min                       ? 
_reflns.observed_criterion_sigma_F                     ? 
_reflns.observed_criterion_sigma_I                     ? 
_reflns.percent_possible_obs                           97.98 
_reflns.R_free_details                                 ? 
_reflns.Rmerge_F_all                                   ? 
_reflns.Rmerge_F_obs                                   ? 
_reflns.Friedel_coverage                               ? 
_reflns.number_gt                                      ? 
_reflns.threshold_expression                           ? 
_reflns.pdbx_redundancy                                1.2 
_reflns.pdbx_Rmerge_I_obs                              ? 
_reflns.pdbx_Rmerge_I_all                              ? 
_reflns.pdbx_Rsym_value                                ? 
_reflns.pdbx_netI_over_av_sigmaI                       ? 
_reflns.pdbx_netI_over_sigmaI                          19.60 
_reflns.pdbx_res_netI_over_av_sigmaI_2                 ? 
_reflns.pdbx_res_netI_over_sigmaI_2                    ? 
_reflns.pdbx_chi_squared                               ? 
_reflns.pdbx_scaling_rejects                           ? 
_reflns.pdbx_d_res_high_opt                            ? 
_reflns.pdbx_d_res_low_opt                             ? 
_reflns.pdbx_d_res_opt_method                          ? 
_reflns.phase_calculation_details                      ? 
_reflns.pdbx_Rrim_I_all                                ? 
_reflns.pdbx_Rpim_I_all                                ? 
_reflns.pdbx_d_opt                                     ? 
_reflns.pdbx_number_measured_all                       ? 
_reflns.pdbx_diffrn_id                                 1 
_reflns.pdbx_ordinal                                   1 
_reflns.pdbx_CC_half                                   1 
_reflns.pdbx_CC_star                                   1 
_reflns.pdbx_R_split                                   ? 
_reflns.pdbx_aniso_diffraction_limit_axis_1_ortho[1]   ? 
_reflns.pdbx_aniso_diffraction_limit_axis_1_ortho[2]   ? 
_reflns.pdbx_aniso_diffraction_limit_axis_1_ortho[3]   ? 
_reflns.pdbx_aniso_diffraction_limit_axis_2_ortho[1]   ? 
_reflns.pdbx_aniso_diffraction_limit_axis_2_ortho[2]   ? 
_reflns.pdbx_aniso_diffraction_limit_axis_2_ortho[3]   ? 
_reflns.pdbx_aniso_diffraction_limit_axis_3_ortho[1]   ? 
_reflns.pdbx_aniso_diffraction_limit_axis_3_ortho[2]   ? 
_reflns.pdbx_aniso_diffraction_limit_axis_3_ortho[3]   ? 
_reflns.pdbx_aniso_diffraction_limit_1                 ? 
_reflns.pdbx_aniso_diffraction_limit_2                 ? 
_reflns.pdbx_aniso_diffraction_limit_3                 ? 
_reflns.pdbx_aniso_B_tensor_eigenvector_1_ortho[1]     ? 
_reflns.pdbx_aniso_B_tensor_eigenvector_1_ortho[2]     ? 
_reflns.pdbx_aniso_B_tensor_eigenvector_1_ortho[3]     ? 
_reflns.pdbx_aniso_B_tensor_eigenvector_2_ortho[1]     ? 
_reflns.pdbx_aniso_B_tensor_eigenvector_2_ortho[2]     ? 
_reflns.pdbx_aniso_B_tensor_eigenvector_2_ortho[3]     ? 
_reflns.pdbx_aniso_B_tensor_eigenvector_3_ortho[1]     ? 
_reflns.pdbx_aniso_B_tensor_eigenvector_3_ortho[2]     ? 
_reflns.pdbx_aniso_B_tensor_eigenvector_3_ortho[3]     ? 
_reflns.pdbx_aniso_B_tensor_eigenvalue_1               ? 
_reflns.pdbx_aniso_B_tensor_eigenvalue_2               ? 
_reflns.pdbx_aniso_B_tensor_eigenvalue_3               ? 
_reflns.pdbx_orthogonalization_convention              ? 
_reflns.pdbx_percent_possible_ellipsoidal              ? 
_reflns.pdbx_percent_possible_spherical                ? 
_reflns.pdbx_percent_possible_ellipsoidal_anomalous    ? 
_reflns.pdbx_percent_possible_spherical_anomalous      ? 
_reflns.pdbx_redundancy_anomalous                      ? 
_reflns.pdbx_CC_half_anomalous                         ? 
_reflns.pdbx_absDiff_over_sigma_anomalous              ? 
_reflns.pdbx_percent_possible_anomalous                ? 
_reflns.pdbx_observed_signal_threshold                 ? 
_reflns.pdbx_signal_type                               ? 
_reflns.pdbx_signal_details                            ? 
_reflns.pdbx_signal_software_id                        ? 
# 
_reflns_shell.d_res_high                                    1.91 
_reflns_shell.d_res_low                                     1.978 
_reflns_shell.meanI_over_sigI_all                           ? 
_reflns_shell.meanI_over_sigI_obs                           2.26 
_reflns_shell.number_measured_all                           ? 
_reflns_shell.number_measured_obs                           ? 
_reflns_shell.number_possible                               ? 
_reflns_shell.number_unique_all                             ? 
_reflns_shell.number_unique_obs                             2128 
_reflns_shell.percent_possible_all                          96.27 
_reflns_shell.percent_possible_obs                          ? 
_reflns_shell.Rmerge_F_all                                  ? 
_reflns_shell.Rmerge_F_obs                                  ? 
_reflns_shell.Rmerge_I_all                                  ? 
_reflns_shell.Rmerge_I_obs                                  ? 
_reflns_shell.meanI_over_sigI_gt                            ? 
_reflns_shell.meanI_over_uI_all                             ? 
_reflns_shell.meanI_over_uI_gt                              ? 
_reflns_shell.number_measured_gt                            ? 
_reflns_shell.number_unique_gt                              ? 
_reflns_shell.percent_possible_gt                           ? 
_reflns_shell.Rmerge_F_gt                                   ? 
_reflns_shell.Rmerge_I_gt                                   ? 
_reflns_shell.pdbx_redundancy                               1.1 
_reflns_shell.pdbx_Rsym_value                               ? 
_reflns_shell.pdbx_chi_squared                              ? 
_reflns_shell.pdbx_netI_over_sigmaI_all                     ? 
_reflns_shell.pdbx_netI_over_sigmaI_obs                     ? 
_reflns_shell.pdbx_Rrim_I_all                               ? 
_reflns_shell.pdbx_Rpim_I_all                               ? 
_reflns_shell.pdbx_rejects                                  ? 
_reflns_shell.pdbx_ordinal                                  1 
_reflns_shell.pdbx_diffrn_id                                1 
_reflns_shell.pdbx_CC_half                                  1 
_reflns_shell.pdbx_CC_star                                  1 
_reflns_shell.pdbx_R_split                                  ? 
_reflns_shell.pdbx_percent_possible_ellipsoidal             ? 
_reflns_shell.pdbx_percent_possible_spherical               ? 
_reflns_shell.pdbx_percent_possible_ellipsoidal_anomalous   ? 
_reflns_shell.pdbx_percent_possible_spherical_anomalous     ? 
_reflns_shell.pdbx_redundancy_anomalous                     ? 
_reflns_shell.pdbx_CC_half_anomalous                        ? 
_reflns_shell.pdbx_absDiff_over_sigma_anomalous             ? 
_reflns_shell.pdbx_percent_possible_anomalous               ? 
# 
_refine.aniso_B[1][1]                            ? 
_refine.aniso_B[1][2]                            ? 
_refine.aniso_B[1][3]                            ? 
_refine.aniso_B[2][2]                            ? 
_refine.aniso_B[2][3]                            ? 
_refine.aniso_B[3][3]                            ? 
_refine.B_iso_max                                ? 
_refine.B_iso_mean                               67.87 
_refine.B_iso_min                                ? 
_refine.correlation_coeff_Fo_to_Fc               ? 
_refine.correlation_coeff_Fo_to_Fc_free          ? 
_refine.details                                  ? 
_refine.diff_density_max                         ? 
_refine.diff_density_max_esd                     ? 
_refine.diff_density_min                         ? 
_refine.diff_density_min_esd                     ? 
_refine.diff_density_rms                         ? 
_refine.diff_density_rms_esd                     ? 
_refine.entry_id                                 7REB 
_refine.pdbx_refine_id                           'X-RAY DIFFRACTION' 
_refine.ls_abs_structure_details                 ? 
_refine.ls_abs_structure_Flack                   ? 
_refine.ls_abs_structure_Flack_esd               ? 
_refine.ls_abs_structure_Rogers                  ? 
_refine.ls_abs_structure_Rogers_esd              ? 
_refine.ls_d_res_high                            1.91 
_refine.ls_d_res_low                             34.27 
_refine.ls_extinction_coef                       ? 
_refine.ls_extinction_coef_esd                   ? 
_refine.ls_extinction_expression                 ? 
_refine.ls_extinction_method                     ? 
_refine.ls_goodness_of_fit_all                   ? 
_refine.ls_goodness_of_fit_all_esd               ? 
_refine.ls_goodness_of_fit_obs                   ? 
_refine.ls_goodness_of_fit_obs_esd               ? 
_refine.ls_hydrogen_treatment                    ? 
_refine.ls_matrix_type                           ? 
_refine.ls_number_constraints                    ? 
_refine.ls_number_parameters                     ? 
_refine.ls_number_reflns_all                     ? 
_refine.ls_number_reflns_obs                     22222 
_refine.ls_number_reflns_R_free                  1111 
_refine.ls_number_reflns_R_work                  21111 
_refine.ls_number_restraints                     ? 
_refine.ls_percent_reflns_obs                    97.75 
_refine.ls_percent_reflns_R_free                 5.00 
_refine.ls_R_factor_all                          ? 
_refine.ls_R_factor_obs                          0.2270 
_refine.ls_R_factor_R_free                       0.2477 
_refine.ls_R_factor_R_free_error                 ? 
_refine.ls_R_factor_R_free_error_details         ? 
_refine.ls_R_factor_R_work                       0.2258 
_refine.ls_R_Fsqd_factor_obs                     ? 
_refine.ls_R_I_factor_obs                        ? 
_refine.ls_redundancy_reflns_all                 ? 
_refine.ls_redundancy_reflns_obs                 ? 
_refine.ls_restrained_S_all                      ? 
_refine.ls_restrained_S_obs                      ? 
_refine.ls_shift_over_esd_max                    ? 
_refine.ls_shift_over_esd_mean                   ? 
_refine.ls_structure_factor_coef                 ? 
_refine.ls_weighting_details                     ? 
_refine.ls_weighting_scheme                      ? 
_refine.ls_wR_factor_all                         ? 
_refine.ls_wR_factor_obs                         ? 
_refine.ls_wR_factor_R_free                      ? 
_refine.ls_wR_factor_R_work                      ? 
_refine.occupancy_max                            ? 
_refine.occupancy_min                            ? 
_refine.solvent_model_details                    'FLAT BULK SOLVENT MODEL' 
_refine.solvent_model_param_bsol                 ? 
_refine.solvent_model_param_ksol                 ? 
_refine.pdbx_R_complete                          ? 
_refine.ls_R_factor_gt                           ? 
_refine.ls_goodness_of_fit_gt                    ? 
_refine.ls_goodness_of_fit_ref                   ? 
_refine.ls_shift_over_su_max                     ? 
_refine.ls_shift_over_su_max_lt                  ? 
_refine.ls_shift_over_su_mean                    ? 
_refine.ls_shift_over_su_mean_lt                 ? 
_refine.pdbx_ls_sigma_I                          ? 
_refine.pdbx_ls_sigma_F                          1.90 
_refine.pdbx_ls_sigma_Fsqd                       ? 
_refine.pdbx_data_cutoff_high_absF               ? 
_refine.pdbx_data_cutoff_high_rms_absF           ? 
_refine.pdbx_data_cutoff_low_absF                ? 
_refine.pdbx_isotropic_thermal_model             ? 
_refine.pdbx_ls_cross_valid_method               'FREE R-VALUE' 
_refine.pdbx_method_to_determine_struct          'MOLECULAR REPLACEMENT' 
_refine.pdbx_starting_model                      1rx2 
_refine.pdbx_stereochemistry_target_values       'GeoStd + Monomer Library + CDL v1.2' 
_refine.pdbx_R_Free_selection_details            RANDOM 
_refine.pdbx_stereochem_target_val_spec_case     ? 
_refine.pdbx_overall_ESU_R                       ? 
_refine.pdbx_overall_ESU_R_Free                  ? 
_refine.pdbx_solvent_vdw_probe_radii             1.1100 
_refine.pdbx_solvent_ion_probe_radii             ? 
_refine.pdbx_solvent_shrinkage_radii             0.9000 
_refine.pdbx_real_space_R                        ? 
_refine.pdbx_density_correlation                 ? 
_refine.pdbx_pd_number_of_powder_patterns        ? 
_refine.pdbx_pd_number_of_points                 ? 
_refine.pdbx_pd_meas_number_of_points            ? 
_refine.pdbx_pd_proc_ls_prof_R_factor            ? 
_refine.pdbx_pd_proc_ls_prof_wR_factor           ? 
_refine.pdbx_pd_Marquardt_correlation_coeff      ? 
_refine.pdbx_pd_Fsqrd_R_factor                   ? 
_refine.pdbx_pd_ls_matrix_band_width             ? 
_refine.pdbx_overall_phase_error                 39.9331 
_refine.pdbx_overall_SU_R_free_Cruickshank_DPI   ? 
_refine.pdbx_overall_SU_R_free_Blow_DPI          ? 
_refine.pdbx_overall_SU_R_Blow_DPI               ? 
_refine.pdbx_TLS_residual_ADP_flag               ? 
_refine.pdbx_diffrn_id                           1 
_refine.overall_SU_B                             ? 
_refine.overall_SU_ML                            0.4991 
_refine.overall_SU_R_Cruickshank_DPI             ? 
_refine.overall_SU_R_free                        ? 
_refine.overall_FOM_free_R_set                   ? 
_refine.overall_FOM_work_R_set                   ? 
_refine.pdbx_average_fsc_overall                 ? 
_refine.pdbx_average_fsc_work                    ? 
_refine.pdbx_average_fsc_free                    ? 
# 
_refine_hist.pdbx_refine_id                   'X-RAY DIFFRACTION' 
_refine_hist.cycle_id                         LAST 
_refine_hist.details                          ? 
_refine_hist.d_res_high                       1.91 
_refine_hist.d_res_low                        34.27 
_refine_hist.number_atoms_solvent             51 
_refine_hist.number_atoms_total               1397 
_refine_hist.number_reflns_all                ? 
_refine_hist.number_reflns_obs                ? 
_refine_hist.number_reflns_R_free             ? 
_refine_hist.number_reflns_R_work             ? 
_refine_hist.R_factor_all                     ? 
_refine_hist.R_factor_obs                     ? 
_refine_hist.R_factor_R_free                  ? 
_refine_hist.R_factor_R_work                  ? 
_refine_hist.pdbx_number_residues_total       ? 
_refine_hist.pdbx_B_iso_mean_ligand           ? 
_refine_hist.pdbx_B_iso_mean_solvent          ? 
_refine_hist.pdbx_number_atoms_protein        1280 
_refine_hist.pdbx_number_atoms_nucleic_acid   0 
_refine_hist.pdbx_number_atoms_ligand         66 
_refine_hist.pdbx_number_atoms_lipid          ? 
_refine_hist.pdbx_number_atoms_carb           ? 
_refine_hist.pdbx_pseudo_atom_details         ? 
# 
loop_
_refine_ls_restr.pdbx_refine_id 
_refine_ls_restr.criterion 
_refine_ls_restr.dev_ideal 
_refine_ls_restr.dev_ideal_target 
_refine_ls_restr.number 
_refine_ls_restr.rejects 
_refine_ls_restr.type 
_refine_ls_restr.weight 
_refine_ls_restr.pdbx_restraint_function 
'X-RAY DIFFRACTION' ? 0.0087 ? 1420 ? f_bond_d           ? ? 
'X-RAY DIFFRACTION' ? 1.1485 ? 1942 ? f_angle_d          ? ? 
'X-RAY DIFFRACTION' ? 0.0608 ? 194  ? f_chiral_restr     ? ? 
'X-RAY DIFFRACTION' ? 0.0074 ? 251  ? f_plane_restr      ? ? 
'X-RAY DIFFRACTION' ? 9.2516 ? 201  ? f_dihedral_angle_d ? ? 
# 
loop_
_refine_ls_shell.pdbx_refine_id 
_refine_ls_shell.d_res_high 
_refine_ls_shell.d_res_low 
_refine_ls_shell.number_reflns_all 
_refine_ls_shell.number_reflns_obs 
_refine_ls_shell.number_reflns_R_free 
_refine_ls_shell.number_reflns_R_work 
_refine_ls_shell.percent_reflns_obs 
_refine_ls_shell.percent_reflns_R_free 
_refine_ls_shell.R_factor_all 
_refine_ls_shell.R_factor_obs 
_refine_ls_shell.R_factor_R_free 
_refine_ls_shell.R_factor_R_free_error 
_refine_ls_shell.R_factor_R_work 
_refine_ls_shell.redundancy_reflns_all 
_refine_ls_shell.redundancy_reflns_obs 
_refine_ls_shell.wR_factor_all 
_refine_ls_shell.wR_factor_obs 
_refine_ls_shell.wR_factor_R_free 
_refine_ls_shell.wR_factor_R_work 
_refine_ls_shell.pdbx_R_complete 
_refine_ls_shell.pdbx_total_number_of_bins_used 
_refine_ls_shell.pdbx_phase_error 
_refine_ls_shell.pdbx_fsc_work 
_refine_ls_shell.pdbx_fsc_free 
'X-RAY DIFFRACTION' 1.91 1.99  . . 130 2479 95.18 . . . 0.5351 . 0.5649 . . . . . . . . . . . 
'X-RAY DIFFRACTION' 1.99 2.10  . . 141 2517 95.85 . . . 0.4309 . 0.4811 . . . . . . . . . . . 
'X-RAY DIFFRACTION' 2.10 2.23  . . 122 2644 99.39 . . . 0.3506 . 0.3296 . . . . . . . . . . . 
'X-RAY DIFFRACTION' 2.23 2.40  . . 135 2485 93.94 . . . 0.3822 . 0.3335 . . . . . . . . . . . 
'X-RAY DIFFRACTION' 2.40 2.64  . . 139 2661 99.89 . . . 0.2902 . 0.2654 . . . . . . . . . . . 
'X-RAY DIFFRACTION' 2.64 3.03  . . 129 2728 99.83 . . . 0.2616 . 0.2569 . . . . . . . . . . . 
'X-RAY DIFFRACTION' 3.03 3.81  . . 135 2726 99.69 . . . 0.2625 . 0.2244 . . . . . . . . . . . 
'X-RAY DIFFRACTION' 3.81 34.27 . . 180 2871 98.13 . . . 0.2113 . 0.1817 . . . . . . . . . . . 
# 
_struct.entry_id                     7REB 
_struct.title                        
;E. coli dihydrofolate reductase complexed with 5-(3-(7-(4-(aminomethyl)phenyl)benzo[d][1,3]dioxol-5-yl)but-1-yn-1-yl)-6-ethylpyrimidine-2,4-diamine (UCP1223)
;
_struct.pdbx_model_details           ? 
_struct.pdbx_formula_weight          ? 
_struct.pdbx_formula_weight_method   ? 
_struct.pdbx_model_type_details      ? 
_struct.pdbx_CASP_flag               N 
# 
_struct_keywords.entry_id        7REB 
_struct_keywords.text            'Inhibitor, antifolate, DHFR, OXIDOREDUCTASE' 
_struct_keywords.pdbx_keywords   OXIDOREDUCTASE 
# 
loop_
_struct_asym.id 
_struct_asym.pdbx_blank_PDB_chainid_flag 
_struct_asym.pdbx_modified 
_struct_asym.entity_id 
_struct_asym.details 
A N N 1 ? 
B N N 2 ? 
C N N 2 ? 
D N N 2 ? 
E N N 2 ? 
F N N 2 ? 
G N N 2 ? 
H N N 2 ? 
I N N 3 ? 
J N N 4 ? 
# 
loop_
_struct_conf.conf_type_id 
_struct_conf.id 
_struct_conf.pdbx_PDB_helix_id 
_struct_conf.beg_label_comp_id 
_struct_conf.beg_label_asym_id 
_struct_conf.beg_label_seq_id 
_struct_conf.pdbx_beg_PDB_ins_code 
_struct_conf.end_label_comp_id 
_struct_conf.end_label_asym_id 
_struct_conf.end_label_seq_id 
_struct_conf.pdbx_end_PDB_ins_code 
_struct_conf.beg_auth_comp_id 
_struct_conf.beg_auth_asym_id 
_struct_conf.beg_auth_seq_id 
_struct_conf.end_auth_comp_id 
_struct_conf.end_auth_asym_id 
_struct_conf.end_auth_seq_id 
_struct_conf.pdbx_PDB_helix_class 
_struct_conf.details 
_struct_conf.pdbx_PDB_helix_length 
HELX_P HELX_P1 AA1 ALA A 9   ? VAL A 13  ? ALA A 9   VAL A 13  5 ? 5  
HELX_P HELX_P2 AA2 LEU A 24  ? LEU A 36  ? LEU A 24  LEU A 36  1 ? 13 
HELX_P HELX_P3 AA3 ARG A 44  ? GLY A 51  ? ARG A 44  GLY A 51  1 ? 8  
HELX_P HELX_P4 AA4 SER A 77  ? CYS A 85  ? SER A 77  CYS A 85  1 ? 9  
HELX_P HELX_P5 AA5 GLY A 96  ? LEU A 104 ? GLY A 96  LEU A 104 1 ? 9  
HELX_P HELX_P6 AA6 GLU A 129 ? ASP A 131 ? GLU A 129 ASP A 131 5 ? 3  
# 
_struct_conf_type.id          HELX_P 
_struct_conf_type.criteria    ? 
_struct_conf_type.reference   ? 
# 
loop_
_struct_mon_prot_cis.pdbx_id 
_struct_mon_prot_cis.label_comp_id 
_struct_mon_prot_cis.label_seq_id 
_struct_mon_prot_cis.label_asym_id 
_struct_mon_prot_cis.label_alt_id 
_struct_mon_prot_cis.pdbx_PDB_ins_code 
_struct_mon_prot_cis.auth_comp_id 
_struct_mon_prot_cis.auth_seq_id 
_struct_mon_prot_cis.auth_asym_id 
_struct_mon_prot_cis.pdbx_label_comp_id_2 
_struct_mon_prot_cis.pdbx_label_seq_id_2 
_struct_mon_prot_cis.pdbx_label_asym_id_2 
_struct_mon_prot_cis.pdbx_PDB_ins_code_2 
_struct_mon_prot_cis.pdbx_auth_comp_id_2 
_struct_mon_prot_cis.pdbx_auth_seq_id_2 
_struct_mon_prot_cis.pdbx_auth_asym_id_2 
_struct_mon_prot_cis.pdbx_PDB_model_num 
_struct_mon_prot_cis.pdbx_omega_angle 
1 MET 20 A . ? MET 20 A PRO 21 A ? PRO 21 A 1 0.36 
2 GLY 95 A . ? GLY 95 A GLY 96 A ? GLY 96 A 1 6.28 
# 
_struct_sheet.id               AA1 
_struct_sheet.type             ? 
_struct_sheet.number_strands   8 
_struct_sheet.details          ? 
# 
loop_
_struct_sheet_order.sheet_id 
_struct_sheet_order.range_id_1 
_struct_sheet_order.range_id_2 
_struct_sheet_order.offset 
_struct_sheet_order.sense 
AA1 1 2 ? parallel      
AA1 2 3 ? parallel      
AA1 3 4 ? parallel      
AA1 4 5 ? parallel      
AA1 5 6 ? parallel      
AA1 6 7 ? anti-parallel 
AA1 7 8 ? anti-parallel 
# 
loop_
_struct_sheet_range.sheet_id 
_struct_sheet_range.id 
_struct_sheet_range.beg_label_comp_id 
_struct_sheet_range.beg_label_asym_id 
_struct_sheet_range.beg_label_seq_id 
_struct_sheet_range.pdbx_beg_PDB_ins_code 
_struct_sheet_range.end_label_comp_id 
_struct_sheet_range.end_label_asym_id 
_struct_sheet_range.end_label_seq_id 
_struct_sheet_range.pdbx_end_PDB_ins_code 
_struct_sheet_range.beg_auth_comp_id 
_struct_sheet_range.beg_auth_asym_id 
_struct_sheet_range.beg_auth_seq_id 
_struct_sheet_range.end_auth_comp_id 
_struct_sheet_range.end_auth_asym_id 
_struct_sheet_range.end_auth_seq_id 
AA1 1 THR A 73  ? VAL A 75  ? THR A 73  VAL A 75  
AA1 2 ASN A 59  ? LEU A 62  ? ASN A 59  LEU A 62  
AA1 3 VAL A 40  ? GLY A 43  ? VAL A 40  GLY A 43  
AA1 4 ILE A 91  ? VAL A 93  ? ILE A 91  VAL A 93  
AA1 5 ILE A 2   ? LEU A 8   ? ILE A 2   LEU A 8   
AA1 6 LYS A 109 ? ILE A 115 ? LYS A 109 ILE A 115 
AA1 7 TYR A 151 ? ARG A 158 ? TYR A 151 ARG A 158 
AA1 8 TRP A 133 ? HIS A 141 ? TRP A 133 HIS A 141 
# 
loop_
_pdbx_struct_sheet_hbond.sheet_id 
_pdbx_struct_sheet_hbond.range_id_1 
_pdbx_struct_sheet_hbond.range_id_2 
_pdbx_struct_sheet_hbond.range_1_label_atom_id 
_pdbx_struct_sheet_hbond.range_1_label_comp_id 
_pdbx_struct_sheet_hbond.range_1_label_asym_id 
_pdbx_struct_sheet_hbond.range_1_label_seq_id 
_pdbx_struct_sheet_hbond.range_1_PDB_ins_code 
_pdbx_struct_sheet_hbond.range_1_auth_atom_id 
_pdbx_struct_sheet_hbond.range_1_auth_comp_id 
_pdbx_struct_sheet_hbond.range_1_auth_asym_id 
_pdbx_struct_sheet_hbond.range_1_auth_seq_id 
_pdbx_struct_sheet_hbond.range_2_label_atom_id 
_pdbx_struct_sheet_hbond.range_2_label_comp_id 
_pdbx_struct_sheet_hbond.range_2_label_asym_id 
_pdbx_struct_sheet_hbond.range_2_label_seq_id 
_pdbx_struct_sheet_hbond.range_2_PDB_ins_code 
_pdbx_struct_sheet_hbond.range_2_auth_atom_id 
_pdbx_struct_sheet_hbond.range_2_auth_comp_id 
_pdbx_struct_sheet_hbond.range_2_auth_asym_id 
_pdbx_struct_sheet_hbond.range_2_auth_seq_id 
AA1 1 2 O THR A 73  ? O THR A 73  N ILE A 61  ? N ILE A 61  
AA1 2 3 O ILE A 60  ? O ILE A 60  N VAL A 40  ? N VAL A 40  
AA1 3 4 N ILE A 41  ? N ILE A 41  O MET A 92  ? O MET A 92  
AA1 4 5 O ILE A 91  ? O ILE A 91  N SER A 3   ? N SER A 3   
AA1 5 6 N LEU A 8   ? N LEU A 8   O ILE A 115 ? O ILE A 115 
AA1 6 7 N HIS A 114 ? N HIS A 114 O CYS A 152 ? O CYS A 152 
AA1 7 8 O GLU A 157 ? O GLU A 157 N GLU A 134 ? N GLU A 134 
# 
_atom_sites.entry_id                    7REB 
_atom_sites.Cartn_transf_matrix[1][1]   ? 
_atom_sites.Cartn_transf_matrix[1][2]   ? 
_atom_sites.Cartn_transf_matrix[1][3]   ? 
_atom_sites.Cartn_transf_matrix[2][1]   ? 
_atom_sites.Cartn_transf_matrix[2][2]   ? 
_atom_sites.Cartn_transf_matrix[2][3]   ? 
_atom_sites.Cartn_transf_matrix[3][1]   ? 
_atom_sites.Cartn_transf_matrix[3][2]   ? 
_atom_sites.Cartn_transf_matrix[3][3]   ? 
_atom_sites.Cartn_transf_vector[1]      ? 
_atom_sites.Cartn_transf_vector[2]      ? 
_atom_sites.Cartn_transf_vector[3]      ? 
_atom_sites.fract_transf_matrix[1][1]   0.00229406 
_atom_sites.fract_transf_matrix[1][2]   0.00169572 
_atom_sites.fract_transf_matrix[1][3]   0.01713200 
_atom_sites.fract_transf_matrix[2][1]   0.01571796 
_atom_sites.fract_transf_matrix[2][2]   -0.00250995 
_atom_sites.fract_transf_matrix[2][3]   0.00694684 
_atom_sites.fract_transf_matrix[3][1]   0.00098376 
_atom_sites.fract_transf_matrix[3][2]   0.00454961 
_atom_sites.fract_transf_matrix[3][3]   -0.00058205 
_atom_sites.fract_transf_vector[1]      -0.477538 
_atom_sites.fract_transf_vector[2]      -0.393068 
_atom_sites.fract_transf_vector[3]      0.011132 
_atom_sites.solution_primary            ? 
_atom_sites.solution_secondary          ? 
_atom_sites.solution_hydrogens          ? 
_atom_sites.special_details             ? 
# 
loop_
_atom_type.symbol 
C 
N 
O 
S 
# 
loop_
_atom_site.group_PDB 
_atom_site.id 
_atom_site.type_symbol 
_atom_site.label_atom_id 
_atom_site.label_alt_id 
_atom_site.label_comp_id 
_atom_site.label_asym_id 
_atom_site.label_entity_id 
_atom_site.label_seq_id 
_atom_site.pdbx_PDB_ins_code 
_atom_site.Cartn_x 
_atom_site.Cartn_y 
_atom_site.Cartn_z 
_atom_site.occupancy 
_atom_site.B_iso_or_equiv 
_atom_site.pdbx_formal_charge 
_atom_site.auth_seq_id 
_atom_site.auth_comp_id 
_atom_site.auth_asym_id 
_atom_site.auth_atom_id 
_atom_site.pdbx_PDB_model_num 
ATOM   1    N N   . MET A 1 1   ? -1.27376  -10.69828 -10.65061 1.000 60.91620  ? 1   MET A N   1 
ATOM   2    C CA  . MET A 1 1   ? -0.19422  -10.60587 -9.66196  1.000 65.23228  ? 1   MET A CA  1 
ATOM   3    C C   . MET A 1 1   ? -0.37219  -9.62426  -8.47870  1.000 56.83460  ? 1   MET A C   1 
ATOM   4    O O   . MET A 1 1   ? -1.28178  -8.80062  -8.43684  1.000 55.87534  ? 1   MET A O   1 
ATOM   5    C CB  . MET A 1 1   ? 1.10328   -10.31210 -10.40387 1.000 63.09305  ? 1   MET A CB  1 
ATOM   6    C CG  . MET A 1 1   ? 1.00344   -9.20834  -11.44570 1.000 74.02917  ? 1   MET A CG  1 
ATOM   7    S SD  . MET A 1 1   ? 1.17062   -7.49726  -10.94713 1.000 85.38540  ? 1   MET A SD  1 
ATOM   8    C CE  . MET A 1 1   ? 0.07427   -6.74317  -12.13396 1.000 67.27985  ? 1   MET A CE  1 
ATOM   9    N N   . ILE A 1 2   ? 0.49623   -9.77023  -7.49024  1.000 54.31435  ? 2   ILE A N   1 
ATOM   10   C CA  . ILE A 1 2   ? 0.38827   -9.05808  -6.22337  1.000 48.69437  ? 2   ILE A CA  1 
ATOM   11   C C   . ILE A 1 2   ? 1.28127   -7.82985  -6.26447  1.000 47.62530  ? 2   ILE A C   1 
ATOM   12   O O   . ILE A 1 2   ? 2.47064   -7.93909  -6.57816  1.000 49.21103  ? 2   ILE A O   1 
ATOM   13   C CB  . ILE A 1 2   ? 0.78125   -9.97195  -5.05416  1.000 54.91847  ? 2   ILE A CB  1 
ATOM   14   C CG1 . ILE A 1 2   ? -0.17685  -11.16505 -4.97295  1.000 59.08990  ? 2   ILE A CG1 1 
ATOM   15   C CG2 . ILE A 1 2   ? 0.86173   -9.18686  -3.76147  1.000 48.83806  ? 2   ILE A CG2 1 
ATOM   16   C CD1 . ILE A 1 2   ? 0.48701   -12.44752 -4.47514  1.000 57.81741  ? 2   ILE A CD1 1 
ATOM   17   N N   . SER A 1 3   ? 0.72067   -6.66964  -5.93001  1.000 45.62175  ? 3   SER A N   1 
ATOM   18   C CA  . SER A 1 3   ? 1.47284   -5.41619  -5.85600  1.000 45.71287  ? 3   SER A CA  1 
ATOM   19   C C   . SER A 1 3   ? 1.28389   -4.78140  -4.49031  1.000 53.64574  ? 3   SER A C   1 
ATOM   20   O O   . SER A 1 3   ? 0.17674   -4.83078  -3.92825  1.000 50.89688  ? 3   SER A O   1 
ATOM   21   C CB  . SER A 1 3   ? 1.01931   -4.38750  -6.91328  1.000 47.27638  ? 3   SER A CB  1 
ATOM   22   O OG  . SER A 1 3   ? 1.01901   -4.94705  -8.21579  1.000 52.25137  ? 3   SER A OG  1 
ATOM   23   N N   . LEU A 1 4   ? 2.36387   -4.17435  -3.97217  1.000 49.42373  ? 4   LEU A N   1 
ATOM   24   C CA  . LEU A 1 4   ? 2.32023   -3.32520  -2.78177  1.000 42.91588  ? 4   LEU A CA  1 
ATOM   25   C C   . LEU A 1 4   ? 2.29958   -1.86288  -3.20957  1.000 42.00040  ? 4   LEU A C   1 
ATOM   26   O O   . LEU A 1 4   ? 3.09860   -1.44055  -4.04723  1.000 48.56663  ? 4   LEU A O   1 
ATOM   27   C CB  . LEU A 1 4   ? 3.53035   -3.55437  -1.86783  1.000 39.00231  ? 4   LEU A CB  1 
ATOM   28   C CG  . LEU A 1 4   ? 4.01763   -4.97358  -1.58228  1.000 49.71688  ? 4   LEU A CG  1 
ATOM   29   C CD1 . LEU A 1 4   ? 5.09842   -4.93004  -0.49810  1.000 49.23085  ? 4   LEU A CD1 1 
ATOM   30   C CD2 . LEU A 1 4   ? 2.87747   -5.92068  -1.17695  1.000 46.00537  ? 4   LEU A CD2 1 
ATOM   31   N N   . ILE A 1 5   ? 1.41436   -1.07706  -2.61882  1.000 44.24591  ? 5   ILE A N   1 
ATOM   32   C CA  . ILE A 1 5   ? 1.41974   0.35166   -2.86065  1.000 42.37951  ? 5   ILE A CA  1 
ATOM   33   C C   . ILE A 1 5   ? 1.50533   1.06043   -1.51336  1.000 55.05147  ? 5   ILE A C   1 
ATOM   34   O O   . ILE A 1 5   ? 0.78217   0.70303   -0.57228  1.000 42.60789  ? 5   ILE A O   1 
ATOM   35   C CB  . ILE A 1 5   ? 0.19503   0.79650   -3.66509  1.000 42.56704  ? 5   ILE A CB  1 
ATOM   36   C CG1 . ILE A 1 5   ? 0.28602   2.29513   -3.93195  1.000 48.09370  ? 5   ILE A CG1 1 
ATOM   37   C CG2 . ILE A 1 5   ? -1.11836  0.39517   -2.94539  1.000 42.28729  ? 5   ILE A CG2 1 
ATOM   38   C CD1 . ILE A 1 5   ? -0.72128  2.74097   -4.94568  1.000 47.40016  ? 5   ILE A CD1 1 
ATOM   39   N N   . ALA A 1 6   ? 2.40195   2.04895   -1.42137  1.000 47.57832  ? 6   ALA A N   1 
ATOM   40   C CA  . ALA A 1 6   ? 2.76919   2.64571   -0.14400  1.000 49.55214  ? 6   ALA A CA  1 
ATOM   41   C C   . ALA A 1 6   ? 3.34906   4.03736   -0.36883  1.000 57.22908  ? 6   ALA A C   1 
ATOM   42   O O   . ALA A 1 6   ? 4.07348   4.25572   -1.34448  1.000 51.90275  ? 6   ALA A O   1 
ATOM   43   C CB  . ALA A 1 6   ? 3.80466   1.77619   0.57787   1.000 39.36445  ? 6   ALA A CB  1 
ATOM   44   N N   . ALA A 1 7   ? 3.04646   4.96282   0.54347   1.000 55.39509  ? 7   ALA A N   1 
ATOM   45   C CA  . ALA A 1 7   ? 3.70425   6.26698   0.58988   1.000 55.91321  ? 7   ALA A CA  1 
ATOM   46   C C   . ALA A 1 7   ? 4.74919   6.26133   1.69896   1.000 59.89476  ? 7   ALA A C   1 
ATOM   47   O O   . ALA A 1 7   ? 4.44339   5.90001   2.84037   1.000 55.19478  ? 7   ALA A O   1 
ATOM   48   C CB  . ALA A 1 7   ? 2.69783   7.38955   0.81108   1.000 52.65363  ? 7   ALA A CB  1 
ATOM   49   N N   . LEU A 1 8   ? 5.98019   6.64712   1.35048   1.000 52.59157  ? 8   LEU A N   1 
ATOM   50   C CA  . LEU A 1 8   ? 7.16142   6.52205   2.20289   1.000 56.59160  ? 8   LEU A CA  1 
ATOM   51   C C   . LEU A 1 8   ? 7.77055   7.89924   2.43323   1.000 62.66036  ? 8   LEU A C   1 
ATOM   52   O O   . LEU A 1 8   ? 8.02192   8.63163   1.46645   1.000 55.88653  ? 8   LEU A O   1 
ATOM   53   C CB  . LEU A 1 8   ? 8.22464   5.63249   1.54634   1.000 58.26030  ? 8   LEU A CB  1 
ATOM   54   C CG  . LEU A 1 8   ? 8.18082   4.11294   1.62631   1.000 60.56205  ? 8   LEU A CG  1 
ATOM   55   C CD1 . LEU A 1 8   ? 6.83269   3.59850   1.18123   1.000 56.26977  ? 8   LEU A CD1 1 
ATOM   56   C CD2 . LEU A 1 8   ? 9.31053   3.50404   0.79153   1.000 61.45329  ? 8   LEU A CD2 1 
ATOM   57   N N   . ALA A 1 9   ? 8.01091   8.25110   3.70243   1.000 62.73216  ? 9   ALA A N   1 
ATOM   58   C CA  . ALA A 1 9   ? 8.83653   9.40996   4.04502   1.000 60.84951  ? 9   ALA A CA  1 
ATOM   59   C C   . ALA A 1 9   ? 10.30466  8.98400   4.05328   1.000 61.98577  ? 9   ALA A C   1 
ATOM   60   O O   . ALA A 1 9   ? 10.63912  7.85350   3.68748   1.000 54.90004  ? 9   ALA A O   1 
ATOM   61   C CB  . ALA A 1 9   ? 8.41400   10.00467  5.38833   1.000 63.59558  ? 9   ALA A CB  1 
ATOM   62   N N   . VAL A 1 10  ? 11.20730  9.88078   4.48265   1.000 67.39904  ? 10  VAL A N   1 
ATOM   63   C CA  . VAL A 1 10  ? 12.62561  9.52387   4.55030   1.000 68.60111  ? 10  VAL A CA  1 
ATOM   64   C C   . VAL A 1 10  ? 12.83492  8.34109   5.48911   1.000 59.04321  ? 10  VAL A C   1 
ATOM   65   O O   . VAL A 1 10  ? 12.08135  8.13401   6.44423   1.000 60.74828  ? 10  VAL A O   1 
ATOM   66   C CB  . VAL A 1 10  ? 13.52478  10.69598  4.99267   1.000 82.65230  ? 10  VAL A CB  1 
ATOM   67   C CG1 . VAL A 1 10  ? 14.86908  10.62187  4.28295   1.000 81.99235  ? 10  VAL A CG1 1 
ATOM   68   C CG2 . VAL A 1 10  ? 12.90406  12.02131  4.67471   1.000 78.92454  ? 10  VAL A CG2 1 
ATOM   69   N N   . ASP A 1 11  ? 13.91038  7.59207   5.23447   1.000 64.19590  ? 11  ASP A N   1 
ATOM   70   C CA  . ASP A 1 11  ? 14.19380  6.31346   5.88724   1.000 71.16539  ? 11  ASP A CA  1 
ATOM   71   C C   . ASP A 1 11  ? 12.98614  5.37876   5.88497   1.000 72.45486  ? 11  ASP A C   1 
ATOM   72   O O   . ASP A 1 11  ? 12.81486  4.56866   6.79717   1.000 71.34059  ? 11  ASP A O   1 
ATOM   73   C CB  . ASP A 1 11  ? 14.73034  6.51232   7.30771   1.000 84.23466  ? 11  ASP A CB  1 
ATOM   74   C CG  . ASP A 1 11  ? 15.96223  7.40191   7.34567   1.000 94.78787  ? 11  ASP A CG  1 
ATOM   75   O OD1 . ASP A 1 11  ? 17.01963  6.95549   6.83845   1.000 98.96623  ? 11  ASP A OD1 1 
ATOM   76   O OD2 . ASP A 1 11  ? 15.87960  8.53874   7.87063   1.000 101.09656 ? 11  ASP A OD2 1 
ATOM   77   N N   . ARG A 1 12  ? 12.14799  5.47985   4.84917   1.000 69.29180  ? 12  ARG A N   1 
ATOM   78   C CA  . ARG A 1 12  ? 11.11315  4.48583   4.57883   1.000 65.50298  ? 12  ARG A CA  1 
ATOM   79   C C   . ARG A 1 12  ? 10.09412  4.40317   5.70550   1.000 66.14221  ? 12  ARG A C   1 
ATOM   80   O O   . ARG A 1 12  ? 9.51794   3.34561   5.95305   1.000 65.12753  ? 12  ARG A O   1 
ATOM   81   C CB  . ARG A 1 12  ? 11.73169  3.11418   4.32439   1.000 63.40768  ? 12  ARG A CB  1 
ATOM   82   C CG  . ARG A 1 12  ? 12.90736  3.16070   3.36961   1.000 73.97377  ? 12  ARG A CG  1 
ATOM   83   C CD  . ARG A 1 12  ? 12.94116  1.93470   2.46834   1.000 86.53124  ? 12  ARG A CD  1 
ATOM   84   N NE  . ARG A 1 12  ? 13.80915  2.12280   1.30777   1.000 91.13009  ? 12  ARG A NE  1 
ATOM   85   C CZ  . ARG A 1 12  ? 14.73052  1.25568   0.90359   1.000 94.91534  ? 12  ARG A CZ  1 
ATOM   86   N NH1 . ARG A 1 12  ? 14.90099  0.08861   1.51051   1.000 92.49549  ? 12  ARG A NH1 1 
ATOM   87   N NH2 . ARG A 1 12  ? 15.48150  1.55395   -0.15427  1.000 94.17969  ? 12  ARG A NH2 1 
ATOM   88   N N   . VAL A 1 13  ? 9.87108   5.51016   6.40346   1.000 63.13924  ? 13  VAL A N   1 
ATOM   89   C CA  . VAL A 1 13  ? 8.83743   5.56244   7.42725   1.000 68.92031  ? 13  VAL A CA  1 
ATOM   90   C C   . VAL A 1 13  ? 7.48678   5.65750   6.73829   1.000 70.13192  ? 13  VAL A C   1 
ATOM   91   O O   . VAL A 1 13  ? 7.33711   6.39556   5.75824   1.000 63.43002  ? 13  VAL A O   1 
ATOM   92   C CB  . VAL A 1 13  ? 9.06202   6.76190   8.36653   1.000 69.16921  ? 13  VAL A CB  1 
ATOM   93   C CG1 . VAL A 1 13  ? 7.82470   7.00973   9.21598   1.000 69.52190  ? 13  VAL A CG1 1 
ATOM   94   C CG2 . VAL A 1 13  ? 10.30521  6.55201   9.22206   1.000 70.99689  ? 13  VAL A CG2 1 
ATOM   95   N N   . ILE A 1 14  ? 6.49623   4.92601   7.25988   1.000 67.39069  ? 14  ILE A N   1 
ATOM   96   C CA  . ILE A 1 14  ? 5.13388   4.93545   6.74569   1.000 74.35371  ? 14  ILE A CA  1 
ATOM   97   C C   . ILE A 1 14  ? 4.17897   5.29037   7.87716   1.000 83.33547  ? 14  ILE A C   1 
ATOM   98   O O   . ILE A 1 14  ? 4.48589   5.11780   9.05953   1.000 87.28762  ? 14  ILE A O   1 
ATOM   99   C CB  . ILE A 1 14  ? 4.74863   3.58163   6.12664   1.000 73.19801  ? 14  ILE A CB  1 
ATOM   100  C CG1 . ILE A 1 14  ? 4.85319   2.48226   7.18103   1.000 71.59408  ? 14  ILE A CG1 1 
ATOM   101  C CG2 . ILE A 1 14  ? 5.65889   3.26239   4.96473   1.000 62.75199  ? 14  ILE A CG2 1 
ATOM   102  C CD1 . ILE A 1 14  ? 4.96445   1.07678   6.59476   1.000 71.93243  ? 14  ILE A CD1 1 
ATOM   103  N N   . GLY A 1 15  ? 2.99933   5.77237   7.50016   1.000 86.42879  ? 15  GLY A N   1 
ATOM   104  C CA  . GLY A 1 15  ? 1.99644   6.15611   8.48048   1.000 94.44805  ? 15  GLY A CA  1 
ATOM   105  C C   . GLY A 1 15  ? 0.64346   6.32981   7.82822   1.000 103.98623 ? 15  GLY A C   1 
ATOM   106  O O   . GLY A 1 15  ? 0.52352   6.40340   6.60234   1.000 106.40478 ? 15  GLY A O   1 
ATOM   107  N N   . MET A 1 16  ? -0.38107  6.40247   8.67502   1.000 108.15115 ? 16  MET A N   1 
ATOM   108  C CA  . MET A 1 16  ? -1.75733  6.47156   8.19858   1.000 116.52182 ? 16  MET A CA  1 
ATOM   109  C C   . MET A 1 16  ? -2.04341  7.82516   7.55223   1.000 119.84490 ? 16  MET A C   1 
ATOM   110  O O   . MET A 1 16  ? -1.45013  8.84465   7.91014   1.000 119.92455 ? 16  MET A O   1 
ATOM   111  C CB  . MET A 1 16  ? -2.72579  6.21017   9.35295   1.000 118.44977 ? 16  MET A CB  1 
ATOM   112  C CG  . MET A 1 16  ? -2.39294  4.95592   10.17608  1.000 115.69833 ? 16  MET A CG  1 
ATOM   113  S SD  . MET A 1 16  ? -2.88772  3.39951   9.37922   1.000 119.29105 ? 16  MET A SD  1 
ATOM   114  C CE  . MET A 1 16  ? -1.72194  2.20442   10.06631  1.000 92.76302  ? 16  MET A CE  1 
ATOM   115  N N   . GLU A 1 17  ? -2.97769  7.83003   6.59301   1.000 119.86358 ? 17  GLU A N   1 
ATOM   116  C CA  . GLU A 1 17  ? -3.12948  8.98802   5.71462   1.000 123.87938 ? 17  GLU A CA  1 
ATOM   117  C C   . GLU A 1 17  ? -3.74775  10.19521  6.41782   1.000 129.27051 ? 17  GLU A C   1 
ATOM   118  O O   . GLU A 1 17  ? -3.55707  11.32743  5.95669   1.000 128.34911 ? 17  GLU A O   1 
ATOM   119  C CB  . GLU A 1 17  ? -3.97833  8.63109   4.48935   1.000 122.90845 ? 17  GLU A CB  1 
ATOM   120  C CG  . GLU A 1 17  ? -4.30101  9.83664   3.59590   1.000 124.10899 ? 17  GLU A CG  1 
ATOM   121  C CD  . GLU A 1 17  ? -5.77829  10.02812  3.33006   1.000 126.02569 ? 17  GLU A CD  1 
ATOM   122  O OE1 . GLU A 1 17  ? -6.57683  9.17555   3.74956   1.000 126.60040 ? 17  GLU A OE1 1 
ATOM   123  O OE2 . GLU A 1 17  ? -6.14451  11.04858  2.71152   1.000 124.20013 ? 17  GLU A OE2 1 
ATOM   124  N N   . ASN A 1 18  ? -4.47237  9.99022   7.52311   1.000 132.91104 ? 18  ASN A N   1 
ATOM   125  C CA  . ASN A 1 18  ? -5.16883  11.10502  8.16612   1.000 133.80254 ? 18  ASN A CA  1 
ATOM   126  C C   . ASN A 1 18  ? -4.21295  12.22672  8.56317   1.000 132.69994 ? 18  ASN A C   1 
ATOM   127  O O   . ASN A 1 18  ? -4.58505  13.40639  8.50818   1.000 130.29106 ? 18  ASN A O   1 
ATOM   128  C CB  . ASN A 1 18  ? -5.95624  10.60868  9.38507   1.000 134.33949 ? 18  ASN A CB  1 
ATOM   129  C CG  . ASN A 1 18  ? -5.11390  9.76652   10.33427  1.000 135.71108 ? 18  ASN A CG  1 
ATOM   130  O OD1 . ASN A 1 18  ? -4.24026  10.28288  11.03536  1.000 138.00595 ? 18  ASN A OD1 1 
ATOM   131  N ND2 . ASN A 1 18  ? -5.39251  8.46482   10.37825  1.000 129.25945 ? 18  ASN A ND2 1 
ATOM   132  N N   . ALA A 1 19  ? -2.98317  11.88449  8.93943   1.000 129.89295 ? 19  ALA A N   1 
ATOM   133  C CA  . ALA A 1 19  ? -1.98974  12.85787  9.35817   1.000 126.81381 ? 19  ALA A CA  1 
ATOM   134  C C   . ALA A 1 19  ? -1.24526  13.42709  8.15181   1.000 126.48136 ? 19  ALA A C   1 
ATOM   135  O O   . ALA A 1 19  ? -1.35521  12.94138  7.02351   1.000 124.00252 ? 19  ALA A O   1 
ATOM   136  C CB  . ALA A 1 19  ? -1.00509  12.22628  10.34268  1.000 123.74293 ? 19  ALA A CB  1 
ATOM   137  N N   . MET A 1 20  ? -0.51535  14.44413  8.39600   1.000 128.33016 ? 20  MET A N   1 
ATOM   138  C CA  . MET A 1 20  ? 0.34810   15.09087  7.42623   1.000 126.64895 ? 20  MET A CA  1 
ATOM   139  C C   . MET A 1 20  ? 1.72749   14.43511  7.50895   1.000 125.19804 ? 20  MET A C   1 
ATOM   140  O O   . MET A 1 20  ? 2.11997   13.95681  8.57793   1.000 118.05599 ? 20  MET A O   1 
ATOM   141  C CB  . MET A 1 20  ? 0.44807   16.58887  7.73907   1.000 127.93099 ? 20  MET A CB  1 
ATOM   142  C CG  . MET A 1 20  ? 0.66714   17.52457  6.54607   1.000 122.78036 ? 20  MET A CG  1 
ATOM   143  S SD  . MET A 1 20  ? -0.80812  17.63899  5.49247   1.000 144.23331 ? 20  MET A SD  1 
ATOM   144  C CE  . MET A 1 20  ? -0.14738  17.11307  3.91361   1.000 117.62415 ? 20  MET A CE  1 
ATOM   145  N N   . PRO A 1 21  ? 2.52527   14.32818  6.42625   1.000 119.49012 ? 21  PRO A N   1 
ATOM   146  C CA  . PRO A 1 21  ? 2.43078   14.71872  5.01615   1.000 119.60396 ? 21  PRO A CA  1 
ATOM   147  C C   . PRO A 1 21  ? 1.82030   13.62910  4.12575   1.000 115.43537 ? 21  PRO A C   1 
ATOM   148  O O   . PRO A 1 21  ? 1.75798   13.81845  2.90789   1.000 113.54956 ? 21  PRO A O   1 
ATOM   149  C CB  . PRO A 1 21  ? 3.89416   14.97164  4.63455   1.000 108.34739 ? 21  PRO A CB  1 
ATOM   150  C CG  . PRO A 1 21  ? 4.66280   14.01474  5.48301   1.000 106.81708 ? 21  PRO A CG  1 
ATOM   151  C CD  . PRO A 1 21  ? 3.82508   13.69806  6.70796   1.000 112.12108 ? 21  PRO A CD  1 
ATOM   152  N N   . TRP A 1 22  ? 1.37830   12.51243  4.72064   1.000 114.09075 ? 22  TRP A N   1 
ATOM   153  C CA  . TRP A 1 22  ? 0.65646   11.49256  3.96285   1.000 112.28923 ? 22  TRP A CA  1 
ATOM   154  C C   . TRP A 1 22  ? -0.59994  12.04719  3.31303   1.000 114.10745 ? 22  TRP A C   1 
ATOM   155  O O   . TRP A 1 22  ? -1.15846  11.40506  2.41404   1.000 107.43970 ? 22  TRP A O   1 
ATOM   156  C CB  . TRP A 1 22  ? 0.27765   10.31631  4.85940   0.752 111.22390 ? 22  TRP A CB  1 
ATOM   157  C CG  . TRP A 1 22  ? 1.25356   10.03848  5.93325   0.832 107.08656 ? 22  TRP A CG  1 
ATOM   158  C CD1 . TRP A 1 22  ? 1.11579   10.30216  7.26527   0.759 109.33507 ? 22  TRP A CD1 1 
ATOM   159  C CD2 . TRP A 1 22  ? 2.52901   9.42294   5.77303   0.895 98.43415  ? 22  TRP A CD2 1 
ATOM   160  N NE1 . TRP A 1 22  ? 2.23368   9.88762   7.94570   0.969 102.52252 ? 22  TRP A NE1 1 
ATOM   161  C CE2 . TRP A 1 22  ? 3.11838   9.34462   7.05085   0.889 96.63299  ? 22  TRP A CE2 1 
ATOM   162  C CE3 . TRP A 1 22  ? 3.23319   8.93108   4.67107   1.000 83.52905  ? 22  TRP A CE3 1 
ATOM   163  C CZ2 . TRP A 1 22  ? 4.37894   8.79424   7.25578   1.000 84.29575  ? 22  TRP A CZ2 1 
ATOM   164  C CZ3 . TRP A 1 22  ? 4.48080   8.38651   4.87511   1.000 76.43460  ? 22  TRP A CZ3 1 
ATOM   165  C CH2 . TRP A 1 22  ? 5.04431   8.32577   6.15820   0.818 80.88451  ? 22  TRP A CH2 1 
ATOM   166  N N   . ASN A 1 23  ? -1.06182  13.21449  3.76283   1.000 116.77952 ? 23  ASN A N   1 
ATOM   167  C CA  . ASN A 1 23  ? -2.17545  13.92107  3.14172   1.000 114.64082 ? 23  ASN A CA  1 
ATOM   168  C C   . ASN A 1 23  ? -1.73687  14.77117  1.95524   1.000 106.40557 ? 23  ASN A C   1 
ATOM   169  O O   . ASN A 1 23  ? -2.23781  15.88474  1.78744   1.000 106.41401 ? 23  ASN A O   1 
ATOM   170  C CB  . ASN A 1 23  ? -2.88806  14.77923  4.18741   1.000 119.23717 ? 23  ASN A CB  1 
ATOM   171  C CG  . ASN A 1 23  ? -4.37835  14.91568  3.91313   1.000 125.06800 ? 23  ASN A CG  1 
ATOM   172  O OD1 . ASN A 1 23  ? -4.82677  14.81102  2.76722   1.000 122.35450 ? 23  ASN A OD1 1 
ATOM   173  N ND2 . ASN A 1 23  ? -5.15714  15.13013  4.97183   1.000 127.76117 ? 23  ASN A ND2 1 
ATOM   174  N N   . LEU A 1 24  ? -0.78713  14.29707  1.15515   1.000 96.46558  ? 24  LEU A N   1 
ATOM   175  C CA  . LEU A 1 24  ? -0.50454  14.90220  -0.14260  1.000 80.97060  ? 24  LEU A CA  1 
ATOM   176  C C   . LEU A 1 24  ? -1.64394  14.58024  -1.09307  1.000 74.63940  ? 24  LEU A C   1 
ATOM   177  O O   . LEU A 1 24  ? -1.78152  13.41436  -1.49392  1.000 70.24831  ? 24  LEU A O   1 
ATOM   178  C CB  . LEU A 1 24  ? 0.79318   14.37586  -0.73192  1.000 78.19377  ? 24  LEU A CB  1 
ATOM   179  C CG  . LEU A 1 24  ? 2.14148   14.88492  -0.25418  1.000 81.72778  ? 24  LEU A CG  1 
ATOM   180  C CD1 . LEU A 1 24  ? 3.18285   14.35731  -1.22117  1.000 79.87680  ? 24  LEU A CD1 1 
ATOM   181  C CD2 . LEU A 1 24  ? 2.19039   16.40341  -0.17177  1.000 81.57386  ? 24  LEU A CD2 1 
ATOM   182  N N   . PRO A 1 25  ? -2.47481  15.54788  -1.47615  1.000 67.29628  ? 25  PRO A N   1 
ATOM   183  C CA  . PRO A 1 25  ? -3.55145  15.24017  -2.42543  1.000 65.91935  ? 25  PRO A CA  1 
ATOM   184  C C   . PRO A 1 25  ? -3.06141  14.52923  -3.66947  1.000 68.90802  ? 25  PRO A C   1 
ATOM   185  O O   . PRO A 1 25  ? -3.77219  13.66473  -4.19762  1.000 69.38325  ? 25  PRO A O   1 
ATOM   186  C CB  . PRO A 1 25  ? -4.14020  16.61646  -2.76879  1.000 71.42178  ? 25  PRO A CB  1 
ATOM   187  C CG  . PRO A 1 25  ? -3.56338  17.57796  -1.81207  1.000 73.14216  ? 25  PRO A CG  1 
ATOM   188  C CD  . PRO A 1 25  ? -2.50016  16.93829  -0.99798  1.000 72.52414  ? 25  PRO A CD  1 
ATOM   189  N N   . ALA A 1 26  ? -1.86316  14.87201  -4.15719  1.000 65.23582  ? 26  ALA A N   1 
ATOM   190  C CA  . ALA A 1 26  ? -1.34168  14.21284  -5.35164  1.000 67.66289  ? 26  ALA A CA  1 
ATOM   191  C C   . ALA A 1 26  ? -1.14364  12.72274  -5.11443  1.000 56.51041  ? 26  ALA A C   1 
ATOM   192  O O   . ALA A 1 26  ? -1.41467  11.91025  -6.00042  1.000 57.85355  ? 26  ALA A O   1 
ATOM   193  C CB  . ALA A 1 26  ? -0.02726  14.85551  -5.79392  1.000 59.98308  ? 26  ALA A CB  1 
ATOM   194  N N   . ASP A 1 27  ? -0.68683  12.34314  -3.92130  1.000 52.01422  ? 27  ASP A N   1 
ATOM   195  C CA  . ASP A 1 27  ? -0.53460  10.92237  -3.63119  1.000 55.78760  ? 27  ASP A CA  1 
ATOM   196  C C   . ASP A 1 27  ? -1.88714  10.23028  -3.55147  1.000 56.55715  ? 27  ASP A C   1 
ATOM   197  O O   . ASP A 1 27  ? -2.04993  9.10688   -4.05148  1.000 53.55869  ? 27  ASP A O   1 
ATOM   198  C CB  . ASP A 1 27  ? 0.22910   10.71574  -2.33748  1.000 58.99002  ? 27  ASP A CB  1 
ATOM   199  C CG  . ASP A 1 27  ? 0.29378   9.26138   -1.95273  1.000 62.57569  ? 27  ASP A CG  1 
ATOM   200  O OD1 . ASP A 1 27  ? 1.04660   8.50003   -2.60145  1.000 57.33079  ? 27  ASP A OD1 1 
ATOM   201  O OD2 . ASP A 1 27  ? -0.42689  8.88390   -1.02102  1.000 57.83724  ? 27  ASP A OD2 1 
ATOM   202  N N   . LEU A 1 28  ? -2.87723  10.89947  -2.95794  1.000 56.67867  ? 28  LEU A N   1 
ATOM   203  C CA  . LEU A 1 28  ? -4.21341  10.32171  -2.89217  1.000 58.84754  ? 28  LEU A CA  1 
ATOM   204  C C   . LEU A 1 28  ? -4.74956  10.03410  -4.29061  1.000 64.23244  ? 28  LEU A C   1 
ATOM   205  O O   . LEU A 1 28  ? -5.34800  8.97844   -4.52598  1.000 62.92364  ? 28  LEU A O   1 
ATOM   206  C CB  . LEU A 1 28  ? -5.15827  11.25568  -2.13515  1.000 63.00216  ? 28  LEU A CB  1 
ATOM   207  C CG  . LEU A 1 28  ? -6.65109  10.88639  -2.14040  1.000 78.82143  ? 28  LEU A CG  1 
ATOM   208  C CD1 . LEU A 1 28  ? -6.88893  9.43583   -1.71456  1.000 77.30512  ? 28  LEU A CD1 1 
ATOM   209  C CD2 . LEU A 1 28  ? -7.45383  11.82767  -1.25741  1.000 81.31242  ? 28  LEU A CD2 1 
ATOM   210  N N   . ALA A 1 29  ? -4.53393  10.95177  -5.24163  1.000 55.56956  ? 29  ALA A N   1 
ATOM   211  C CA  . ALA A 1 29  ? -5.03139  10.69420  -6.59123  1.000 54.14214  ? 29  ALA A CA  1 
ATOM   212  C C   . ALA A 1 29  ? -4.21547  9.61233   -7.27554  1.000 56.02232  ? 29  ALA A C   1 
ATOM   213  O O   . ALA A 1 29  ? -4.75809  8.84060   -8.07776  1.000 60.91362  ? 29  ALA A O   1 
ATOM   214  C CB  . ALA A 1 29  ? -5.01301  11.96555  -7.42870  1.000 57.74581  ? 29  ALA A CB  1 
ATOM   215  N N   . TRP A 1 30  ? -2.91493  9.54385   -6.97532  1.000 51.39294  ? 30  TRP A N   1 
ATOM   216  C CA  . TRP A 1 30  ? -2.08927  8.44531   -7.48084  1.000 55.75575  ? 30  TRP A CA  1 
ATOM   217  C C   . TRP A 1 30  ? -2.59278  7.11448   -6.94488  1.000 52.28230  ? 30  TRP A C   1 
ATOM   218  O O   . TRP A 1 30  ? -2.72364  6.13431   -7.69258  1.000 49.26400  ? 30  TRP A O   1 
ATOM   219  C CB  . TRP A 1 30  ? -0.63087  8.68001   -7.07747  1.000 49.73715  ? 30  TRP A CB  1 
ATOM   220  C CG  . TRP A 1 30  ? 0.33170   7.47852   -7.13195  1.000 49.51525  ? 30  TRP A CG  1 
ATOM   221  C CD1 . TRP A 1 30  ? 0.71002   6.67211   -6.09083  1.000 50.40172  ? 30  TRP A CD1 1 
ATOM   222  C CD2 . TRP A 1 30  ? 1.09366   7.03998   -8.26881  1.000 41.27208  ? 30  TRP A CD2 1 
ATOM   223  N NE1 . TRP A 1 30  ? 1.64113   5.74322   -6.51614  1.000 46.62952  ? 30  TRP A NE1 1 
ATOM   224  C CE2 . TRP A 1 30  ? 1.88584   5.95001   -7.85070  1.000 46.52854  ? 30  TRP A CE2 1 
ATOM   225  C CE3 . TRP A 1 30  ? 1.17837   7.47041   -9.60082  1.000 49.57115  ? 30  TRP A CE3 1 
ATOM   226  C CZ2 . TRP A 1 30  ? 2.74806   5.27817   -8.71555  1.000 45.60285  ? 30  TRP A CZ2 1 
ATOM   227  C CZ3 . TRP A 1 30  ? 2.02264   6.80249   -10.46016 1.000 44.71713  ? 30  TRP A CZ3 1 
ATOM   228  C CH2 . TRP A 1 30  ? 2.80270   5.71721   -10.01198 1.000 52.19228  ? 30  TRP A CH2 1 
ATOM   229  N N   . PHE A 1 31  ? -2.89147  7.07993   -5.64420  1.000 50.66676  ? 31  PHE A N   1 
ATOM   230  C CA  . PHE A 1 31  ? -3.39407  5.87279   -4.99537  1.000 53.39296  ? 31  PHE A CA  1 
ATOM   231  C C   . PHE A 1 31  ? -4.71798  5.43956   -5.60008  1.000 57.33910  ? 31  PHE A C   1 
ATOM   232  O O   . PHE A 1 31  ? -4.88312  4.27426   -5.97700  1.000 52.29687  ? 31  PHE A O   1 
ATOM   233  C CB  . PHE A 1 31  ? -3.55055  6.12122   -3.49459  1.000 57.48216  ? 31  PHE A CB  1 
ATOM   234  C CG  . PHE A 1 31  ? -4.13407  4.96451   -2.74440  1.000 61.10238  ? 31  PHE A CG  1 
ATOM   235  C CD1 . PHE A 1 31  ? -3.33311  3.90453   -2.34415  1.000 56.90399  ? 31  PHE A CD1 1 
ATOM   236  C CD2 . PHE A 1 31  ? -5.48676  4.94110   -2.42597  1.000 58.16695  ? 31  PHE A CD2 1 
ATOM   237  C CE1 . PHE A 1 31  ? -3.86752  2.83809   -1.64623  1.000 57.67382  ? 31  PHE A CE1 1 
ATOM   238  C CE2 . PHE A 1 31  ? -6.03175  3.87822   -1.70404  1.000 52.54213  ? 31  PHE A CE2 1 
ATOM   239  C CZ  . PHE A 1 31  ? -5.21910  2.82018   -1.32320  1.000 50.49762  ? 31  PHE A CZ  1 
ATOM   240  N N   . LYS A 1 32  ? -5.68426  6.36559   -5.68157  1.000 53.52379  ? 32  LYS A N   1 
ATOM   241  C CA  . LYS A 1 32  ? -6.95818  6.04702   -6.31935  1.000 55.82655  ? 32  LYS A CA  1 
ATOM   242  C C   . LYS A 1 32  ? -6.76217  5.50339   -7.72387  1.000 58.26315  ? 32  LYS A C   1 
ATOM   243  O O   . LYS A 1 32  ? -7.37496  4.49406   -8.10089  1.000 61.08695  ? 32  LYS A O   1 
ATOM   244  C CB  . LYS A 1 32  ? -7.85041  7.27858   -6.37689  1.000 60.77177  ? 32  LYS A CB  1 
ATOM   245  C CG  . LYS A 1 32  ? -8.68041  7.53727   -5.16055  1.000 69.21585  ? 32  LYS A CG  1 
ATOM   246  C CD  . LYS A 1 32  ? -9.53180  8.76283   -5.44832  1.000 83.30449  ? 32  LYS A CD  1 
ATOM   247  C CE  . LYS A 1 32  ? -9.70518  9.64645   -4.23784  1.000 88.53032  ? 32  LYS A CE  1 
ATOM   248  N NZ  . LYS A 1 32  ? -10.51539 8.93213   -3.23029  1.000 98.95192  ? 32  LYS A NZ  1 
ATOM   249  N N   A ARG A 1 33  ? -5.88086  6.14452   -8.49085  0.538 57.92026  ? 33  ARG A N   1 
ATOM   250  N N   B ARG A 1 33  ? -5.93544  6.16364   -8.54036  0.462 55.19003  ? 33  ARG A N   1 
ATOM   251  C CA  A ARG A 1 33  ? -5.68389  5.78716   -9.88852  0.538 56.19523  ? 33  ARG A CA  1 
ATOM   252  C CA  B ARG A 1 33  ? -5.77017  5.68289   -9.91121  0.462 56.10702  ? 33  ARG A CA  1 
ATOM   253  C C   A ARG A 1 33  ? -5.15669  4.36431   -10.03631 0.538 58.47582  ? 33  ARG A C   1 
ATOM   254  C C   B ARG A 1 33  ? -5.28828  4.24260   -9.92793  0.462 58.43347  ? 33  ARG A C   1 
ATOM   255  O O   A ARG A 1 33  ? -5.57374  3.63614   -10.94337 0.538 57.85676  ? 33  ARG A O   1 
ATOM   256  O O   B ARG A 1 33  ? -5.84843  3.39597   -10.63335 0.462 57.78730  ? 33  ARG A O   1 
ATOM   257  C CB  A ARG A 1 33  ? -4.73119  6.80016   -10.53550 0.538 61.45539  ? 33  ARG A CB  1 
ATOM   258  C CB  B ARG A 1 33  ? -4.79089  6.54478   -10.71282 0.462 61.61664  ? 33  ARG A CB  1 
ATOM   259  C CG  A ARG A 1 33  ? -4.57082  6.67696   -12.04230 0.538 63.15451  ? 33  ARG A CG  1 
ATOM   260  C CG  B ARG A 1 33  ? -4.45830  5.87641   -12.07186 0.462 57.65558  ? 33  ARG A CG  1 
ATOM   261  C CD  A ARG A 1 33  ? -3.99275  7.96632   -12.66670 0.538 63.66914  ? 33  ARG A CD  1 
ATOM   262  C CD  B ARG A 1 33  ? -3.37062  6.58236   -12.89078 0.462 61.74241  ? 33  ARG A CD  1 
ATOM   263  N NE  A ARG A 1 33  ? -2.85573  8.52666   -11.93926 0.538 62.02407  ? 33  ARG A NE  1 
ATOM   264  N NE  B ARG A 1 33  ? -2.25933  5.68740   -13.20453 0.462 63.89610  ? 33  ARG A NE  1 
ATOM   265  C CZ  A ARG A 1 33  ? -2.88832  9.66404   -11.25412 0.538 63.50689  ? 33  ARG A CZ  1 
ATOM   266  C CZ  B ARG A 1 33  ? -0.98584  5.95665   -12.94567 0.462 62.11520  ? 33  ARG A CZ  1 
ATOM   267  N NH1 A ARG A 1 33  ? -3.99200  10.39120  -11.17461 0.538 64.91048  ? 33  ARG A NH1 1 
ATOM   268  N NH1 B ARG A 1 33  ? -0.61943  7.11717   -12.43048 0.462 58.64390  ? 33  ARG A NH1 1 
ATOM   269  N NH2 A ARG A 1 33  ? -1.78456  10.08534  -10.63731 0.538 58.33192  ? 33  ARG A NH2 1 
ATOM   270  N NH2 B ARG A 1 33  ? -0.05834  5.03706   -13.20917 0.462 60.19803  ? 33  ARG A NH2 1 
ATOM   271  N N   . ASN A 1 34  ? -4.24728  3.93970   -9.15342  1.000 53.14077  ? 34  ASN A N   1 
ATOM   272  C CA  . ASN A 1 34  ? -3.63974  2.62276   -9.28233  1.000 51.39680  ? 34  ASN A CA  1 
ATOM   273  C C   . ASN A 1 34  ? -4.38141  1.50949   -8.54125  1.000 49.13340  ? 34  ASN A C   1 
ATOM   274  O O   . ASN A 1 34  ? -4.01318  0.34300   -8.70405  1.000 51.89858  ? 34  ASN A O   1 
ATOM   275  C CB  . ASN A 1 34  ? -2.18093  2.67881   -8.82460  1.000 45.03474  ? 34  ASN A CB  1 
ATOM   276  C CG  . ASN A 1 34  ? -1.32060  3.42189   -9.80369  1.000 52.69275  ? 34  ASN A CG  1 
ATOM   277  O OD1 . ASN A 1 34  ? -1.02450  2.92075   -10.88106 1.000 55.82578  ? 34  ASN A OD1 1 
ATOM   278  N ND2 . ASN A 1 34  ? -0.92140  4.63654   -9.44538  1.000 54.77291  ? 34  ASN A ND2 1 
ATOM   279  N N   . THR A 1 35  ? -5.38788  1.81770   -7.73073  1.000 51.23391  ? 35  THR A N   1 
ATOM   280  C CA  . THR A 1 35  ? -6.18868  0.78285   -7.08263  1.000 51.33093  ? 35  THR A CA  1 
ATOM   281  C C   . THR A 1 35  ? -7.60927  0.70230   -7.62441  1.000 59.78990  ? 35  THR A C   1 
ATOM   282  O O   . THR A 1 35  ? -8.38212  -0.14879  -7.17094  1.000 54.07636  ? 35  THR A O   1 
ATOM   283  C CB  . THR A 1 35  ? -6.28264  1.02572   -5.58229  1.000 48.76891  ? 35  THR A CB  1 
ATOM   284  O OG1 . THR A 1 35  ? -6.99163  2.25162   -5.37201  1.000 52.66150  ? 35  THR A OG1 1 
ATOM   285  C CG2 . THR A 1 35  ? -4.90377  1.11681   -4.97427  1.000 48.67365  ? 35  THR A CG2 1 
ATOM   286  N N   . LEU A 1 36  ? -7.98449  1.58903   -8.54000  1.000 54.77407  ? 36  LEU A N   1 
ATOM   287  C CA  . LEU A 1 36  ? -9.34852  1.60809   -9.03970  1.000 64.13468  ? 36  LEU A CA  1 
ATOM   288  C C   . LEU A 1 36  ? -9.72016  0.24059   -9.59960  1.000 59.72428  ? 36  LEU A C   1 
ATOM   289  O O   . LEU A 1 36  ? -8.97987  -0.33329  -10.39699 1.000 54.66718  ? 36  LEU A O   1 
ATOM   290  C CB  . LEU A 1 36  ? -9.47920  2.67524   -10.12718 1.000 65.80960  ? 36  LEU A CB  1 
ATOM   291  C CG  . LEU A 1 36  ? -10.88503 2.94358   -10.65819 1.000 74.83672  ? 36  LEU A CG  1 
ATOM   292  C CD1 . LEU A 1 36  ? -11.67980 3.75464   -9.62763  1.000 68.77294  ? 36  LEU A CD1 1 
ATOM   293  C CD2 . LEU A 1 36  ? -10.81117 3.66812   -11.99469 1.000 77.92096  ? 36  LEU A CD2 1 
ATOM   294  N N   . ASP A 1 37  ? -10.85431 -0.29420  -9.15699  1.000 58.27426  ? 37  ASP A N   1 
ATOM   295  C CA  . ASP A 1 37  ? -11.41096 -1.53079  -9.70996  1.000 60.58434  ? 37  ASP A CA  1 
ATOM   296  C C   . ASP A 1 37  ? -10.46450 -2.71915  -9.53800  1.000 61.75046  ? 37  ASP A C   1 
ATOM   297  O O   . ASP A 1 37  ? -10.44812 -3.64871  -10.35208 1.000 64.46022  ? 37  ASP A O   1 
ATOM   298  C CB  . ASP A 1 37  ? -11.77667 -1.35802  -11.18346 1.000 65.85796  ? 37  ASP A CB  1 
ATOM   299  C CG  . ASP A 1 37  ? -12.85900 -0.30764  -11.39335 1.000 74.74530  ? 37  ASP A CG  1 
ATOM   300  O OD1 . ASP A 1 37  ? -13.83530 -0.25428  -10.60298 1.000 72.41778  ? 37  ASP A OD1 1 
ATOM   301  O OD2 . ASP A 1 37  ? -12.73086 0.46104   -12.37158 1.000 85.70243  ? 37  ASP A OD2 1 
ATOM   302  N N   . LYS A 1 38  ? -9.66072  -2.70094  -8.48207  1.000 53.19542  ? 38  LYS A N   1 
ATOM   303  C CA  . LYS A 1 38  ? -8.82575  -3.83218  -8.13215  1.000 50.43941  ? 38  LYS A CA  1 
ATOM   304  C C   . LYS A 1 38  ? -9.13601  -4.23495  -6.70512  1.000 47.36444  ? 38  LYS A C   1 
ATOM   305  O O   . LYS A 1 38  ? -9.52712  -3.38627  -5.90348  1.000 50.97851  ? 38  LYS A O   1 
ATOM   306  C CB  . LYS A 1 38  ? -7.33860  -3.48188  -8.26662  1.000 49.81429  ? 38  LYS A CB  1 
ATOM   307  C CG  . LYS A 1 38  ? -6.97288  -2.95834  -9.66544  1.000 53.00523  ? 38  LYS A CG  1 
ATOM   308  C CD  . LYS A 1 38  ? -5.47972  -2.60425  -9.73711  1.000 49.98781  ? 38  LYS A CD  1 
ATOM   309  C CE  . LYS A 1 38  ? -5.15768  -1.77846  -10.99006 1.000 55.17881  ? 38  LYS A CE  1 
ATOM   310  N NZ  . LYS A 1 38  ? -3.72043  -1.34315  -10.99770 1.000 53.79819  ? 38  LYS A NZ  1 
ATOM   311  N N   . PRO A 1 39  ? -9.01962  -5.50918  -6.35656  1.000 48.31811  ? 39  PRO A N   1 
ATOM   312  C CA  . PRO A 1 39  ? -9.22198  -5.87650  -4.95664  1.000 50.12267  ? 39  PRO A CA  1 
ATOM   313  C C   . PRO A 1 39  ? -8.04676  -5.36641  -4.13279  1.000 53.10865  ? 39  PRO A C   1 
ATOM   314  O O   . PRO A 1 39  ? -6.91782  -5.25301  -4.62389  1.000 48.77132  ? 39  PRO A O   1 
ATOM   315  C CB  . PRO A 1 39  ? -9.29452  -7.40789  -4.99074  1.000 49.87195  ? 39  PRO A CB  1 
ATOM   316  C CG  . PRO A 1 39  ? -8.54962  -7.78619  -6.22673  1.000 51.80131  ? 39  PRO A CG  1 
ATOM   317  C CD  . PRO A 1 39  ? -8.84791  -6.69624  -7.21361  1.000 49.72284  ? 39  PRO A CD  1 
ATOM   318  N N   . VAL A 1 40  ? -8.34304  -4.97183  -2.89450  1.000 47.53701  ? 40  VAL A N   1 
ATOM   319  C CA  . VAL A 1 40  ? -7.34496  -4.41056  -1.98944  1.000 45.28371  ? 40  VAL A CA  1 
ATOM   320  C C   . VAL A 1 40  ? -7.31421  -5.27672  -0.73767  1.000 47.77841  ? 40  VAL A C   1 
ATOM   321  O O   . VAL A 1 40  ? -8.35136  -5.79387  -0.30313  1.000 50.85838  ? 40  VAL A O   1 
ATOM   322  C CB  . VAL A 1 40  ? -7.64163  -2.93427  -1.64433  1.000 50.31677  ? 40  VAL A CB  1 
ATOM   323  C CG1 . VAL A 1 40  ? -7.58596  -2.04575  -2.90232  1.000 46.59941  ? 40  VAL A CG1 1 
ATOM   324  C CG2 . VAL A 1 40  ? -9.00677  -2.80641  -0.98773  1.000 50.40635  ? 40  VAL A CG2 1 
ATOM   325  N N   . ILE A 1 41  ? -6.10968  -5.49635  -0.21490  1.000 44.35479  ? 41  ILE A N   1 
ATOM   326  C CA  . ILE A 1 41  ? -5.85709  -6.26619  0.99245   1.000 41.34231  ? 41  ILE A CA  1 
ATOM   327  C C   . ILE A 1 41  ? -5.21945  -5.30766  1.98018   1.000 52.34851  ? 41  ILE A C   1 
ATOM   328  O O   . ILE A 1 41  ? -4.27692  -4.58938  1.61720   1.000 47.15262  ? 41  ILE A O   1 
ATOM   329  C CB  . ILE A 1 41  ? -4.90311  -7.44435  0.74757   1.000 40.41816  ? 41  ILE A CB  1 
ATOM   330  C CG1 . ILE A 1 41  ? -5.52619  -8.45098  -0.21020  1.000 43.87759  ? 41  ILE A CG1 1 
ATOM   331  C CG2 . ILE A 1 41  ? -4.51561  -8.11892  2.08124   1.000 41.87731  ? 41  ILE A CG2 1 
ATOM   332  C CD1 . ILE A 1 41  ? -4.54190  -9.47784  -0.64630  1.000 45.70850  ? 41  ILE A CD1 1 
ATOM   333  N N   . MET A 1 42  ? -5.71835  -5.29261  3.21488   1.000 43.86092  ? 42  MET A N   1 
ATOM   334  C CA  . MET A 1 42  ? -5.15779  -4.39889  4.22857   1.000 44.14945  ? 42  MET A CA  1 
ATOM   335  C C   . MET A 1 42  ? -5.19342  -5.10946  5.56889   1.000 49.28822  ? 42  MET A C   1 
ATOM   336  O O   . MET A 1 42  ? -5.95615  -6.07089  5.75634   1.000 47.00745  ? 42  MET A O   1 
ATOM   337  C CB  . MET A 1 42  ? -5.94546  -3.08825  4.35862   1.000 41.44330  ? 42  MET A CB  1 
ATOM   338  C CG  . MET A 1 42  ? -7.35022  -3.31476  4.93638   1.000 47.07330  ? 42  MET A CG  1 
ATOM   339  S SD  . MET A 1 42  ? -8.44075  -1.91960  4.65771   1.000 50.87835  ? 42  MET A SD  1 
ATOM   340  C CE  . MET A 1 42  ? -8.99753  -2.35297  2.98640   1.000 45.82618  ? 42  MET A CE  1 
ATOM   341  N N   . GLY A 1 43  ? -4.34881  -4.61780  6.52416   1.000 48.00032  ? 43  GLY A N   1 
ATOM   342  C CA  . GLY A 1 43  ? -4.40962  -5.08685  7.89944   1.000 43.38398  ? 43  GLY A CA  1 
ATOM   343  C C   . GLY A 1 43  ? -5.50061  -4.40506  8.70059   1.000 44.93191  ? 43  GLY A C   1 
ATOM   344  O O   . GLY A 1 43  ? -6.14117  -3.46025  8.23941   1.000 45.62502  ? 43  GLY A O   1 
ATOM   345  N N   . ARG A 1 44  ? -5.70833  -4.90319  9.93275   1.000 49.16431  ? 44  ARG A N   1 
ATOM   346  C CA  . ARG A 1 44  ? -6.80684  -4.41851  10.78126  1.000 49.86171  ? 44  ARG A CA  1 
ATOM   347  C C   . ARG A 1 44  ? -6.67457  -2.93721  11.16192  1.000 48.16858  ? 44  ARG A C   1 
ATOM   348  O O   . ARG A 1 44  ? -7.68349  -2.22320  11.22652  1.000 55.54851  ? 44  ARG A O   1 
ATOM   349  C CB  . ARG A 1 44  ? -6.90789  -5.26380  12.05490  1.000 52.32418  ? 44  ARG A CB  1 
ATOM   350  C CG  . ARG A 1 44  ? -8.18773  -5.00842  12.85809  1.000 58.32780  ? 44  ARG A CG  1 
ATOM   351  C CD  . ARG A 1 44  ? -8.27804  -5.91490  14.08707  1.000 68.59596  ? 44  ARG A CD  1 
ATOM   352  N NE  . ARG A 1 44  ? -7.01418  -6.00562  14.82109  1.000 79.13173  ? 44  ARG A NE  1 
ATOM   353  C CZ  . ARG A 1 44  ? -6.63650  -5.18901  15.80243  1.000 87.49809  ? 44  ARG A CZ  1 
ATOM   354  N NH1 . ARG A 1 44  ? -7.41767  -4.20463  16.22928  1.000 84.63622  ? 44  ARG A NH1 1 
ATOM   355  N NH2 . ARG A 1 44  ? -5.44380  -5.36575  16.37214  1.000 86.60699  ? 44  ARG A NH2 1 
ATOM   356  N N   . HIS A 1 45  ? -5.46957  -2.45884  11.48598  1.000 50.62538  ? 45  HIS A N   1 
ATOM   357  C CA  . HIS A 1 45  ? -5.37046  -1.03905  11.87204  1.000 55.52999  ? 45  HIS A CA  1 
ATOM   358  C C   . HIS A 1 45  ? -5.64760  -0.12956  10.68587  1.000 54.83348  ? 45  HIS A C   1 
ATOM   359  O O   . HIS A 1 45  ? -6.27298  0.93276   10.82934  1.000 54.03509  ? 45  HIS A O   1 
ATOM   360  C CB  . HIS A 1 45  ? -3.99301  -0.70879  12.45065  1.000 62.60144  ? 45  HIS A CB  1 
ATOM   361  C CG  . HIS A 1 45  ? -3.61729  -1.53695  13.63645  1.000 73.01239  ? 45  HIS A CG  1 
ATOM   362  N ND1 . HIS A 1 45  ? -2.55092  -2.41165  13.62387  1.000 76.25149  ? 45  HIS A ND1 1 
ATOM   363  C CD2 . HIS A 1 45  ? -4.16386  -1.62643  14.87226  1.000 78.82876  ? 45  HIS A CD2 1 
ATOM   364  C CE1 . HIS A 1 45  ? -2.45668  -3.00483  14.80154  1.000 80.67545  ? 45  HIS A CE1 1 
ATOM   365  N NE2 . HIS A 1 45  ? -3.42417  -2.54690  15.57648  1.000 83.25879  ? 45  HIS A NE2 1 
ATOM   366  N N   . THR A 1 46  ? -5.19119  -0.53009  9.49899   1.000 49.73743  ? 46  THR A N   1 
ATOM   367  C CA  . THR A 1 46  ? -5.52742  0.24080   8.31116   1.000 46.95890  ? 46  THR A CA  1 
ATOM   368  C C   . THR A 1 46  ? -7.03246  0.25410   8.11281   1.000 47.35202  ? 46  THR A C   1 
ATOM   369  O O   . THR A 1 46  ? -7.62892  1.30788   7.85658   1.000 50.62543  ? 46  THR A O   1 
ATOM   370  C CB  . THR A 1 46  ? -4.79809  -0.33365  7.09021   1.000 49.61845  ? 46  THR A CB  1 
ATOM   371  O OG1 . THR A 1 46  ? -3.38988  -0.23604  7.30140   1.000 47.91207  ? 46  THR A OG1 1 
ATOM   372  C CG2 . THR A 1 46  ? -5.15260  0.42541   5.81806   1.000 49.57673  ? 46  THR A CG2 1 
ATOM   373  N N   . TRP A 1 47  ? -7.67427  -0.91175  8.25144   1.000 47.18640  ? 47  TRP A N   1 
ATOM   374  C CA  . TRP A 1 47  ? -9.13133  -0.94609  8.12613   1.000 50.79661  ? 47  TRP A CA  1 
ATOM   375  C C   . TRP A 1 47  ? -9.76245  -0.00741  9.14148   1.000 50.95750  ? 47  TRP A C   1 
ATOM   376  O O   . TRP A 1 47  ? -10.65428 0.78591   8.81353   1.000 52.87834  ? 47  TRP A O   1 
ATOM   377  C CB  . TRP A 1 47  ? -9.65049  -2.37957  8.32170   1.000 52.11914  ? 47  TRP A CB  1 
ATOM   378  C CG  . TRP A 1 47  ? -11.11091 -2.41589  8.63462   1.000 46.01017  ? 47  TRP A CG  1 
ATOM   379  C CD1 . TRP A 1 47  ? -11.69423 -2.79813  9.81582   1.000 49.91611  ? 47  TRP A CD1 1 
ATOM   380  C CD2 . TRP A 1 47  ? -12.18167 -2.01882  7.76146   1.000 48.57028  ? 47  TRP A CD2 1 
ATOM   381  N NE1 . TRP A 1 47  ? -13.08300 -2.68099  9.72075   1.000 47.81209  ? 47  TRP A NE1 1 
ATOM   382  C CE2 . TRP A 1 47  ? -13.39912 -2.20130  8.47149   1.000 47.94369  ? 47  TRP A CE2 1 
ATOM   383  C CE3 . TRP A 1 47  ? -12.23299 -1.54134  6.44317   1.000 50.63558  ? 47  TRP A CE3 1 
ATOM   384  C CZ2 . TRP A 1 47  ? -14.64891 -1.91454  7.90561   1.000 49.63430  ? 47  TRP A CZ2 1 
ATOM   385  C CZ3 . TRP A 1 47  ? -13.49073 -1.25438  5.87729   1.000 49.83204  ? 47  TRP A CZ3 1 
ATOM   386  C CH2 . TRP A 1 47  ? -14.67447 -1.44506  6.61300   1.000 52.48527  ? 47  TRP A CH2 1 
ATOM   387  N N   . GLU A 1 48  ? -9.26326  -0.05701  10.37223  1.000 51.57538  ? 48  GLU A N   1 
ATOM   388  C CA  . GLU A 1 48  ? -9.75465  0.81479   11.43302  1.000 59.76907  ? 48  GLU A CA  1 
ATOM   389  C C   . GLU A 1 48  ? -9.60180  2.29568   11.04773  1.000 60.69766  ? 48  GLU A C   1 
ATOM   390  O O   . GLU A 1 48  ? -10.56115 3.07383   11.12415  1.000 63.49010  ? 48  GLU A O   1 
ATOM   391  C CB  . GLU A 1 48  ? -8.98378  0.45897   12.69987  1.000 61.01235  ? 48  GLU A CB  1 
ATOM   392  C CG  . GLU A 1 48  ? -9.77241  -0.43787  13.62583  1.000 63.51811  ? 48  GLU A CG  1 
ATOM   393  C CD  . GLU A 1 48  ? -8.86974  -1.33628  14.47555  1.000 74.73737  ? 48  GLU A CD  1 
ATOM   394  O OE1 . GLU A 1 48  ? -7.76107  -0.89096  14.86075  1.000 76.93709  ? 48  GLU A OE1 1 
ATOM   395  O OE2 . GLU A 1 48  ? -9.27761  -2.48566  14.77570  1.000 77.80349  ? 48  GLU A OE2 1 
ATOM   396  N N   . SER A 1 49  ? -8.41971  2.69346   10.56605  1.000 57.32715  ? 49  SER A N   1 
ATOM   397  C CA  . SER A 1 49  ? -8.22819  4.08705   10.15315  1.000 63.31360  ? 49  SER A CA  1 
ATOM   398  C C   . SER A 1 49  ? -9.22781  4.50989   9.08411   1.000 68.57189  ? 49  SER A C   1 
ATOM   399  O O   . SER A 1 49  ? -9.82871  5.58525   9.17104   1.000 65.28800  ? 49  SER A O   1 
ATOM   400  C CB  . SER A 1 49  ? -6.81003  4.29460   9.64831   1.000 65.67026  ? 49  SER A CB  1 
ATOM   401  O OG  . SER A 1 49  ? -5.91786  3.81206   10.62096  1.000 72.37554  ? 49  SER A OG  1 
ATOM   402  N N   . ILE A 1 50  ? -9.42334  3.67840   8.06200   1.000 65.46567  ? 50  ILE A N   1 
ATOM   403  C CA  . ILE A 1 50  ? -10.23213 4.12687   6.93759   1.000 68.75929  ? 50  ILE A CA  1 
ATOM   404  C C   . ILE A 1 50  ? -11.71980 4.14063   7.29001   1.000 68.91487  ? 50  ILE A C   1 
ATOM   405  O O   . ILE A 1 50  ? -12.47597 4.96452   6.76598   1.000 73.31306  ? 50  ILE A O   1 
ATOM   406  C CB  . ILE A 1 50  ? -9.90463  3.27624   5.69313   1.000 73.26515  ? 50  ILE A CB  1 
ATOM   407  C CG1 . ILE A 1 50  ? -10.31667 4.00164   4.42452   1.000 87.24288  ? 50  ILE A CG1 1 
ATOM   408  C CG2 . ILE A 1 50  ? -10.54120 1.90767   5.74150   1.000 65.05841  ? 50  ILE A CG2 1 
ATOM   409  C CD1 . ILE A 1 50  ? -9.89111  3.27122   3.18468   1.000 92.19283  ? 50  ILE A CD1 1 
ATOM   410  N N   . GLY A 1 51  ? -12.16796 3.25195   8.17805   1.000 68.76955  ? 51  GLY A N   1 
ATOM   411  C CA  . GLY A 1 51  ? -13.51455 3.30808   8.72462   1.000 68.81520  ? 51  GLY A CA  1 
ATOM   412  C C   . GLY A 1 51  ? -14.62776 2.79080   7.83846   1.000 72.16064  ? 51  GLY A C   1 
ATOM   413  O O   . GLY A 1 51  ? -15.74606 2.58627   8.33635   1.000 77.16690  ? 51  GLY A O   1 
ATOM   414  N N   . ARG A 1 52  ? -14.37674 2.57731   6.55289   1.000 65.52064  ? 52  ARG A N   1 
ATOM   415  C CA  . ARG A 1 52  ? -15.39585 2.09919   5.63099   1.000 67.20820  ? 52  ARG A CA  1 
ATOM   416  C C   . ARG A 1 52  ? -14.69144 1.60122   4.36859   1.000 61.95041  ? 52  ARG A C   1 
ATOM   417  O O   . ARG A 1 52  ? -13.55369 1.99042   4.10485   1.000 57.95574  ? 52  ARG A O   1 
ATOM   418  C CB  . ARG A 1 52  ? -16.40994 3.20544   5.29918   1.000 69.40282  ? 52  ARG A CB  1 
ATOM   419  C CG  . ARG A 1 52  ? -15.90642 4.32843   4.42434   1.000 73.57626  ? 52  ARG A CG  1 
ATOM   420  C CD  . ARG A 1 52  ? -17.06297 4.76433   3.53711   1.000 87.66078  ? 52  ARG A CD  1 
ATOM   421  N NE  . ARG A 1 52  ? -18.28530 4.92350   4.32558   1.000 101.88204 ? 52  ARG A NE  1 
ATOM   422  C CZ  . ARG A 1 52  ? -19.50007 4.54530   3.93881   1.000 108.86465 ? 52  ARG A CZ  1 
ATOM   423  N NH1 . ARG A 1 52  ? -19.70448 3.96068   2.76759   1.000 108.67913 ? 52  ARG A NH1 1 
ATOM   424  N NH2 . ARG A 1 52  ? -20.53495 4.74317   4.75633   1.000 107.72765 ? 52  ARG A NH2 1 
ATOM   425  N N   . PRO A 1 53  ? -15.33053 0.73098   3.59043   1.000 58.78600  ? 53  PRO A N   1 
ATOM   426  C CA  . PRO A 1 53  ? -14.60494 0.10544   2.48181   1.000 57.87014  ? 53  PRO A CA  1 
ATOM   427  C C   . PRO A 1 53  ? -14.30702 1.11336   1.37579   1.000 59.24350  ? 53  PRO A C   1 
ATOM   428  O O   . PRO A 1 53  ? -14.99118 2.12936   1.22336   1.000 55.94171  ? 53  PRO A O   1 
ATOM   429  C CB  . PRO A 1 53  ? -15.55949 -0.99684  2.00991   1.000 54.77442  ? 53  PRO A CB  1 
ATOM   430  C CG  . PRO A 1 53  ? -16.89562 -0.50510  2.37196   1.000 59.38802  ? 53  PRO A CG  1 
ATOM   431  C CD  . PRO A 1 53  ? -16.74756 0.32121   3.61651   1.000 59.20083  ? 53  PRO A CD  1 
ATOM   432  N N   . LEU A 1 54  ? -13.22976 0.85436   0.65342   1.000 50.33816  ? 54  LEU A N   1 
ATOM   433  C CA  . LEU A 1 54  ? -12.97817 1.56343   -0.58636  1.000 52.01674  ? 54  LEU A CA  1 
ATOM   434  C C   . LEU A 1 54  ? -13.96113 1.08958   -1.64555  1.000 61.41402  ? 54  LEU A C   1 
ATOM   435  O O   . LEU A 1 54  ? -14.13638 -0.12290  -1.82751  1.000 63.27917  ? 54  LEU A O   1 
ATOM   436  C CB  . LEU A 1 54  ? -11.54004 1.35911   -1.05980  1.000 62.47283  ? 54  LEU A CB  1 
ATOM   437  C CG  . LEU A 1 54  ? -10.51348 1.90870   -0.08158  1.000 63.69182  ? 54  LEU A CG  1 
ATOM   438  C CD1 . LEU A 1 54  ? -9.16325  1.31645   -0.29346  1.000 60.51844  ? 54  LEU A CD1 1 
ATOM   439  C CD2 . LEU A 1 54  ? -10.45211 3.41974   -0.28168  1.000 72.95550  ? 54  LEU A CD2 1 
ATOM   440  N N   . PRO A 1 55  ? -14.59075 2.00326   -2.37378  1.000 68.38124  ? 55  PRO A N   1 
ATOM   441  C CA  . PRO A 1 55  ? -15.77702 1.65561   -3.16442  1.000 70.31483  ? 55  PRO A CA  1 
ATOM   442  C C   . PRO A 1 55  ? -15.45947 0.88048   -4.42892  1.000 67.21571  ? 55  PRO A C   1 
ATOM   443  O O   . PRO A 1 55  ? -14.42687 1.07409   -5.06950  1.000 75.62527  ? 55  PRO A O   1 
ATOM   444  C CB  . PRO A 1 55  ? -16.38654 3.01927   -3.52058  1.000 67.43564  ? 55  PRO A CB  1 
ATOM   445  C CG  . PRO A 1 55  ? -15.49739 4.06437   -2.96000  1.000 70.28998  ? 55  PRO A CG  1 
ATOM   446  C CD  . PRO A 1 55  ? -14.32003 3.44802   -2.30645  1.000 67.77177  ? 55  PRO A CD  1 
ATOM   447  N N   . GLY A 1 56  ? -16.38980 0.00399   -4.78996  1.000 75.85794  ? 56  GLY A N   1 
ATOM   448  C CA  . GLY A 1 56  ? -16.37329 -0.63276  -6.09804  1.000 76.14621  ? 56  GLY A CA  1 
ATOM   449  C C   . GLY A 1 56  ? -15.29649 -1.67527  -6.29649  1.000 74.55928  ? 56  GLY A C   1 
ATOM   450  O O   . GLY A 1 56  ? -14.74936 -1.79083  -7.40411  1.000 74.49434  ? 56  GLY A O   1 
ATOM   451  N N   . ARG A 1 57  ? -14.98940 -2.44775  -5.25512  1.000 73.91104  ? 57  ARG A N   1 
ATOM   452  C CA  . ARG A 1 57  ? -13.94427 -3.46195  -5.31197  1.000 67.84183  ? 57  ARG A CA  1 
ATOM   453  C C   . ARG A 1 57  ? -13.99299 -4.27851  -4.03156  1.000 63.98798  ? 57  ARG A C   1 
ATOM   454  O O   . ARG A 1 57  ? -14.51768 -3.83486  -3.00388  1.000 60.28431  ? 57  ARG A O   1 
ATOM   455  C CB  . ARG A 1 57  ? -12.55811 -2.83866  -5.46435  1.000 63.15221  ? 57  ARG A CB  1 
ATOM   456  C CG  . ARG A 1 57  ? -12.13589 -2.05071  -4.24884  1.000 62.81806  ? 57  ARG A CG  1 
ATOM   457  C CD  . ARG A 1 57  ? -11.12243 -1.01819  -4.66062  1.000 67.90937  ? 57  ARG A CD  1 
ATOM   458  N NE  . ARG A 1 57  ? -11.78527 0.26927   -4.81603  1.000 77.03225  ? 57  ARG A NE  1 
ATOM   459  C CZ  . ARG A 1 57  ? -11.15806 1.41573   -5.03250  1.000 71.06438  ? 57  ARG A CZ  1 
ATOM   460  N NH1 . ARG A 1 57  ? -9.85554  1.45813   -5.23143  1.000 63.80426  ? 57  ARG A NH1 1 
ATOM   461  N NH2 . ARG A 1 57  ? -11.85900 2.54682   -5.04488  1.000 77.57203  ? 57  ARG A NH2 1 
ATOM   462  N N   . LYS A 1 58  ? -13.41172 -5.46770  -4.09943  1.000 58.58949  ? 58  LYS A N   1 
ATOM   463  C CA  . LYS A 1 58  ? -13.36066 -6.31224  -2.92643  1.000 56.57001  ? 58  LYS A CA  1 
ATOM   464  C C   . LYS A 1 58  ? -12.32815 -5.76373  -1.94242  1.000 59.83493  ? 58  LYS A C   1 
ATOM   465  O O   . LYS A 1 58  ? -11.17421 -5.50216  -2.30750  1.000 52.77155  ? 58  LYS A O   1 
ATOM   466  C CB  . LYS A 1 58  ? -13.04020 -7.75342  -3.32785  1.000 59.28966  ? 58  LYS A CB  1 
ATOM   467  C CG  . LYS A 1 58  ? -13.36727 -8.77385  -2.23871  1.000 63.76356  ? 58  LYS A CG  1 
ATOM   468  C CD  . LYS A 1 58  ? -13.74374 -10.14357 -2.78302  1.000 74.27386  ? 58  LYS A CD  1 
ATOM   469  C CE  . LYS A 1 58  ? -14.29734 -11.03819 -1.65788  1.000 74.27374  ? 58  LYS A CE  1 
ATOM   470  N NZ  . LYS A 1 58  ? -13.97407 -12.49950 -1.83048  1.000 70.89917  ? 58  LYS A NZ  1 
ATOM   471  N N   . ASN A 1 59  ? -12.75511 -5.57471  -0.69695  1.000 54.86865  ? 59  ASN A N   1 
ATOM   472  C CA  . ASN A 1 59  ? -11.88150 -5.16694  0.39599   1.000 46.84331  ? 59  ASN A CA  1 
ATOM   473  C C   . ASN A 1 59  ? -11.69257 -6.39777  1.25992   1.000 51.00069  ? 59  ASN A C   1 
ATOM   474  O O   . ASN A 1 59  ? -12.67464 -6.96412  1.75789   1.000 48.08235  ? 59  ASN A O   1 
ATOM   475  C CB  . ASN A 1 59  ? -12.50314 -4.04654  1.23365   1.000 47.83460  ? 59  ASN A CB  1 
ATOM   476  C CG  . ASN A 1 59  ? -12.59205 -2.72105  0.49750   1.000 56.77898  ? 59  ASN A CG  1 
ATOM   477  O OD1 . ASN A 1 59  ? -12.13585 -1.70624  1.00829   1.000 54.52413  ? 59  ASN A OD1 1 
ATOM   478  N ND2 . ASN A 1 59  ? -13.19548 -2.71969  -0.69936  1.000 51.82275  ? 59  ASN A ND2 1 
ATOM   479  N N   . ILE A 1 60  ? -10.44770 -6.80941  1.43757   1.000 42.61358  ? 60  ILE A N   1 
ATOM   480  C CA  . ILE A 1 60  ? -10.10557 -7.96996  2.24187   1.000 42.33423  ? 60  ILE A CA  1 
ATOM   481  C C   . ILE A 1 60  ? -9.26554  -7.48193  3.41417   1.000 46.84062  ? 60  ILE A C   1 
ATOM   482  O O   . ILE A 1 60  ? -8.30197  -6.73208  3.21698   1.000 45.24527  ? 60  ILE A O   1 
ATOM   483  C CB  . ILE A 1 60  ? -9.33994  -9.00538  1.39723   1.000 43.06530  ? 60  ILE A CB  1 
ATOM   484  C CG1 . ILE A 1 60  ? -10.31335 -9.67361  0.41563   1.000 49.34529  ? 60  ILE A CG1 1 
ATOM   485  C CG2 . ILE A 1 60  ? -8.72963  -10.07208 2.26996   1.000 43.19471  ? 60  ILE A CG2 1 
ATOM   486  C CD1 . ILE A 1 60  ? -9.81957  -9.64981  -0.97343  1.000 54.17693  ? 60  ILE A CD1 1 
ATOM   487  N N   . ILE A 1 61  ? -9.63113  -7.89152  4.62453   1.000 49.86493  ? 61  ILE A N   1 
ATOM   488  C CA  . ILE A 1 61  ? -8.88748  -7.54842  5.83701   1.000 46.35051  ? 61  ILE A CA  1 
ATOM   489  C C   . ILE A 1 61  ? -8.18254  -8.80674  6.30336   1.000 50.25886  ? 61  ILE A C   1 
ATOM   490  O O   . ILE A 1 61  ? -8.83886  -9.81776  6.57724   1.000 49.32335  ? 61  ILE A O   1 
ATOM   491  C CB  . ILE A 1 61  ? -9.80213  -7.01086  6.95132   1.000 48.35952  ? 61  ILE A CB  1 
ATOM   492  C CG1 . ILE A 1 61  ? -10.89781 -6.10007  6.38554   1.000 42.42709  ? 61  ILE A CG1 1 
ATOM   493  C CG2 . ILE A 1 61  ? -8.97599  -6.32930  8.06821   1.000 51.16135  ? 61  ILE A CG2 1 
ATOM   494  C CD1 . ILE A 1 61  ? -10.42897 -4.92624  5.52454   1.000 48.43783  ? 61  ILE A CD1 1 
ATOM   495  N N   . LEU A 1 62  ? -6.85559  -8.74448  6.41917   1.000 42.68237  ? 62  LEU A N   1 
ATOM   496  C CA  . LEU A 1 62  ? -6.06789  -9.83713  6.97665   1.000 42.38046  ? 62  LEU A CA  1 
ATOM   497  C C   . LEU A 1 62  ? -5.85470  -9.58503  8.47784   1.000 51.60906  ? 62  LEU A C   1 
ATOM   498  O O   . LEU A 1 62  ? -5.27957  -8.56025  8.86806   1.000 54.42698  ? 62  LEU A O   1 
ATOM   499  C CB  . LEU A 1 62  ? -4.73725  -9.94563  6.23243   1.000 43.41380  ? 62  LEU A CB  1 
ATOM   500  C CG  . LEU A 1 62  ? -3.70266  -10.88862 6.84047   1.000 51.33624  ? 62  LEU A CG  1 
ATOM   501  C CD1 . LEU A 1 62  ? -4.14785  -12.34209 6.68783   1.000 55.55473  ? 62  LEU A CD1 1 
ATOM   502  C CD2 . LEU A 1 62  ? -2.36805  -10.68564 6.16798   1.000 47.43318  ? 62  LEU A CD2 1 
ATOM   503  N N   . SER A 1 63  ? -6.31045  -10.51269 9.31679   1.000 48.71578  ? 63  SER A N   1 
ATOM   504  C CA  . SER A 1 63  ? -6.33472  -10.32109 10.76772  1.000 52.05144  ? 63  SER A CA  1 
ATOM   505  C C   . SER A 1 63  ? -6.51675  -11.66565 11.45598  1.000 57.67407  ? 63  SER A C   1 
ATOM   506  O O   . SER A 1 63  ? -7.23748  -12.53021 10.95374  1.000 52.74510  ? 63  SER A O   1 
ATOM   507  C CB  . SER A 1 63  ? -7.48131  -9.39132  11.19104  1.000 53.14975  ? 63  SER A CB  1 
ATOM   508  O OG  . SER A 1 63  ? -7.56669  -9.29943  12.61166  1.000 61.78853  ? 63  SER A OG  1 
ATOM   509  N N   . SER A 1 64  ? -5.89690  -11.82048 12.63227  1.000 50.20254  ? 64  SER A N   1 
ATOM   510  C CA  . SER A 1 64  ? -6.12057  -13.02063 13.43553  1.000 57.21772  ? 64  SER A CA  1 
ATOM   511  C C   . SER A 1 64  ? -7.40886  -12.97729 14.25116  1.000 56.70395  ? 64  SER A C   1 
ATOM   512  O O   . SER A 1 64  ? -7.78213  -13.99520 14.83093  1.000 61.63498  ? 64  SER A O   1 
ATOM   513  C CB  . SER A 1 64  ? -4.97045  -13.23761 14.40838  1.000 55.42612  ? 64  SER A CB  1 
ATOM   514  O OG  . SER A 1 64  ? -4.98924  -12.19278 15.36983  1.000 61.16213  ? 64  SER A OG  1 
ATOM   515  N N   A GLN A 1 65  ? -8.08007  -11.81619 14.33620  0.541 62.05322  ? 65  GLN A N   1 
ATOM   516  N N   B GLN A 1 65  ? -8.06565  -11.88091 14.30188  0.459 61.99991  ? 65  GLN A N   1 
ATOM   517  C CA  A GLN A 1 65  ? -9.29975  -11.50812 15.06790  0.541 61.02791  ? 65  GLN A CA  1 
ATOM   518  C CA  B GLN A 1 65  ? -9.26007  -11.73309 15.10917  0.459 61.04056  ? 65  GLN A CA  1 
ATOM   519  C C   A GLN A 1 65  ? -10.52423 -11.77157 14.20079  0.541 62.91881  ? 65  GLN A C   1 
ATOM   520  C C   B GLN A 1 65  ? -10.50909 -11.77299 14.23026  0.459 62.90727  ? 65  GLN A C   1 
ATOM   521  O O   A GLN A 1 65  ? -10.48759 -11.56037 12.98273  0.541 60.28059  ? 65  GLN A O   1 
ATOM   522  O O   B GLN A 1 65  ? -10.46300 -11.41267 13.04883  0.459 60.31077  ? 65  GLN A O   1 
ATOM   523  C CB  A GLN A 1 65  ? -9.30903  -10.04331 15.50374  0.541 63.49268  ? 65  GLN A CB  1 
ATOM   524  C CB  B GLN A 1 65  ? -9.21000  -10.41441 15.89021  0.459 64.06248  ? 65  GLN A CB  1 
ATOM   525  C CG  A GLN A 1 65  ? -8.24110  -9.65201  16.51984  0.541 67.32824  ? 65  GLN A CG  1 
ATOM   526  C CG  B GLN A 1 65  ? -8.69337  -10.49138 17.35337  0.459 66.68593  ? 65  GLN A CG  1 
ATOM   527  C CD  A GLN A 1 65  ? -8.51174  -8.29293  17.15873  0.541 69.29061  ? 65  GLN A CD  1 
ATOM   528  C CD  B GLN A 1 65  ? -8.31332  -11.88898 17.82763  0.459 66.15343  ? 65  GLN A CD  1 
ATOM   529  O OE1 A GLN A 1 65  ? -9.49296  -7.61645  16.83309  0.541 65.74288  ? 65  GLN A OE1 1 
ATOM   530  O OE1 B GLN A 1 65  ? -7.23478  -12.39406 17.51410  0.459 68.32513  ? 65  GLN A OE1 1 
ATOM   531  N NE2 A GLN A 1 65  ? -7.64067  -7.89252  18.07840  0.541 73.41503  ? 65  GLN A NE2 1 
ATOM   532  N NE2 B GLN A 1 65  ? -9.19339  -12.50938 18.61026  0.459 64.29997  ? 65  GLN A NE2 1 
ATOM   533  N N   . PRO A 1 66  ? -11.63606 -12.21320 14.78390  1.000 63.18314  ? 66  PRO A N   1 
ATOM   534  C CA  . PRO A 1 66  ? -12.84763 -12.38053 13.97431  1.000 63.01011  ? 66  PRO A CA  1 
ATOM   535  C C   . PRO A 1 66  ? -13.37284 -11.04389 13.47808  1.000 59.70395  ? 66  PRO A C   1 
ATOM   536  O O   . PRO A 1 66  ? -13.23012 -10.01131 14.13016  1.000 59.80264  ? 66  PRO A O   1 
ATOM   537  C CB  . PRO A 1 66  ? -13.83557 -13.05562 14.93536  1.000 62.46176  ? 66  PRO A CB  1 
ATOM   538  C CG  . PRO A 1 66  ? -13.29628 -12.78326 16.29937  1.000 67.72960  ? 66  PRO A CG  1 
ATOM   539  C CD  . PRO A 1 66  ? -11.81911 -12.65202 16.18067  1.000 63.50291  ? 66  PRO A CD  1 
ATOM   540  N N   . GLY A 1 67  ? -13.98141 -11.07762 12.29882  1.000 60.65916  ? 67  GLY A N   1 
ATOM   541  C CA  . GLY A 1 67  ? -14.43545 -9.85758  11.66628  1.000 59.11283  ? 67  GLY A CA  1 
ATOM   542  C C   . GLY A 1 67  ? -15.57239 -9.19375  12.41901  1.000 63.63179  ? 67  GLY A C   1 
ATOM   543  O O   . GLY A 1 67  ? -16.31770 -9.83009  13.16025  1.000 67.49766  ? 67  GLY A O   1 
ATOM   544  N N   . THR A 1 68  ? -15.70233 -7.87170  12.21377  1.000 51.54559  ? 68  THR A N   1 
ATOM   545  C CA  . THR A 1 68  ? -16.70523 -7.05464  12.88911  1.000 52.68520  ? 68  THR A CA  1 
ATOM   546  C C   . THR A 1 68  ? -17.43358 -6.12827  11.92641  1.000 58.71753  ? 68  THR A C   1 
ATOM   547  O O   . THR A 1 68  ? -18.07212 -5.15913  12.35138  1.000 60.28266  ? 68  THR A O   1 
ATOM   548  C CB  . THR A 1 68  ? -16.05977 -6.25645  14.02563  1.000 64.39749  ? 68  THR A CB  1 
ATOM   549  O OG1 . THR A 1 68  ? -14.96564 -5.47920  13.50780  1.000 61.37537  ? 68  THR A OG1 1 
ATOM   550  C CG2 . THR A 1 68  ? -15.57703 -7.17828  15.13578  1.000 60.32278  ? 68  THR A CG2 1 
ATOM   551  N N   . ASP A 1 69  ? -17.38210 -6.42128  10.63634  1.000 52.63522  ? 69  ASP A N   1 
ATOM   552  C CA  . ASP A 1 69  ? -18.05588 -5.59029  9.65341   1.000 50.10806  ? 69  ASP A CA  1 
ATOM   553  C C   . ASP A 1 69  ? -18.27713 -6.47668  8.44974   1.000 55.53536  ? 69  ASP A C   1 
ATOM   554  O O   . ASP A 1 69  ? -17.32403 -7.07628  7.94642   1.000 59.58933  ? 69  ASP A O   1 
ATOM   555  C CB  . ASP A 1 69  ? -17.20729 -4.36780  9.28423   1.000 50.64702  ? 69  ASP A CB  1 
ATOM   556  C CG  . ASP A 1 69  ? -17.96288 -3.35335  8.45614   1.000 50.74315  ? 69  ASP A CG  1 
ATOM   557  O OD1 . ASP A 1 69  ? -18.53828 -3.71114  7.40416   1.000 54.16652  ? 69  ASP A OD1 1 
ATOM   558  O OD2 . ASP A 1 69  ? -17.95930 -2.17023  8.84372   1.000 51.32157  ? 69  ASP A OD2 1 
ATOM   559  N N   . ASP A 1 70  ? -19.51526 -6.56473  8.00143   1.000 54.94251  ? 70  ASP A N   1 
ATOM   560  C CA  . ASP A 1 70  ? -19.86855 -7.51200  6.96011   1.000 60.75445  ? 70  ASP A CA  1 
ATOM   561  C C   . ASP A 1 70  ? -19.73842 -6.91445  5.57516   1.000 54.77312  ? 70  ASP A C   1 
ATOM   562  O O   . ASP A 1 70  ? -20.02042 -7.59498  4.59138   1.000 56.34769  ? 70  ASP A O   1 
ATOM   563  C CB  . ASP A 1 70  ? -21.29202 -8.04064  7.20842   1.000 58.43289  ? 70  ASP A CB  1 
ATOM   564  C CG  . ASP A 1 70  ? -22.36263 -6.95523  7.09457   1.000 64.28491  ? 70  ASP A CG  1 
ATOM   565  O OD1 . ASP A 1 70  ? -23.40960 -7.10246  7.78736   1.000 91.03158  ? 70  ASP A OD1 1 
ATOM   566  O OD2 . ASP A 1 70  ? -22.21475 -5.98206  6.32961   1.000 72.60213  ? 70  ASP A OD2 1 
ATOM   567  N N   . ARG A 1 71  ? -19.33819 -5.65466  5.47684   1.000 52.17697  ? 71  ARG A N   1 
ATOM   568  C CA  . ARG A 1 71  ? -19.12786 -5.05299  4.16904   1.000 58.00639  ? 71  ARG A CA  1 
ATOM   569  C C   . ARG A 1 71  ? -17.79272 -5.43835  3.55996   1.000 53.81612  ? 71  ARG A C   1 
ATOM   570  O O   . ARG A 1 71  ? -17.52267 -5.08757  2.41014   1.000 59.62230  ? 71  ARG A O   1 
ATOM   571  C CB  . ARG A 1 71  ? -19.22075 -3.53254  4.26890   1.000 53.06002  ? 71  ARG A CB  1 
ATOM   572  C CG  . ARG A 1 71  ? -20.63341 -3.03168  4.55033   1.000 50.62052  ? 71  ARG A CG  1 
ATOM   573  C CD  . ARG A 1 71  ? -20.58645 -1.52863  4.92397   1.000 55.29120  ? 71  ARG A CD  1 
ATOM   574  N NE  . ARG A 1 71  ? -19.68314 -1.28175  6.04701   1.000 53.37410  ? 71  ARG A NE  1 
ATOM   575  C CZ  . ARG A 1 71  ? -19.28185 -0.07754  6.43932   1.000 56.51236  ? 71  ARG A CZ  1 
ATOM   576  N NH1 . ARG A 1 71  ? -19.67682 1.02221   5.81201   1.000 49.49720  ? 71  ARG A NH1 1 
ATOM   577  N NH2 . ARG A 1 71  ? -18.46774 0.02513   7.49211   1.000 50.03606  ? 71  ARG A NH2 1 
ATOM   578  N N   . VAL A 1 72  ? -16.94917 -6.14776  4.29060   1.000 47.72690  ? 72  VAL A N   1 
ATOM   579  C CA  . VAL A 1 72  ? -15.64854 -6.52974  3.77956   1.000 51.05673  ? 72  VAL A CA  1 
ATOM   580  C C   . VAL A 1 72  ? -15.44639 -7.99644  4.09705   1.000 53.69603  ? 72  VAL A C   1 
ATOM   581  O O   . VAL A 1 72  ? -16.22242 -8.60382  4.83581   1.000 52.14728  ? 72  VAL A O   1 
ATOM   582  C CB  . VAL A 1 72  ? -14.52761 -5.67048  4.38291   1.000 47.60190  ? 72  VAL A CB  1 
ATOM   583  C CG1 . VAL A 1 72  ? -14.78846 -4.21065  4.02674   1.000 51.09066  ? 72  VAL A CG1 1 
ATOM   584  C CG2 . VAL A 1 72  ? -14.46369 -5.88038  5.88271   1.000 45.76157  ? 72  VAL A CG2 1 
ATOM   585  N N   . THR A 1 73  ? -14.37993 -8.55956  3.54117   1.000 50.62890  ? 73  THR A N   1 
ATOM   586  C CA  . THR A 1 73  ? -14.03852 -9.96107  3.74502   1.000 48.55835  ? 73  THR A CA  1 
ATOM   587  C C   . THR A 1 73  ? -12.87504 -10.07343 4.71055   1.000 53.03027  ? 73  THR A C   1 
ATOM   588  O O   . THR A 1 73  ? -11.83552 -9.43563  4.51109   1.000 53.84069  ? 73  THR A O   1 
ATOM   589  C CB  . THR A 1 73  ? -13.65881 -10.62540 2.42604   1.000 54.68764  ? 73  THR A CB  1 
ATOM   590  O OG1 . THR A 1 73  ? -14.77263 -10.55547 1.53980   1.000 51.87179  ? 73  THR A OG1 1 
ATOM   591  C CG2 . THR A 1 73  ? -13.25319 -12.07208 2.65136   1.000 49.54943  ? 73  THR A CG2 1 
ATOM   592  N N   . TRP A 1 74  ? -13.03368 -10.91034 5.72739   1.000 49.18375  ? 74  TRP A N   1 
ATOM   593  C CA  . TRP A 1 74  ? -12.02628 -11.09655 6.75802   1.000 48.98371  ? 74  TRP A CA  1 
ATOM   594  C C   . TRP A 1 74  ? -11.34876 -12.43723 6.52319   1.000 52.65066  ? 74  TRP A C   1 
ATOM   595  O O   . TRP A 1 74  ? -12.02442 -13.43965 6.26405   1.000 52.43127  ? 74  TRP A O   1 
ATOM   596  C CB  . TRP A 1 74  ? -12.66695 -11.04344 8.14760   1.000 47.24395  ? 74  TRP A CB  1 
ATOM   597  C CG  . TRP A 1 74  ? -13.27920 -9.69663  8.46099   1.000 47.22415  ? 74  TRP A CG  1 
ATOM   598  C CD1 . TRP A 1 74  ? -14.47543 -9.20740  8.01494   1.000 48.46058  ? 74  TRP A CD1 1 
ATOM   599  C CD2 . TRP A 1 74  ? -12.70533 -8.67204  9.29222   1.000 47.57586  ? 74  TRP A CD2 1 
ATOM   600  N NE1 . TRP A 1 74  ? -14.69469 -7.92938  8.53445   1.000 50.35591  ? 74  TRP A NE1 1 
ATOM   601  C CE2 . TRP A 1 74  ? -13.61819 -7.58664  9.31974   1.000 49.18139  ? 74  TRP A CE2 1 
ATOM   602  C CE3 . TRP A 1 74  ? -11.52015 -8.58519  10.04695  1.000 48.98281  ? 74  TRP A CE3 1 
ATOM   603  C CZ2 . TRP A 1 74  ? -13.37348 -6.41898  10.05531  1.000 47.78221  ? 74  TRP A CZ2 1 
ATOM   604  C CZ3 . TRP A 1 74  ? -11.27846 -7.42164  10.78361  1.000 48.94981  ? 74  TRP A CZ3 1 
ATOM   605  C CH2 . TRP A 1 74  ? -12.20597 -6.35432  10.78216  1.000 47.27955  ? 74  TRP A CH2 1 
ATOM   606  N N   . VAL A 1 75  ? -10.01862 -12.46546 6.58097   1.000 44.15366  ? 75  VAL A N   1 
ATOM   607  C CA  . VAL A 1 75  ? -9.28891  -13.72067 6.45076   1.000 41.44007  ? 75  VAL A CA  1 
ATOM   608  C C   . VAL A 1 75  ? -8.14711  -13.73137 7.45172   1.000 51.11009  ? 75  VAL A C   1 
ATOM   609  O O   . VAL A 1 75  ? -7.78717  -12.70836 8.03556   1.000 48.30596  ? 75  VAL A O   1 
ATOM   610  C CB  . VAL A 1 75  ? -8.76044  -13.93984 5.02697   1.000 46.41691  ? 75  VAL A CB  1 
ATOM   611  C CG1 . VAL A 1 75  ? -9.93836  -13.88525 4.04621   1.000 47.83335  ? 75  VAL A CG1 1 
ATOM   612  C CG2 . VAL A 1 75  ? -7.72559  -12.86762 4.70049   1.000 46.84602  ? 75  VAL A CG2 1 
ATOM   613  N N   . LYS A 1 76  ? -7.56556  -14.90924 7.62225   1.000 47.81499  ? 76  LYS A N   1 
ATOM   614  C CA  . LYS A 1 76  ? -6.60013  -15.15131 8.67068   1.000 49.70217  ? 76  LYS A CA  1 
ATOM   615  C C   . LYS A 1 76  ? -5.20358  -15.43107 8.14586   1.000 55.71744  ? 76  LYS A C   1 
ATOM   616  O O   . LYS A 1 76  ? -4.24761  -15.37703 8.92830   1.000 57.42817  ? 76  LYS A O   1 
ATOM   617  C CB  . LYS A 1 76  ? -7.07770  -16.32935 9.53803   1.000 55.82299  ? 76  LYS A CB  1 
ATOM   618  C CG  . LYS A 1 76  ? -8.03435  -15.86307 10.63440  1.000 61.52402  ? 76  LYS A CG  1 
ATOM   619  C CD  . LYS A 1 76  ? -8.19527  -16.85335 11.77173  1.000 69.53776  ? 76  LYS A CD  1 
ATOM   620  C CE  . LYS A 1 76  ? -9.56411  -16.70586 12.42431  1.000 82.62687  ? 76  LYS A CE  1 
ATOM   621  N NZ  . LYS A 1 76  ? -9.89719  -17.91121 13.24814  1.000 97.35229  ? 76  LYS A NZ  1 
ATOM   622  N N   . SER A 1 77  ? -5.04604  -15.72314 6.85417   1.000 44.64187  ? 77  SER A N   1 
ATOM   623  C CA  . SER A 1 77  ? -3.72791  -16.02799 6.33071   1.000 50.19097  ? 77  SER A CA  1 
ATOM   624  C C   . SER A 1 77  ? -3.53382  -15.30270 5.02031   1.000 46.99626  ? 77  SER A C   1 
ATOM   625  O O   . SER A 1 77  ? -4.48809  -14.83727 4.39591   1.000 49.82593  ? 77  SER A O   1 
ATOM   626  C CB  . SER A 1 77  ? -3.53296  -17.53181 6.10110   1.000 55.21102  ? 77  SER A CB  1 
ATOM   627  O OG  . SER A 1 77  ? -4.22407  -17.91229 4.91017   1.000 52.48110  ? 77  SER A OG  1 
ATOM   628  N N   . VAL A 1 78  ? -2.27275  -15.26214 4.58641   1.000 50.43332  ? 78  VAL A N   1 
ATOM   629  C CA  . VAL A 1 78  ? -1.93554  -14.66668 3.29641   1.000 47.81689  ? 78  VAL A CA  1 
ATOM   630  C C   . VAL A 1 78  ? -2.60652  -15.43853 2.15648   1.000 50.23753  ? 78  VAL A C   1 
ATOM   631  O O   . VAL A 1 78  ? -3.15242  -14.84679 1.21356   1.000 49.53141  ? 78  VAL A O   1 
ATOM   632  C CB  . VAL A 1 78  ? -0.40499  -14.62814 3.12693   1.000 56.95792  ? 78  VAL A CB  1 
ATOM   633  C CG1 . VAL A 1 78  ? -0.03119  -14.35154 1.68010   1.000 49.22183  ? 78  VAL A CG1 1 
ATOM   634  C CG2 . VAL A 1 78  ? 0.22897   -13.59478 4.08312   1.000 51.57764  ? 78  VAL A CG2 1 
ATOM   635  N N   . ASP A 1 79  ? -2.54994  -16.77328 2.19898   1.000 49.51977  ? 79  ASP A N   1 
ATOM   636  C CA  . ASP A 1 79  ? -3.12015  -17.53569 1.07887   1.000 50.24249  ? 79  ASP A CA  1 
ATOM   637  C C   . ASP A 1 79  ? -4.63445  -17.36511 1.01708   1.000 46.20341  ? 79  ASP A C   1 
ATOM   638  O O   . ASP A 1 79  ? -5.21750  -17.23611 -0.06610  1.000 50.66741  ? 79  ASP A O   1 
ATOM   639  C CB  . ASP A 1 79  ? -2.75279  -19.00938 1.19438   1.000 49.71680  ? 79  ASP A CB  1 
ATOM   640  C CG  . ASP A 1 79  ? -1.27798  -19.25095 0.96748   1.000 62.89928  ? 79  ASP A CG  1 
ATOM   641  O OD1 . ASP A 1 79  ? -0.61827  -18.35751 0.39364   1.000 66.99535  ? 79  ASP A OD1 1 
ATOM   642  O OD2 . ASP A 1 79  ? -0.77768  -20.32712 1.35584   1.000 64.48356  ? 79  ASP A OD2 1 
ATOM   643  N N   . GLU A 1 80  ? -5.28392  -17.30575 2.17171   1.000 44.35941  ? 80  GLU A N   1 
ATOM   644  C CA  . GLU A 1 80  ? -6.70848  -17.02193 2.16476   1.000 44.84623  ? 80  GLU A CA  1 
ATOM   645  C C   . GLU A 1 80  ? -6.98732  -15.66500 1.55455   1.000 47.27136  ? 80  GLU A C   1 
ATOM   646  O O   . GLU A 1 80  ? -7.93039  -15.51830 0.76153   1.000 47.88107  ? 80  GLU A O   1 
ATOM   647  C CB  . GLU A 1 80  ? -7.26784  -17.12356 3.58479   1.000 43.05986  ? 80  GLU A CB  1 
ATOM   648  C CG  . GLU A 1 80  ? -7.20672  -18.54128 4.09805   1.000 43.11308  ? 80  GLU A CG  1 
ATOM   649  C CD  . GLU A 1 80  ? -7.55459  -18.63586 5.56963   1.000 49.25565  ? 80  GLU A CD  1 
ATOM   650  O OE1 . GLU A 1 80  ? -7.60166  -17.57967 6.26722   1.000 50.67938  ? 80  GLU A OE1 1 
ATOM   651  O OE2 . GLU A 1 80  ? -7.75659  -19.77461 6.03424   1.000 53.78254  ? 80  GLU A OE2 1 
ATOM   652  N N   . ALA A 1 81  ? -6.16054  -14.65953 1.88731   1.000 45.37720  ? 81  ALA A N   1 
ATOM   653  C CA  . ALA A 1 81  ? -6.37517  -13.32668 1.32184   1.000 46.46078  ? 81  ALA A CA  1 
ATOM   654  C C   . ALA A 1 81  ? -6.21217  -13.34717 -0.19442  1.000 47.43991  ? 81  ALA A C   1 
ATOM   655  O O   . ALA A 1 81  ? -7.01620  -12.75911 -0.93593  1.000 46.37414  ? 81  ALA A O   1 
ATOM   656  C CB  . ALA A 1 81  ? -5.40197  -12.31787 1.95722   1.000 45.99976  ? 81  ALA A CB  1 
ATOM   657  N N   . ILE A 1 82  ? -5.18365  -14.02834 -0.68284  1.000 44.43328  ? 82  ILE A N   1 
ATOM   658  C CA  . ILE A 1 82  ? -4.99481  -14.09747 -2.13290  1.000 43.03619  ? 82  ILE A CA  1 
ATOM   659  C C   . ILE A 1 82  ? -6.17290  -14.81991 -2.79697  1.000 50.24746  ? 82  ILE A C   1 
ATOM   660  O O   . ILE A 1 82  ? -6.71224  -14.36573 -3.81837  1.000 47.76763  ? 82  ILE A O   1 
ATOM   661  C CB  . ILE A 1 82  ? -3.66687  -14.79698 -2.45191  1.000 51.28353  ? 82  ILE A CB  1 
ATOM   662  C CG1 . ILE A 1 82  ? -2.48104  -13.96485 -1.92391  1.000 52.09243  ? 82  ILE A CG1 1 
ATOM   663  C CG2 . ILE A 1 82  ? -3.57338  -15.01611 -3.93169  1.000 50.50956  ? 82  ILE A CG2 1 
ATOM   664  C CD1 . ILE A 1 82  ? -1.14800  -14.71542 -1.98024  1.000 48.54700  ? 82  ILE A CD1 1 
ATOM   665  N N   . ALA A 1 83  ? -6.57809  -15.97312 -2.24086  1.000 49.08558  ? 83  ALA A N   1 
ATOM   666  C CA  . ALA A 1 83  ? -7.65126  -16.74077 -2.88792  1.000 47.31817  ? 83  ALA A CA  1 
ATOM   667  C C   . ALA A 1 83  ? -8.94297  -15.94822 -2.90767  1.000 49.29397  ? 83  ALA A C   1 
ATOM   668  O O   . ALA A 1 83  ? -9.72067  -16.04986 -3.86449  1.000 54.31013  ? 83  ALA A O   1 
ATOM   669  C CB  . ALA A 1 83  ? -7.85938  -18.09817 -2.18667  1.000 44.13308  ? 83  ALA A CB  1 
ATOM   670  N N   . ALA A 1 84  ? -9.16953  -15.10994 -1.89266  1.000 50.04928  ? 84  ALA A N   1 
ATOM   671  C CA  . ALA A 1 84  ? -10.41219 -14.33849 -1.82689  1.000 52.17815  ? 84  ALA A CA  1 
ATOM   672  C C   . ALA A 1 84  ? -10.50256 -13.26329 -2.90854  1.000 53.50462  ? 84  ALA A C   1 
ATOM   673  O O   . ALA A 1 84  ? -11.58728 -12.71586 -3.12789  1.000 51.38401  ? 84  ALA A O   1 
ATOM   674  C CB  . ALA A 1 84  ? -10.57030 -13.70192 -0.44010  1.000 48.33291  ? 84  ALA A CB  1 
ATOM   675  N N   . CYS A 1 85  ? -9.40119  -12.93763 -3.57573  1.000 52.12748  ? 85  CYS A N   1 
ATOM   676  C CA  . CYS A 1 85  ? -9.43782  -11.97530 -4.67338  1.000 53.31311  ? 85  CYS A CA  1 
ATOM   677  C C   . CYS A 1 85  ? -9.88378  -12.60213 -5.99009  1.000 60.08228  ? 85  CYS A C   1 
ATOM   678  O O   . CYS A 1 85  ? -10.17411 -11.86475 -6.93831  1.000 55.75982  ? 85  CYS A O   1 
ATOM   679  C CB  . CYS A 1 85  ? -8.05363  -11.33779 -4.86187  1.000 50.02176  ? 85  CYS A CB  1 
ATOM   680  S SG  . CYS A 1 85  ? -7.46378  -10.42886 -3.39949  1.000 56.99472  ? 85  CYS A SG  1 
ATOM   681  N N   . GLY A 1 86  ? -9.93068  -13.93673 -6.07455  1.000 60.10868  ? 86  GLY A N   1 
ATOM   682  C CA  . GLY A 1 86  ? -10.39744 -14.56866 -7.29062  1.000 60.59296  ? 86  GLY A CA  1 
ATOM   683  C C   . GLY A 1 86  ? -9.37411  -14.42706 -8.40324  1.000 65.92252  ? 86  GLY A C   1 
ATOM   684  O O   . GLY A 1 86  ? -8.19407  -14.13706 -8.17638  1.000 61.25357  ? 86  GLY A O   1 
ATOM   685  N N   . ASP A 1 87  ? -9.84615  -14.62910 -9.63224  1.000 66.62646  ? 87  ASP A N   1 
ATOM   686  C CA  . ASP A 1 87  ? -8.97224  -14.59283 -10.80284 1.000 69.90494  ? 87  ASP A CA  1 
ATOM   687  C C   . ASP A 1 87  ? -9.02642  -13.16587 -11.33912 1.000 70.68422  ? 87  ASP A C   1 
ATOM   688  O O   . ASP A 1 87  ? -10.01640 -12.75584 -11.95216 1.000 72.51496  ? 87  ASP A O   1 
ATOM   689  C CB  . ASP A 1 87  ? -9.41419  -15.63125 -11.82974 1.000 76.68617  ? 87  ASP A CB  1 
ATOM   690  C CG  . ASP A 1 87  ? -8.54186  -15.64977 -13.07518 1.000 87.64440  ? 87  ASP A CG  1 
ATOM   691  O OD1 . ASP A 1 87  ? -8.36603  -16.74615 -13.64722 1.000 99.44700  ? 87  ASP A OD1 1 
ATOM   692  O OD2 . ASP A 1 87  ? -8.02577  -14.59194 -13.48835 1.000 90.64442  ? 87  ASP A OD2 1 
ATOM   693  N N   . VAL A 1 88  ? -7.96823  -12.39979 -11.08831 1.000 59.40608  ? 88  VAL A N   1 
ATOM   694  C CA  . VAL A 1 88  ? -7.90259  -10.98884 -11.46927 1.000 52.27467  ? 88  VAL A CA  1 
ATOM   695  C C   . VAL A 1 88  ? -6.47872  -10.67976 -11.90542 1.000 49.11016  ? 88  VAL A C   1 
ATOM   696  O O   . VAL A 1 88  ? -5.53234  -11.36576 -11.50231 1.000 57.24089  ? 88  VAL A O   1 
ATOM   697  C CB  . VAL A 1 88  ? -8.32012  -10.05379 -10.30806 1.000 51.96381  ? 88  VAL A CB  1 
ATOM   698  C CG1 . VAL A 1 88  ? -9.77807  -10.25210 -9.93143  1.000 55.78824  ? 88  VAL A CG1 1 
ATOM   699  C CG2 . VAL A 1 88  ? -7.42649  -10.27055 -9.08325  1.000 53.75168  ? 88  VAL A CG2 1 
ATOM   700  N N   . PRO A 1 89  ? -6.29181  -9.64779  -12.73440 1.000 51.00706  ? 89  PRO A N   1 
ATOM   701  C CA  . PRO A 1 89  ? -4.92589  -9.34539  -13.18841 1.000 54.97525  ? 89  PRO A CA  1 
ATOM   702  C C   . PRO A 1 89  ? -4.01056  -8.84882  -12.07001 1.000 64.06345  ? 89  PRO A C   1 
ATOM   703  O O   . PRO A 1 89  ? -2.80761  -9.16432  -12.08654 1.000 55.61065  ? 89  PRO A O   1 
ATOM   704  C CB  . PRO A 1 89  ? -5.13311  -8.26363  -14.26385 1.000 55.65787  ? 89  PRO A CB  1 
ATOM   705  C CG  . PRO A 1 89  ? -6.62643  -8.17349  -14.48777 1.000 56.86896  ? 89  PRO A CG  1 
ATOM   706  C CD  . PRO A 1 89  ? -7.26068  -8.64532  -13.21659 1.000 50.71300  ? 89  PRO A CD  1 
ATOM   707  N N   . GLU A 1 90  ? -4.53427  -8.08766  -11.09839 1.000 55.33431  ? 90  GLU A N   1 
ATOM   708  C CA  . GLU A 1 90  ? -3.65541  -7.43777  -10.12332 1.000 51.45187  ? 90  GLU A CA  1 
ATOM   709  C C   . GLU A 1 90  ? -4.33841  -7.28317  -8.77506  1.000 47.91230  ? 90  GLU A C   1 
ATOM   710  O O   . GLU A 1 90  ? -5.44013  -6.75026  -8.71236  1.000 46.85972  ? 90  GLU A O   1 
ATOM   711  C CB  . GLU A 1 90  ? -3.22383  -6.05637  -10.61451 1.000 51.49850  ? 90  GLU A CB  1 
ATOM   712  C CG  . GLU A 1 90  ? -2.08976  -5.46059  -9.77047  1.000 53.82740  ? 90  GLU A CG  1 
ATOM   713  C CD  . GLU A 1 90  ? -1.55198  -4.16767  -10.35331 1.000 56.97362  ? 90  GLU A CD  1 
ATOM   714  O OE1 . GLU A 1 90  ? -2.25374  -3.54532  -11.18669 1.000 58.02433  ? 90  GLU A OE1 1 
ATOM   715  O OE2 . GLU A 1 90  ? -0.43383  -3.76011  -9.97091  1.000 54.05772  ? 90  GLU A OE2 1 
ATOM   716  N N   . ILE A 1 91  ? -3.65267  -7.69204  -7.70798  1.000 47.37156  ? 91  ILE A N   1 
ATOM   717  C CA  . ILE A 1 91  ? -4.09373  -7.51485  -6.32581  1.000 47.68360  ? 91  ILE A CA  1 
ATOM   718  C C   . ILE A 1 91  ? -3.25280  -6.40595  -5.68372  1.000 49.26038  ? 91  ILE A C   1 
ATOM   719  O O   . ILE A 1 91  ? -2.01919  -6.43047  -5.76083  1.000 45.33742  ? 91  ILE A O   1 
ATOM   720  C CB  . ILE A 1 91  ? -3.95367  -8.83556  -5.54999  1.000 48.54013  ? 91  ILE A CB  1 
ATOM   721  C CG1 . ILE A 1 91  ? -4.91192  -9.90238  -6.09124  1.000 47.05402  ? 91  ILE A CG1 1 
ATOM   722  C CG2 . ILE A 1 91  ? -4.21222  -8.65719  -4.07955  1.000 49.94422  ? 91  ILE A CG2 1 
ATOM   723  C CD1 . ILE A 1 91  ? -4.48179  -11.28175 -5.63667  1.000 50.42810  ? 91  ILE A CD1 1 
ATOM   724  N N   . MET A 1 92  ? -3.91408  -5.43649  -5.04969  1.000 49.01811  ? 92  MET A N   1 
ATOM   725  C CA  . MET A 1 92  ? -3.25013  -4.29605  -4.40314  1.000 43.44214  ? 92  MET A CA  1 
ATOM   726  C C   . MET A 1 92  ? -3.21573  -4.48183  -2.88306  1.000 49.00621  ? 92  MET A C   1 
ATOM   727  O O   . MET A 1 92  ? -4.26659  -4.60364  -2.23546  1.000 48.30040  ? 92  MET A O   1 
ATOM   728  C CB  . MET A 1 92  ? -3.96149  -2.99191  -4.76768  1.000 41.84305  ? 92  MET A CB  1 
ATOM   729  C CG  . MET A 1 92  ? -4.07372  -2.60889  -6.27119  1.000 44.09182  ? 92  MET A CG  1 
ATOM   730  S SD  . MET A 1 92  ? -2.46562  -2.74971  -7.14431  1.000 48.74151  ? 92  MET A SD  1 
ATOM   731  C CE  . MET A 1 92  ? -1.81813  -1.17695  -6.59398  1.000 43.30746  ? 92  MET A CE  1 
ATOM   732  N N   . VAL A 1 93  ? -2.01581  -4.51946  -2.31713  1.000 44.73449  ? 93  VAL A N   1 
ATOM   733  C CA  . VAL A 1 93  ? -1.81634  -4.59843  -0.86749  1.000 41.79752  ? 93  VAL A CA  1 
ATOM   734  C C   . VAL A 1 93  ? -1.56024  -3.17893  -0.37112  1.000 44.52705  ? 93  VAL A C   1 
ATOM   735  O O   . VAL A 1 93  ? -0.58670  -2.53985  -0.80298  1.000 47.20609  ? 93  VAL A O   1 
ATOM   736  C CB  . VAL A 1 93  ? -0.64443  -5.53458  -0.53396  1.000 43.29415  ? 93  VAL A CB  1 
ATOM   737  C CG1 . VAL A 1 93  ? -0.36161  -5.55354  0.98126   1.000 43.85621  ? 93  VAL A CG1 1 
ATOM   738  C CG2 . VAL A 1 93  ? -0.92962  -6.94089  -1.03735  1.000 43.08354  ? 93  VAL A CG2 1 
ATOM   739  N N   . ILE A 1 94  ? -2.43552  -2.65140  0.49155   1.000 45.71500  ? 94  ILE A N   1 
ATOM   740  C CA  . ILE A 1 94  ? -2.43124  -1.21344  0.76786   1.000 43.15754  ? 94  ILE A CA  1 
ATOM   741  C C   . ILE A 1 94  ? -1.98576  -0.87591  2.20184   1.000 52.61027  ? 94  ILE A C   1 
ATOM   742  O O   . ILE A 1 94  ? -2.20323  0.25425   2.64556   1.000 49.01517  ? 94  ILE A O   1 
ATOM   743  C CB  . ILE A 1 94  ? -3.79818  -0.57891  0.45185   1.000 44.76155  ? 94  ILE A CB  1 
ATOM   744  C CG1 . ILE A 1 94  ? -4.86325  -1.07127  1.45357   1.000 45.83369  ? 94  ILE A CG1 1 
ATOM   745  C CG2 . ILE A 1 94  ? -4.18383  -0.82935  -1.05712  1.000 47.54363  ? 94  ILE A CG2 1 
ATOM   746  C CD1 . ILE A 1 94  ? -6.26048  -0.47247  1.26568   1.000 48.62285  ? 94  ILE A CD1 1 
ATOM   747  N N   . GLY A 1 95  ? -1.36007  -1.80018  2.93104   1.000 52.58459  ? 95  GLY A N   1 
ATOM   748  C CA  . GLY A 1 95  ? -0.85859  -1.54297  4.27227   1.000 49.13481  ? 95  GLY A CA  1 
ATOM   749  C C   . GLY A 1 95  ? -1.57205  -2.37362  5.34121   1.000 59.03377  ? 95  GLY A C   1 
ATOM   750  O O   . GLY A 1 95  ? -2.60623  -2.99770  5.10875   1.000 55.15130  ? 95  GLY A O   1 
ATOM   751  N N   . GLY A 1 96  ? -1.01739  -2.35063  6.55698   1.000 56.31455  ? 96  GLY A N   1 
ATOM   752  C CA  . GLY A 1 96  ? 0.09830   -1.50155  6.91063   1.000 55.20208  ? 96  GLY A CA  1 
ATOM   753  C C   . GLY A 1 96  ? 1.39659   -2.26439  6.97473   1.000 50.96652  ? 96  GLY A C   1 
ATOM   754  O O   . GLY A 1 96  ? 1.62381   -3.22714  6.22314   1.000 52.61167  ? 96  GLY A O   1 
ATOM   755  N N   . GLY A 1 97  ? 2.26052   -1.83619  7.88828   1.000 54.64624  ? 97  GLY A N   1 
ATOM   756  C CA  . GLY A 1 97  ? 3.61842   -2.35264  7.91186   1.000 43.91285  ? 97  GLY A CA  1 
ATOM   757  C C   . GLY A 1 97  ? 3.70058   -3.85882  8.01084   1.000 50.57225  ? 97  GLY A C   1 
ATOM   758  O O   . GLY A 1 97  ? 4.51079   -4.49103  7.32449   1.000 53.53700  ? 97  GLY A O   1 
ATOM   759  N N   A ARG A 1 98  ? 2.87291   -4.46381  8.86853   0.521 51.97278  ? 98  ARG A N   1 
ATOM   760  N N   B ARG A 1 98  ? 2.88004   -4.45585  8.87972   0.479 52.04173  ? 98  ARG A N   1 
ATOM   761  C CA  A ARG A 1 98  ? 2.93308   -5.91517  9.01555   0.521 52.22211  ? 98  ARG A CA  1 
ATOM   762  C CA  B ARG A 1 98  ? 2.88860   -5.90732  9.03382   0.479 55.48614  ? 98  ARG A CA  1 
ATOM   763  C C   A ARG A 1 98  ? 2.42932   -6.61327  7.75099   0.521 52.58882  ? 98  ARG A C   1 
ATOM   764  C C   B ARG A 1 98  ? 2.44215   -6.58978  7.74302   0.479 53.70916  ? 98  ARG A C   1 
ATOM   765  O O   A ARG A 1 98  ? 3.02094   -7.59666  7.29697   0.521 52.42592  ? 98  ARG A O   1 
ATOM   766  O O   B ARG A 1 98  ? 3.07203   -7.54136  7.27158   0.479 52.75345  ? 98  ARG A O   1 
ATOM   767  C CB  A ARG A 1 98  ? 2.14064   -6.34540  10.25661  0.521 56.32150  ? 98  ARG A CB  1 
ATOM   768  C CB  B ARG A 1 98  ? 1.98446   -6.29412  10.20846  0.479 56.24008  ? 98  ARG A CB  1 
ATOM   769  C CG  A ARG A 1 98  ? 2.84274   -5.98421  11.57614  0.521 59.70905  ? 98  ARG A CG  1 
ATOM   770  C CG  B ARG A 1 98  ? 1.85979   -7.78303  10.48267  0.479 58.20248  ? 98  ARG A CG  1 
ATOM   771  C CD  A ARG A 1 98  ? 2.09226   -6.45323  12.82633  0.521 60.78115  ? 98  ARG A CD  1 
ATOM   772  C CD  B ARG A 1 98  ? 3.18923   -8.51277  10.37640  0.479 59.01264  ? 98  ARG A CD  1 
ATOM   773  N NE  A ARG A 1 98  ? 0.81650   -5.76906  13.02027  0.521 61.71159  ? 98  ARG A NE  1 
ATOM   774  N NE  B ARG A 1 98  ? 3.09271   -9.87206  10.89463  0.479 60.95988  ? 98  ARG A NE  1 
ATOM   775  C CZ  A ARG A 1 98  ? -0.36710  -6.37063  13.00838  0.521 63.16621  ? 98  ARG A CZ  1 
ATOM   776  C CZ  B ARG A 1 98  ? 3.94387   -10.84763 10.61014  0.479 63.13527  ? 98  ARG A CZ  1 
ATOM   777  N NH1 A ARG A 1 98  ? -0.47971  -7.67290  12.79076  0.521 60.76190  ? 98  ARG A NH1 1 
ATOM   778  N NH1 B ARG A 1 98  ? 4.99607   -10.64262 9.82917   0.479 61.76808  ? 98  ARG A NH1 1 
ATOM   779  N NH2 A ARG A 1 98  ? -1.46698  -5.64872  13.22245  0.521 64.16723  ? 98  ARG A NH2 1 
ATOM   780  N NH2 B ARG A 1 98  ? 3.73640   -12.05830 11.12394  0.479 60.46894  ? 98  ARG A NH2 1 
ATOM   781  N N   . VAL A 1 99  ? 1.36378   -6.09228  7.14391   1.000 53.49170  ? 99  VAL A N   1 
ATOM   782  C CA  . VAL A 1 99  ? 0.85492   -6.68132  5.90956   1.000 52.68421  ? 99  VAL A CA  1 
ATOM   783  C C   . VAL A 1 99  ? 1.86615   -6.54613  4.76214   1.000 52.71222  ? 99  VAL A C   1 
ATOM   784  O O   . VAL A 1 99  ? 2.10875   -7.51468  4.02853   1.000 54.38276  ? 99  VAL A O   1 
ATOM   785  C CB  . VAL A 1 99  ? -0.51341  -6.05792  5.60185   1.000 53.38975  ? 99  VAL A CB  1 
ATOM   786  C CG1 . VAL A 1 99  ? -1.00529  -6.46348  4.24546   1.000 58.64979  ? 99  VAL A CG1 1 
ATOM   787  C CG2 . VAL A 1 99  ? -1.48837  -6.52535  6.68075   1.000 48.32852  ? 99  VAL A CG2 1 
ATOM   788  N N   . TYR A 1 100 ? 2.50083   -5.37125  4.60285   1.000 50.50665  ? 100 TYR A N   1 
ATOM   789  C CA  . TYR A 1 100 ? 3.56100   -5.24540  3.59032   1.000 49.22432  ? 100 TYR A CA  1 
ATOM   790  C C   . TYR A 1 100 ? 4.62995   -6.30861  3.77229   1.000 53.41292  ? 100 TYR A C   1 
ATOM   791  O O   . TYR A 1 100 ? 5.07740   -6.92835  2.80221   1.000 54.37596  ? 100 TYR A O   1 
ATOM   792  C CB  . TYR A 1 100 ? 4.24273   -3.87210  3.64263   1.000 45.22817  ? 100 TYR A CB  1 
ATOM   793  C CG  . TYR A 1 100 ? 3.38137   -2.71274  3.23322   1.000 46.93166  ? 100 TYR A CG  1 
ATOM   794  C CD1 . TYR A 1 100 ? 2.52549   -2.79969  2.13470   1.000 43.29559  ? 100 TYR A CD1 1 
ATOM   795  C CD2 . TYR A 1 100 ? 3.45003   -1.51229  3.92332   1.000 47.33571  ? 100 TYR A CD2 1 
ATOM   796  C CE1 . TYR A 1 100 ? 1.74796   -1.71529  1.75615   1.000 45.13422  ? 100 TYR A CE1 1 
ATOM   797  C CE2 . TYR A 1 100 ? 2.67634   -0.43390  3.56602   1.000 53.60641  ? 100 TYR A CE2 1 
ATOM   798  C CZ  . TYR A 1 100 ? 1.82969   -0.52723  2.48343   1.000 47.46233  ? 100 TYR A CZ  1 
ATOM   799  O OH  . TYR A 1 100 ? 1.06794   0.56673   2.16612   1.000 49.23219  ? 100 TYR A OH  1 
ATOM   800  N N   A GLU A 1 101 ? 5.06876   -6.52585  5.01448   0.578 52.88862  ? 101 GLU A N   1 
ATOM   801  N N   B GLU A 1 101 ? 5.06702   -6.50979  5.01971   0.422 53.01459  ? 101 GLU A N   1 
ATOM   802  C CA  A GLU A 1 101 ? 6.11381   -7.51373  5.26050   0.578 56.41333  ? 101 GLU A CA  1 
ATOM   803  C CA  B GLU A 1 101 ? 6.09095   -7.50667  5.31369   0.422 57.11215  ? 101 GLU A CA  1 
ATOM   804  C C   A GLU A 1 101 ? 5.65583   -8.91263  4.86773   0.578 56.34911  ? 101 GLU A C   1 
ATOM   805  C C   B GLU A 1 101 ? 5.64798   -8.89199  4.86152   0.422 53.13992  ? 101 GLU A C   1 
ATOM   806  O O   A GLU A 1 101 ? 6.41833   -9.67530  4.26901   0.578 54.84943  ? 101 GLU A O   1 
ATOM   807  O O   B GLU A 1 101 ? 6.40855   -9.62402  4.22212   0.422 56.28576  ? 101 GLU A O   1 
ATOM   808  C CB  A GLU A 1 101 ? 6.53311   -7.47690  6.73325   0.578 59.15210  ? 101 GLU A CB  1 
ATOM   809  C CB  B GLU A 1 101 ? 6.39344   -7.51386  6.81681   0.422 59.07458  ? 101 GLU A CB  1 
ATOM   810  C CG  A GLU A 1 101 ? 7.33160   -8.68759  7.19566   0.578 60.40686  ? 101 GLU A CG  1 
ATOM   811  C CG  B GLU A 1 101 ? 7.27298   -6.37440  7.32591   0.422 61.01702  ? 101 GLU A CG  1 
ATOM   812  C CD  A GLU A 1 101 ? 8.79169   -8.62688  6.78511   0.578 69.38273  ? 101 GLU A CD  1 
ATOM   813  C CD  B GLU A 1 101 ? 7.42653   -6.40475  8.84138   0.422 66.05021  ? 101 GLU A CD  1 
ATOM   814  O OE1 A GLU A 1 101 ? 9.27028   -7.51736  6.44526   0.578 67.62282  ? 101 GLU A OE1 1 
ATOM   815  O OE1 B GLU A 1 101 ? 7.85286   -7.45427  9.37253   0.422 70.29377  ? 101 GLU A OE1 1 
ATOM   816  O OE2 A GLU A 1 101 ? 9.45908   -9.69398  6.80680   0.578 72.38187  ? 101 GLU A OE2 1 
ATOM   817  O OE2 B GLU A 1 101 ? 7.10682   -5.39664  9.51053   0.422 66.79907  ? 101 GLU A OE2 1 
ATOM   818  N N   . GLN A 1 102 ? 4.41077   -9.26497  5.18871   1.000 52.28835  ? 102 GLN A N   1 
ATOM   819  C CA  . GLN A 1 102 ? 3.91145   -10.59889 4.85871   1.000 50.93140  ? 102 GLN A CA  1 
ATOM   820  C C   . GLN A 1 102 ? 3.78469   -10.80551 3.35415   1.000 56.58975  ? 102 GLN A C   1 
ATOM   821  O O   . GLN A 1 102 ? 4.01788   -11.91258 2.85507   1.000 53.64846  ? 102 GLN A O   1 
ATOM   822  C CB  . GLN A 1 102 ? 2.56069   -10.81171 5.52887   1.000 49.01800  ? 102 GLN A CB  1 
ATOM   823  C CG  . GLN A 1 102 ? 2.67687   -10.94409 7.03130   1.000 59.33208  ? 102 GLN A CG  1 
ATOM   824  C CD  . GLN A 1 102 ? 1.32558   -11.04890 7.66777   1.000 58.36520  ? 102 GLN A CD  1 
ATOM   825  O OE1 . GLN A 1 102 ? 0.62679   -10.04993 7.81743   1.000 66.00042  ? 102 GLN A OE1 1 
ATOM   826  N NE2 . GLN A 1 102 ? 0.91927   -12.26722 8.00082   1.000 65.46253  ? 102 GLN A NE2 1 
ATOM   827  N N   . PHE A 1 103 ? 3.41527   -9.76043  2.61237   1.000 52.06013  ? 103 PHE A N   1 
ATOM   828  C CA  . PHE A 1 103 ? 3.14617   -9.94122  1.19257   1.000 53.19223  ? 103 PHE A CA  1 
ATOM   829  C C   . PHE A 1 103 ? 4.34763   -9.67594  0.30730   1.000 56.98988  ? 103 PHE A C   1 
ATOM   830  O O   . PHE A 1 103 ? 4.30761   -10.02905 -0.88069  1.000 55.77506  ? 103 PHE A O   1 
ATOM   831  C CB  . PHE A 1 103 ? 1.98475   -9.04846  0.77371   1.000 47.78168  ? 103 PHE A CB  1 
ATOM   832  C CG  . PHE A 1 103 ? 0.65230   -9.65569  1.07744   1.000 50.71577  ? 103 PHE A CG  1 
ATOM   833  C CD1 . PHE A 1 103 ? 0.05234   -10.52753 0.17360   1.000 54.71030  ? 103 PHE A CD1 1 
ATOM   834  C CD2 . PHE A 1 103 ? 0.02766   -9.40367  2.28384   1.000 48.23384  ? 103 PHE A CD2 1 
ATOM   835  C CE1 . PHE A 1 103 ? -1.18550  -11.11031 0.45321   1.000 47.79383  ? 103 PHE A CE1 1 
ATOM   836  C CE2 . PHE A 1 103 ? -1.21267  -9.98350  2.59007   1.000 54.77002  ? 103 PHE A CE2 1 
ATOM   837  C CZ  . PHE A 1 103 ? -1.82082  -10.83425 1.66376   1.000 55.10201  ? 103 PHE A CZ  1 
ATOM   838  N N   . LEU A 1 104 ? 5.40441   -9.05955  0.84120   1.000 54.28929  ? 104 LEU A N   1 
ATOM   839  C CA  . LEU A 1 104 ? 6.53723   -8.70913  -0.00841  1.000 55.25396  ? 104 LEU A CA  1 
ATOM   840  C C   . LEU A 1 104 ? 7.12139   -9.90872  -0.74469  1.000 58.95143  ? 104 LEU A C   1 
ATOM   841  O O   . LEU A 1 104 ? 7.44584   -9.75659  -1.93379  1.000 52.85507  ? 104 LEU A O   1 
ATOM   842  C CB  . LEU A 1 104 ? 7.62948   -8.00453  0.80618   1.000 58.86683  ? 104 LEU A CB  1 
ATOM   843  C CG  . LEU A 1 104 ? 8.91044   -7.69749  0.00535   1.000 57.66582  ? 104 LEU A CG  1 
ATOM   844  C CD1 . LEU A 1 104 ? 8.65038   -6.59429  -1.01816  1.000 56.87398  ? 104 LEU A CD1 1 
ATOM   845  C CD2 . LEU A 1 104 ? 10.04960  -7.29611  0.91534   1.000 62.03828  ? 104 LEU A CD2 1 
ATOM   846  N N   . PRO A 1 105 ? 7.28986   -11.09341 -0.13518  1.000 55.26921  ? 105 PRO A N   1 
ATOM   847  C CA  . PRO A 1 105 ? 7.85743   -12.21698 -0.90380  1.000 57.65201  ? 105 PRO A CA  1 
ATOM   848  C C   . PRO A 1 105 ? 7.06281   -12.57838 -2.14534  1.000 59.87503  ? 105 PRO A C   1 
ATOM   849  O O   . PRO A 1 105 ? 7.65899   -12.87821 -3.18728  1.000 68.81835  ? 105 PRO A O   1 
ATOM   850  C CB  . PRO A 1 105 ? 7.86154   -13.36437 0.11700   1.000 61.62840  ? 105 PRO A CB  1 
ATOM   851  C CG  . PRO A 1 105 ? 8.06257   -12.66524 1.42284   1.000 58.26547  ? 105 PRO A CG  1 
ATOM   852  C CD  . PRO A 1 105 ? 7.20081   -11.42232 1.29994   1.000 57.35782  ? 105 PRO A CD  1 
ATOM   853  N N   . LYS A 1 106 ? 5.73857   -12.56756 -2.07740  1.000 51.04275  ? 106 LYS A N   1 
ATOM   854  C CA  . LYS A 1 106 ? 4.94668   -12.89828 -3.25248  1.000 56.97623  ? 106 LYS A CA  1 
ATOM   855  C C   . LYS A 1 106 ? 4.72015   -11.71362 -4.18012  1.000 54.84247  ? 106 LYS A C   1 
ATOM   856  O O   . LYS A 1 106 ? 4.26843   -11.91653 -5.30826  1.000 58.91438  ? 106 LYS A O   1 
ATOM   857  C CB  . LYS A 1 106 ? 3.59169   -13.48545 -2.83785  1.000 60.39737  ? 106 LYS A CB  1 
ATOM   858  C CG  . LYS A 1 106 ? 3.68970   -14.90406 -2.30325  1.000 66.45760  ? 106 LYS A CG  1 
ATOM   859  C CD  . LYS A 1 106 ? 2.64119   -15.18297 -1.24267  1.000 73.30160  ? 106 LYS A CD  1 
ATOM   860  C CE  . LYS A 1 106 ? 2.95893   -16.45147 -0.47099  1.000 79.38687  ? 106 LYS A CE  1 
ATOM   861  N NZ  . LYS A 1 106 ? 2.19923   -17.57319 -1.05398  1.000 80.96655  ? 106 LYS A NZ  1 
ATOM   862  N N   . ALA A 1 107 ? 5.02805   -10.49343 -3.74634  1.000 51.57640  ? 107 ALA A N   1 
ATOM   863  C CA  . ALA A 1 107 ? 4.75374   -9.32472  -4.56672  1.000 50.22006  ? 107 ALA A CA  1 
ATOM   864  C C   . ALA A 1 107 ? 5.65232   -9.30903  -5.79315  1.000 54.63600  ? 107 ALA A C   1 
ATOM   865  O O   . ALA A 1 107 ? 6.82366   -9.69068  -5.73354  1.000 57.31902  ? 107 ALA A O   1 
ATOM   866  C CB  . ALA A 1 107 ? 4.95827   -8.04816  -3.75738  1.000 49.73965  ? 107 ALA A CB  1 
ATOM   867  N N   . GLN A 1 108 ? 5.11359   -8.83633  -6.90874  1.000 53.04345  ? 108 GLN A N   1 
ATOM   868  C CA  . GLN A 1 108 ? 5.91002   -8.72213  -8.11834  1.000 57.78882  ? 108 GLN A CA  1 
ATOM   869  C C   . GLN A 1 108 ? 6.09510   -7.28094  -8.55716  1.000 59.34851  ? 108 GLN A C   1 
ATOM   870  O O   . GLN A 1 108 ? 6.86331   -7.02277  -9.49901  1.000 53.33922  ? 108 GLN A O   1 
ATOM   871  C CB  . GLN A 1 108 ? 5.26835   -9.53313  -9.25491  1.000 56.03211  ? 108 GLN A CB  1 
ATOM   872  C CG  . GLN A 1 108 ? 5.40110   -11.03976 -9.06921  1.000 66.33114  ? 108 GLN A CG  1 
ATOM   873  C CD  . GLN A 1 108 ? 5.09070   -11.79835 -10.35524 1.000 90.86568  ? 108 GLN A CD  1 
ATOM   874  O OE1 . GLN A 1 108 ? 5.71747   -11.56106 -11.39501 1.000 98.38446  ? 108 GLN A OE1 1 
ATOM   875  N NE2 . GLN A 1 108 ? 4.11163   -12.70197 -10.29754 1.000 93.61881  ? 108 GLN A NE2 1 
ATOM   876  N N   . LYS A 1 109 ? 5.44203   -6.33726  -7.88090  1.000 46.31865  ? 109 LYS A N   1 
ATOM   877  C CA  . LYS A 1 109 ? 5.44349   -4.95612  -8.31879  1.000 47.33598  ? 109 LYS A CA  1 
ATOM   878  C C   . LYS A 1 109 ? 5.26455   -4.06306  -7.09659  1.000 56.44588  ? 109 LYS A C   1 
ATOM   879  O O   . LYS A 1 109 ? 4.50591   -4.41455  -6.18717  1.000 54.77883  ? 109 LYS A O   1 
ATOM   880  C CB  . LYS A 1 109 ? 4.31496   -4.76012  -9.33492  1.000 46.82142  ? 109 LYS A CB  1 
ATOM   881  C CG  . LYS A 1 109 ? 4.31293   -3.45666  -10.06764 1.000 54.20552  ? 109 LYS A CG  1 
ATOM   882  C CD  . LYS A 1 109 ? 3.44305   -3.57670  -11.33367 1.000 55.26101  ? 109 LYS A CD  1 
ATOM   883  C CE  . LYS A 1 109 ? 3.38875   -2.25909  -12.07372 1.000 56.74968  ? 109 LYS A CE  1 
ATOM   884  N NZ  . LYS A 1 109 ? 2.23207   -2.14733  -13.01905 1.000 59.93974  ? 109 LYS A NZ  1 
ATOM   885  N N   . LEU A 1 110 ? 5.95841   -2.91521  -7.07336  1.000 51.08681  ? 110 LEU A N   1 
ATOM   886  C CA  . LEU A 1 110 ? 5.83507   -1.92829  -5.99982  1.000 45.65375  ? 110 LEU A CA  1 
ATOM   887  C C   . LEU A 1 110 ? 5.47794   -0.57872  -6.59986  1.000 45.73264  ? 110 LEU A C   1 
ATOM   888  O O   . LEU A 1 110 ? 6.07915   -0.15387  -7.59335  1.000 50.52858  ? 110 LEU A O   1 
ATOM   889  C CB  . LEU A 1 110 ? 7.14229   -1.78108  -5.19190  1.000 49.87646  ? 110 LEU A CB  1 
ATOM   890  C CG  . LEU A 1 110 ? 7.76534   -3.05979  -4.64094  1.000 48.08854  ? 110 LEU A CG  1 
ATOM   891  C CD1 . LEU A 1 110 ? 9.10850   -2.74940  -4.00256  1.000 62.06201  ? 110 LEU A CD1 1 
ATOM   892  C CD2 . LEU A 1 110 ? 6.82273   -3.71823  -3.61858  1.000 45.32441  ? 110 LEU A CD2 1 
ATOM   893  N N   . TYR A 1 111 ? 4.49229   0.07814   -6.02086  1.000 40.05628  ? 111 TYR A N   1 
ATOM   894  C CA  . TYR A 1 111 ? 4.15737   1.45528   -6.34765  1.000 38.46991  ? 111 TYR A CA  1 
ATOM   895  C C   . TYR A 1 111 ? 4.53680   2.25690   -5.11645  1.000 48.08590  ? 111 TYR A C   1 
ATOM   896  O O   . TYR A 1 111 ? 3.85231   2.15756   -4.09508  1.000 48.45485  ? 111 TYR A O   1 
ATOM   897  C CB  . TYR A 1 111 ? 2.67042   1.61977   -6.61853  1.000 43.42678  ? 111 TYR A CB  1 
ATOM   898  C CG  . TYR A 1 111 ? 2.11047   0.78214   -7.73858  1.000 46.23647  ? 111 TYR A CG  1 
ATOM   899  C CD1 . TYR A 1 111 ? 1.87872   -0.58194  -7.57861  1.000 48.66343  ? 111 TYR A CD1 1 
ATOM   900  C CD2 . TYR A 1 111 ? 1.73554   1.37278   -8.92886  1.000 48.04915  ? 111 TYR A CD2 1 
ATOM   901  C CE1 . TYR A 1 111 ? 1.31444   -1.35184  -8.62121  1.000 47.35674  ? 111 TYR A CE1 1 
ATOM   902  C CE2 . TYR A 1 111 ? 1.16911   0.61869   -9.97204  1.000 48.42880  ? 111 TYR A CE2 1 
ATOM   903  C CZ  . TYR A 1 111 ? 0.96400   -0.72867  -9.81569  1.000 50.71122  ? 111 TYR A CZ  1 
ATOM   904  O OH  . TYR A 1 111 ? 0.39206   -1.45323  -10.86563 1.000 55.55829  ? 111 TYR A OH  1 
ATOM   905  N N   . LEU A 1 112 ? 5.61103   3.03576   -5.20440  1.000 47.04082  ? 112 LEU A N   1 
ATOM   906  C CA  . LEU A 1 112 ? 6.12408   3.79548   -4.06948  1.000 48.54257  ? 112 LEU A CA  1 
ATOM   907  C C   . LEU A 1 112 ? 5.93983   5.28262   -4.32432  1.000 53.74288  ? 112 LEU A C   1 
ATOM   908  O O   . LEU A 1 112 ? 6.16549   5.75995   -5.44033  1.000 48.98651  ? 112 LEU A O   1 
ATOM   909  C CB  . LEU A 1 112 ? 7.60928   3.49116   -3.82763  1.000 45.63614  ? 112 LEU A CB  1 
ATOM   910  C CG  . LEU A 1 112 ? 7.95103   2.02778   -3.56904  1.000 47.72061  ? 112 LEU A CG  1 
ATOM   911  C CD1 . LEU A 1 112 ? 9.42662   1.84202   -3.22813  1.000 53.45019  ? 112 LEU A CD1 1 
ATOM   912  C CD2 . LEU A 1 112 ? 7.07525   1.49116   -2.41466  1.000 50.04163  ? 112 LEU A CD2 1 
ATOM   913  N N   . THR A 1 113 ? 5.50818   6.01266   -3.29816  1.000 45.72556  ? 113 THR A N   1 
ATOM   914  C CA  . THR A 1 113 ? 5.54122   7.46825   -3.31602  1.000 46.01598  ? 113 THR A CA  1 
ATOM   915  C C   . THR A 1 113 ? 6.63284   7.89956   -2.34250  1.000 54.71690  ? 113 THR A C   1 
ATOM   916  O O   . THR A 1 113 ? 6.49146   7.70701   -1.12955  1.000 50.56414  ? 113 THR A O   1 
ATOM   917  C CB  . THR A 1 113 ? 4.20238   8.07159   -2.91827  1.000 48.95996  ? 113 THR A CB  1 
ATOM   918  O OG1 . THR A 1 113 ? 3.16656   7.59089   -3.79410  1.000 49.85572  ? 113 THR A OG1 1 
ATOM   919  C CG2 . THR A 1 113 ? 4.27859   9.60212   -3.02250  1.000 43.49434  ? 113 THR A CG2 1 
ATOM   920  N N   . HIS A 1 114 ? 7.73506   8.43503   -2.86428  1.000 48.05411  ? 114 HIS A N   1 
ATOM   921  C CA  . HIS A 1 114 ? 8.81121   8.94651   -2.01926  1.000 49.88953  ? 114 HIS A CA  1 
ATOM   922  C C   . HIS A 1 114 ? 8.48734   10.38730  -1.67740  1.000 59.43159  ? 114 HIS A C   1 
ATOM   923  O O   . HIS A 1 114 ? 8.54430   11.25900  -2.55224  1.000 63.37432  ? 114 HIS A O   1 
ATOM   924  C CB  . HIS A 1 114 ? 10.15954  8.86219   -2.71990  1.000 50.15711  ? 114 HIS A CB  1 
ATOM   925  C CG  . HIS A 1 114 ? 10.49834  7.49299   -3.20635  1.000 57.46469  ? 114 HIS A CG  1 
ATOM   926  N ND1 . HIS A 1 114 ? 11.06961  6.53802   -2.39549  1.000 55.08252  ? 114 HIS A ND1 1 
ATOM   927  C CD2 . HIS A 1 114 ? 10.35319  6.91626   -4.42393  1.000 55.86095  ? 114 HIS A CD2 1 
ATOM   928  C CE1 . HIS A 1 114 ? 11.27481  5.43352   -3.09317  1.000 56.90284  ? 114 HIS A CE1 1 
ATOM   929  N NE2 . HIS A 1 114 ? 10.84554  5.63507   -4.32533  1.000 58.29662  ? 114 HIS A NE2 1 
ATOM   930  N N   . ILE A 1 115 ? 8.12111   10.63974  -0.42206  1.000 54.06454  ? 115 ILE A N   1 
ATOM   931  C CA  . ILE A 1 115 ? 7.77975   11.98550  0.02996   1.000 63.97478  ? 115 ILE A CA  1 
ATOM   932  C C   . ILE A 1 115 ? 8.99419   12.61023  0.70631   1.000 67.17006  ? 115 ILE A C   1 
ATOM   933  O O   . ILE A 1 115 ? 9.64826   11.98299  1.55440   1.000 64.37418  ? 115 ILE A O   1 
ATOM   934  C CB  . ILE A 1 115 ? 6.56961   11.98133  0.96910   1.000 56.77969  ? 115 ILE A CB  1 
ATOM   935  C CG1 . ILE A 1 115 ? 5.35152   11.41148  0.24513   1.000 58.07001  ? 115 ILE A CG1 1 
ATOM   936  C CG2 . ILE A 1 115 ? 6.28230   13.39952  1.44958   1.000 61.98922  ? 115 ILE A CG2 1 
ATOM   937  C CD1 . ILE A 1 115 ? 4.18271   11.20045  1.14966   1.000 56.02048  ? 115 ILE A CD1 1 
ATOM   938  N N   . ASP A 1 116 ? 9.29957   13.84330  0.31896   1.000 61.19113  ? 116 ASP A N   1 
ATOM   939  C CA  . ASP A 1 116 ? 10.53150  14.49425  0.74068   1.000 73.82892  ? 116 ASP A CA  1 
ATOM   940  C C   . ASP A 1 116 ? 10.23973  15.22300  2.05858   1.000 76.22028  ? 116 ASP A C   1 
ATOM   941  O O   . ASP A 1 116 ? 10.16720  16.44890  2.14772   1.000 71.37075  ? 116 ASP A O   1 
ATOM   942  C CB  . ASP A 1 116 ? 11.03955  15.40736  -0.37323  1.000 74.54562  ? 116 ASP A CB  1 
ATOM   943  C CG  . ASP A 1 116 ? 12.31923  16.14456  -0.00499  1.000 94.43859  ? 116 ASP A CG  1 
ATOM   944  O OD1 . ASP A 1 116 ? 12.27891  17.39450  0.11076   1.000 99.52715  ? 116 ASP A OD1 1 
ATOM   945  O OD2 . ASP A 1 116 ? 13.37698  15.48598  0.13828   1.000 94.20057  ? 116 ASP A OD2 1 
ATOM   946  N N   . ALA A 1 117 ? 10.00993  14.42131  3.10025   1.000 72.84722  ? 117 ALA A N   1 
ATOM   947  C CA  . ALA A 1 117 ? 9.63726   14.99461  4.38536   1.000 77.16798  ? 117 ALA A CA  1 
ATOM   948  C C   . ALA A 1 117 ? 10.11520  14.13032  5.53912   1.000 78.52807  ? 117 ALA A C   1 
ATOM   949  O O   . ALA A 1 117 ? 10.28536  12.91887  5.41066   1.000 76.67679  ? 117 ALA A O   1 
ATOM   950  C CB  . ALA A 1 117 ? 8.12626   15.19188  4.51297   1.000 74.55604  ? 117 ALA A CB  1 
ATOM   951  N N   . GLU A 1 118 ? 10.28644  14.78423  6.68604   1.000 80.75400  ? 118 GLU A N   1 
ATOM   952  C CA  . GLU A 1 118 ? 10.60617  14.14629  7.95334   1.000 86.73418  ? 118 GLU A CA  1 
ATOM   953  C C   . GLU A 1 118 ? 9.38129   13.88299  8.79800   1.000 80.51819  ? 118 GLU A C   1 
ATOM   954  O O   . GLU A 1 118 ? 8.58523   14.79348  9.04486   1.000 75.63352  ? 118 GLU A O   1 
ATOM   955  C CB  . GLU A 1 118 ? 11.57509  15.00271  8.76605   1.000 98.67162  ? 118 GLU A CB  1 
ATOM   956  C CG  . GLU A 1 118 ? 12.93745  14.44165  8.72165   1.000 101.80031 ? 118 GLU A CG  1 
ATOM   957  C CD  . GLU A 1 118 ? 12.91109  13.02727  9.27301   1.000 110.33386 ? 118 GLU A CD  1 
ATOM   958  O OE1 . GLU A 1 118 ? 11.93142  12.67226  9.93967   1.000 113.47745 ? 118 GLU A OE1 1 
ATOM   959  O OE2 . GLU A 1 118 ? 13.81443  12.25198  8.96384   1.000 111.92059 ? 118 GLU A OE2 1 
ATOM   960  N N   . VAL A 1 119 ? 9.25232   12.63726  9.24462   1.000 85.72515  ? 119 VAL A N   1 
ATOM   961  C CA  . VAL A 1 119 ? 8.23558   12.22826  10.20204  1.000 89.32072  ? 119 VAL A CA  1 
ATOM   962  C C   . VAL A 1 119 ? 8.84473   11.25133  11.19823  1.000 92.56001  ? 119 VAL A C   1 
ATOM   963  O O   . VAL A 1 119 ? 9.64208   10.37861  10.83727  1.000 89.15075  ? 119 VAL A O   1 
ATOM   964  C CB  . VAL A 1 119 ? 7.00083   11.61542  9.50763   1.000 88.41869  ? 119 VAL A CB  1 
ATOM   965  C CG1 . VAL A 1 119 ? 6.43710   12.56369  8.49306   1.000 90.24273  ? 119 VAL A CG1 1 
ATOM   966  C CG2 . VAL A 1 119 ? 7.37082   10.34348  8.81765   1.000 87.05267  ? 119 VAL A CG2 1 
ATOM   967  N N   . GLU A 1 120 ? 8.48307   11.41932  12.46466  1.000 100.64055 ? 120 GLU A N   1 
ATOM   968  C CA  . GLU A 1 120 ? 8.85387   10.44920  13.48036  1.000 106.36127 ? 120 GLU A CA  1 
ATOM   969  C C   . GLU A 1 120 ? 7.87785   9.28765   13.40443  1.000 99.88180  ? 120 GLU A C   1 
ATOM   970  O O   . GLU A 1 120 ? 6.66533   9.49193   13.29498  1.000 95.79875  ? 120 GLU A O   1 
ATOM   971  C CB  . GLU A 1 120 ? 8.84570   11.08009  14.87219  1.000 112.06040 ? 120 GLU A CB  1 
ATOM   972  C CG  . GLU A 1 120 ? 10.13943  10.86201  15.64147  1.000 121.31641 ? 120 GLU A CG  1 
ATOM   973  C CD  . GLU A 1 120 ? 9.96421   10.98297  17.14788  1.000 133.19822 ? 120 GLU A CD  1 
ATOM   974  O OE1 . GLU A 1 120 ? 10.32702  10.02307  17.86444  1.000 136.99558 ? 120 GLU A OE1 1 
ATOM   975  O OE2 . GLU A 1 120 ? 9.48103   12.04327  17.61231  1.000 134.06224 ? 120 GLU A OE2 1 
ATOM   976  N N   . GLY A 1 121 ? 8.40332   8.07129   13.41904  1.000 97.77184  ? 121 GLY A N   1 
ATOM   977  C CA  . GLY A 1 121 ? 7.55876   6.91160   13.22198  1.000 99.72812  ? 121 GLY A CA  1 
ATOM   978  C C   . GLY A 1 121 ? 8.25325   5.64619   13.65394  1.000 99.08612  ? 121 GLY A C   1 
ATOM   979  O O   . GLY A 1 121 ? 9.47998   5.52588   13.57017  1.000 93.16778  ? 121 GLY A O   1 
ATOM   980  N N   . ASP A 1 122 ? 7.45446   4.69201   14.11659  1.000 101.33578 ? 122 ASP A N   1 
ATOM   981  C CA  . ASP A 1 122 ? 7.96510   3.39392   14.52359  1.000 106.06505 ? 122 ASP A CA  1 
ATOM   982  C C   . ASP A 1 122 ? 8.04288   2.42005   13.35549  1.000 102.60355 ? 122 ASP A C   1 
ATOM   983  O O   . ASP A 1 122 ? 8.98682   1.62380   13.27614  1.000 102.37371 ? 122 ASP A O   1 
ATOM   984  C CB  . ASP A 1 122 ? 7.07710   2.81270   15.62523  1.000 111.81353 ? 122 ASP A CB  1 
ATOM   985  C CG  . ASP A 1 122 ? 6.61097   3.86506   16.60824  1.000 118.76453 ? 122 ASP A CG  1 
ATOM   986  O OD1 . ASP A 1 122 ? 7.36742   4.16613   17.55966  1.000 119.40118 ? 122 ASP A OD1 1 
ATOM   987  O OD2 . ASP A 1 122 ? 5.49466   4.40241   16.41443  1.000 121.23319 ? 122 ASP A OD2 1 
ATOM   988  N N   . THR A 1 123 ? 7.07952   2.48211   12.43776  1.000 96.23861  ? 123 THR A N   1 
ATOM   989  C CA  . THR A 1 123 ? 6.90631   1.45814   11.41548  1.000 95.20281  ? 123 THR A CA  1 
ATOM   990  C C   . THR A 1 123 ? 7.49650   1.90909   10.07894  1.000 83.39152  ? 123 THR A C   1 
ATOM   991  O O   . THR A 1 123 ? 7.21609   3.01692   9.60570   1.000 76.83541  ? 123 THR A O   1 
ATOM   992  C CB  . THR A 1 123 ? 5.42426   1.10471   11.26095  1.000 96.07651  ? 123 THR A CB  1 
ATOM   993  O OG1 . THR A 1 123 ? 4.64412   2.30107   11.16699  1.000 95.35316  ? 123 THR A OG1 1 
ATOM   994  C CG2 . THR A 1 123 ? 4.95467   0.32527   12.48175  1.000 99.86121  ? 123 THR A CG2 1 
ATOM   995  N N   . HIS A 1 124 ? 8.31167   1.04132   9.48261   1.000 74.89552  ? 124 HIS A N   1 
ATOM   996  C CA  . HIS A 1 124 ? 8.94677   1.26356   8.19433   1.000 74.73192  ? 124 HIS A CA  1 
ATOM   997  C C   . HIS A 1 124 ? 8.42311   0.29116   7.14048   1.000 72.34579  ? 124 HIS A C   1 
ATOM   998  O O   . HIS A 1 124 ? 8.05130   -0.84256  7.44639   1.000 67.01974  ? 124 HIS A O   1 
ATOM   999  C CB  . HIS A 1 124 ? 10.46897  1.11104   8.28991   1.000 77.11129  ? 124 HIS A CB  1 
ATOM   1000 C CG  . HIS A 1 124 ? 11.10700  1.95802   9.35027   1.000 91.62749  ? 124 HIS A CG  1 
ATOM   1001 N ND1 . HIS A 1 124 ? 12.42266  2.36669   9.27607   1.000 95.77459  ? 124 HIS A ND1 1 
ATOM   1002 C CD2 . HIS A 1 124 ? 10.61923  2.47375   10.50424  1.000 90.61292  ? 124 HIS A CD2 1 
ATOM   1003 C CE1 . HIS A 1 124 ? 12.71534  3.10087   10.33415  1.000 92.79255  ? 124 HIS A CE1 1 
ATOM   1004 N NE2 . HIS A 1 124 ? 11.63841  3.18030   11.09518  1.000 95.58011  ? 124 HIS A NE2 1 
ATOM   1005 N N   . PHE A 1 125 ? 8.40576   0.74918   5.89088   1.000 66.78559  ? 125 PHE A N   1 
ATOM   1006 C CA  . PHE A 1 125 ? 8.17285   -0.13578  4.76371   1.000 60.36859  ? 125 PHE A CA  1 
ATOM   1007 C C   . PHE A 1 125 ? 9.26758   -1.20184  4.75075   1.000 69.32156  ? 125 PHE A C   1 
ATOM   1008 O O   . PHE A 1 125 ? 10.37651  -0.95046  5.23200   1.000 68.55428  ? 125 PHE A O   1 
ATOM   1009 C CB  . PHE A 1 125 ? 8.17943   0.67177   3.46286   1.000 61.43790  ? 125 PHE A CB  1 
ATOM   1010 C CG  . PHE A 1 125 ? 7.67096   -0.07927  2.26837   1.000 51.91153  ? 125 PHE A CG  1 
ATOM   1011 C CD1 . PHE A 1 125 ? 6.31229   -0.29798  2.09600   1.000 55.38152  ? 125 PHE A CD1 1 
ATOM   1012 C CD2 . PHE A 1 125 ? 8.55424   -0.57449  1.31727   1.000 55.20428  ? 125 PHE A CD2 1 
ATOM   1013 C CE1 . PHE A 1 125 ? 5.83867   -1.01098  0.98817   1.000 51.00503  ? 125 PHE A CE1 1 
ATOM   1014 C CE2 . PHE A 1 125 ? 8.09543   -1.27467  0.20346   1.000 55.97577  ? 125 PHE A CE2 1 
ATOM   1015 C CZ  . PHE A 1 125 ? 6.73721   -1.50663  0.04354   1.000 47.19442  ? 125 PHE A CZ  1 
ATOM   1016 N N   . PRO A 1 126 ? 8.97768   -2.41237  4.25910   1.000 62.62755  ? 126 PRO A N   1 
ATOM   1017 C CA  . PRO A 1 126 ? 9.99309   -3.47278  4.27990   1.000 67.75447  ? 126 PRO A CA  1 
ATOM   1018 C C   . PRO A 1 126 ? 11.23596  -3.05064  3.52206   1.000 70.01240  ? 126 PRO A C   1 
ATOM   1019 O O   . PRO A 1 126 ? 11.19558  -2.20759  2.62698   1.000 70.07310  ? 126 PRO A O   1 
ATOM   1020 C CB  . PRO A 1 126 ? 9.30275   -4.65418  3.58529   1.000 62.74164  ? 126 PRO A CB  1 
ATOM   1021 C CG  . PRO A 1 126 ? 7.86639   -4.41953  3.79216   1.000 62.29772  ? 126 PRO A CG  1 
ATOM   1022 C CD  . PRO A 1 126 ? 7.67671   -2.91769  3.78989   1.000 61.81116  ? 126 PRO A CD  1 
ATOM   1023 N N   . ASP A 1 127 ? 12.35769  -3.65762  3.89321   1.000 82.51246  ? 127 ASP A N   1 
ATOM   1024 C CA  . ASP A 1 127 ? 13.64456  -3.32426  3.28684   1.000 86.62942  ? 127 ASP A CA  1 
ATOM   1025 C C   . ASP A 1 127 ? 13.84494  -4.22072  2.06996   1.000 85.71730  ? 127 ASP A C   1 
ATOM   1026 O O   . ASP A 1 127 ? 14.49629  -5.26231  2.12539   1.000 88.28295  ? 127 ASP A O   1 
ATOM   1027 C CB  . ASP A 1 127 ? 14.76670  -3.47392  4.30975   1.000 95.44926  ? 127 ASP A CB  1 
ATOM   1028 C CG  . ASP A 1 127 ? 16.09186  -2.91696  3.81679   1.000 100.15637 ? 127 ASP A CG  1 
ATOM   1029 O OD1 . ASP A 1 127 ? 16.32025  -1.69487  3.97279   1.000 103.43045 ? 127 ASP A OD1 1 
ATOM   1030 O OD2 . ASP A 1 127 ? 16.91633  -3.70764  3.30406   1.000 103.19115 ? 127 ASP A OD2 1 
ATOM   1031 N N   . TYR A 1 128 ? 13.25934  -3.80491  0.94830   1.000 81.36066  ? 128 TYR A N   1 
ATOM   1032 C CA  . TYR A 1 128 ? 13.37101  -4.59554  -0.26944  1.000 83.97209  ? 128 TYR A CA  1 
ATOM   1033 C C   . TYR A 1 128 ? 14.80110  -4.53177  -0.79116  1.000 89.84024  ? 128 TYR A C   1 
ATOM   1034 O O   . TYR A 1 128 ? 15.42967  -3.46986  -0.79769  1.000 93.76646  ? 128 TYR A O   1 
ATOM   1035 C CB  . TYR A 1 128 ? 12.37270  -4.11798  -1.34081  1.000 76.69062  ? 128 TYR A CB  1 
ATOM   1036 C CG  . TYR A 1 128 ? 12.43187  -2.64461  -1.69082  1.000 74.49468  ? 128 TYR A CG  1 
ATOM   1037 C CD1 . TYR A 1 128 ? 11.77514  -1.69995  -0.91378  1.000 76.36293  ? 128 TYR A CD1 1 
ATOM   1038 C CD2 . TYR A 1 128 ? 13.12305  -2.20096  -2.81041  1.000 68.94164  ? 128 TYR A CD2 1 
ATOM   1039 C CE1 . TYR A 1 128 ? 11.82626  -0.35089  -1.22290  1.000 78.28394  ? 128 TYR A CE1 1 
ATOM   1040 C CE2 . TYR A 1 128 ? 13.17640  -0.85475  -3.12917  1.000 70.26819  ? 128 TYR A CE2 1 
ATOM   1041 C CZ  . TYR A 1 128 ? 12.52976  0.06670   -2.33261  1.000 78.13902  ? 128 TYR A CZ  1 
ATOM   1042 O OH  . TYR A 1 128 ? 12.58095  1.41369   -2.63321  1.000 75.80887  ? 128 TYR A OH  1 
ATOM   1043 N N   . GLU A 1 129 ? 15.31966  -5.68440  -1.18918  1.000 91.00904  ? 129 GLU A N   1 
ATOM   1044 C CA  . GLU A 1 129 ? 16.67416  -5.78799  -1.71992  1.000 96.39467  ? 129 GLU A CA  1 
ATOM   1045 C C   . GLU A 1 129 ? 16.77672  -5.05500  -3.05178  1.000 96.66031  ? 129 GLU A C   1 
ATOM   1046 O O   . GLU A 1 129 ? 16.10991  -5.45398  -4.01638  1.000 92.45389  ? 129 GLU A O   1 
ATOM   1047 C CB  . GLU A 1 129 ? 17.04073  -7.25825  -1.90143  1.000 99.92974  ? 129 GLU A CB  1 
ATOM   1048 C CG  . GLU A 1 129 ? 18.46297  -7.50024  -2.38531  1.000 106.02201 ? 129 GLU A CG  1 
ATOM   1049 C CD  . GLU A 1 129 ? 19.25547  -8.39617  -1.45357  1.000 117.12209 ? 129 GLU A CD  1 
ATOM   1050 O OE1 . GLU A 1 129 ? 19.41387  -8.02718  -0.26987  1.000 121.63353 ? 129 GLU A OE1 1 
ATOM   1051 O OE2 . GLU A 1 129 ? 19.71842  -9.46976  -1.90699  1.000 119.75122 ? 129 GLU A OE2 1 
ATOM   1052 N N   . PRO A 1 130 ? 17.58822  -3.99864  -3.16139  1.000 96.46729  ? 130 PRO A N   1 
ATOM   1053 C CA  . PRO A 1 130 ? 17.72372  -3.30779  -4.45569  1.000 91.17196  ? 130 PRO A CA  1 
ATOM   1054 C C   . PRO A 1 130 ? 18.09741  -4.23601  -5.59094  1.000 94.83193  ? 130 PRO A C   1 
ATOM   1055 O O   . PRO A 1 130 ? 17.86264  -3.89938  -6.75923  1.000 94.70537  ? 130 PRO A O   1 
ATOM   1056 C CB  . PRO A 1 130 ? 18.84015  -2.28960  -4.20163  1.000 93.82580  ? 130 PRO A CB  1 
ATOM   1057 C CG  . PRO A 1 130 ? 18.98707  -2.18955  -2.73114  1.000 93.59594  ? 130 PRO A CG  1 
ATOM   1058 C CD  . PRO A 1 130 ? 18.17382  -3.23414  -2.05145  1.000 94.63478  ? 130 PRO A CD  1 
ATOM   1059 N N   . ASP A 1 131 ? 18.66283  -5.39850  -5.27654  1.000 95.21817  ? 131 ASP A N   1 
ATOM   1060 C CA  . ASP A 1 131 ? 19.17420  -6.32540  -6.27278  1.000 93.56122  ? 131 ASP A CA  1 
ATOM   1061 C C   . ASP A 1 131 ? 18.05772  -7.09010  -6.96731  1.000 94.85825  ? 131 ASP A C   1 
ATOM   1062 O O   . ASP A 1 131 ? 18.21600  -7.49249  -8.12338  1.000 94.32825  ? 131 ASP A O   1 
ATOM   1063 C CB  . ASP A 1 131 ? 20.12316  -7.31466  -5.59554  1.000 104.76586 ? 131 ASP A CB  1 
ATOM   1064 C CG  . ASP A 1 131 ? 21.53200  -6.77965  -5.46713  1.000 112.06424 ? 131 ASP A CG  1 
ATOM   1065 O OD1 . ASP A 1 131 ? 21.83150  -5.72502  -6.06702  1.000 112.38864 ? 131 ASP A OD1 1 
ATOM   1066 O OD2 . ASP A 1 131 ? 22.33371  -7.40583  -4.73994  1.000 119.26091 ? 131 ASP A OD2 1 
ATOM   1067 N N   . ASP A 1 132 ? 16.94378  -7.32970  -6.27591  1.000 90.03506  ? 132 ASP A N   1 
ATOM   1068 C CA  . ASP A 1 132 ? 15.84346  -8.11176  -6.81832  1.000 87.47096  ? 132 ASP A CA  1 
ATOM   1069 C C   . ASP A 1 132 ? 14.76209  -7.25873  -7.45642  1.000 81.45478  ? 132 ASP A C   1 
ATOM   1070 O O   . ASP A 1 132 ? 13.76802  -7.80666  -7.93505  1.000 76.81099  ? 132 ASP A O   1 
ATOM   1071 C CB  . ASP A 1 132 ? 15.21829  -8.98660  -5.72889  1.000 86.71035  ? 132 ASP A CB  1 
ATOM   1072 C CG  . ASP A 1 132 ? 16.23959  -9.82646  -4.99712  1.000 97.56464  ? 132 ASP A CG  1 
ATOM   1073 O OD1 . ASP A 1 132 ? 17.17792  -10.31743 -5.65656  1.000 102.04092 ? 132 ASP A OD1 1 
ATOM   1074 O OD2 . ASP A 1 132 ? 16.09923  -10.01211 -3.76938  1.000 96.52735  ? 132 ASP A OD2 1 
ATOM   1075 N N   . TRP A 1 133 ? 14.92843  -5.94383  -7.48360  1.000 76.37035  ? 133 TRP A N   1 
ATOM   1076 C CA  . TRP A 1 133 ? 13.89086  -5.04353  -7.96322  1.000 75.37704  ? 133 TRP A CA  1 
ATOM   1077 C C   . TRP A 1 133 ? 14.46489  -4.09354  -9.00121  1.000 78.07610  ? 133 TRP A C   1 
ATOM   1078 O O   . TRP A 1 133 ? 15.52393  -3.49234  -8.79147  1.000 76.85765  ? 133 TRP A O   1 
ATOM   1079 C CB  . TRP A 1 133 ? 13.27297  -4.25977  -6.80782  1.000 65.64995  ? 133 TRP A CB  1 
ATOM   1080 C CG  . TRP A 1 133 ? 12.47425  -5.14069  -5.89139  1.000 69.99774  ? 133 TRP A CG  1 
ATOM   1081 C CD1 . TRP A 1 133 ? 12.91167  -5.75115  -4.74811  1.000 74.05272  ? 133 TRP A CD1 1 
ATOM   1082 C CD2 . TRP A 1 133 ? 11.09885  -5.50454  -6.04002  1.000 60.80738  ? 133 TRP A CD2 1 
ATOM   1083 N NE1 . TRP A 1 133 ? 11.89259  -6.47375  -4.17600  1.000 67.14524  ? 133 TRP A NE1 1 
ATOM   1084 C CE2 . TRP A 1 133 ? 10.76705  -6.33719  -4.94926  1.000 69.83044  ? 133 TRP A CE2 1 
ATOM   1085 C CE3 . TRP A 1 133 ? 10.11458  -5.20740  -6.98821  1.000 56.15562  ? 133 TRP A CE3 1 
ATOM   1086 C CZ2 . TRP A 1 133 ? 9.49164   -6.88275  -4.78523  1.000 56.61697  ? 133 TRP A CZ2 1 
ATOM   1087 C CZ3 . TRP A 1 133 ? 8.84542   -5.74437  -6.81832  1.000 57.98429  ? 133 TRP A CZ3 1 
ATOM   1088 C CH2 . TRP A 1 133 ? 8.54986   -6.57280  -5.72050  1.000 55.52149  ? 133 TRP A CH2 1 
ATOM   1089 N N   . GLU A 1 134 ? 13.76163  -3.96167  -10.11408 1.000 67.65601  ? 134 GLU A N   1 
ATOM   1090 C CA  . GLU A 1 134 ? 14.14946  -3.07248  -11.19117 1.000 67.45947  ? 134 GLU A CA  1 
ATOM   1091 C C   . GLU A 1 134 ? 13.18241  -1.89760  -11.19268 1.000 64.66643  ? 134 GLU A C   1 
ATOM   1092 O O   . GLU A 1 134 ? 11.96795  -2.09015  -11.32261 1.000 61.94906  ? 134 GLU A O   1 
ATOM   1093 C CB  . GLU A 1 134 ? 14.13743  -3.82179  -12.52480 1.000 78.01344  ? 134 GLU A CB  1 
ATOM   1094 C CG  . GLU A 1 134 ? 14.26814  -2.94994  -13.74687 1.000 74.38014  ? 134 GLU A CG  1 
ATOM   1095 C CD  . GLU A 1 134 ? 14.49692  -3.74744  -15.03278 1.000 81.30375  ? 134 GLU A CD  1 
ATOM   1096 O OE1 . GLU A 1 134 ? 14.29626  -4.98678  -15.03494 1.000 85.19351  ? 134 GLU A OE1 1 
ATOM   1097 O OE2 . GLU A 1 134 ? 14.86002  -3.11878  -16.05149 1.000 83.27661  ? 134 GLU A OE2 1 
ATOM   1098 N N   . SER A 1 135 ? 13.71034  -0.69023  -11.01779 1.000 54.37964  ? 135 SER A N   1 
ATOM   1099 C CA  . SER A 1 135 ? 12.89118  0.49535   -11.18905 1.000 55.30842  ? 135 SER A CA  1 
ATOM   1100 C C   . SER A 1 135 ? 12.56999  0.68308   -12.66383 1.000 61.77795  ? 135 SER A C   1 
ATOM   1101 O O   . SER A 1 135 ? 13.47646  0.72496   -13.49940 1.000 61.13891  ? 135 SER A O   1 
ATOM   1102 C CB  . SER A 1 135 ? 13.60176  1.72899   -10.65571 1.000 50.81255  ? 135 SER A CB  1 
ATOM   1103 O OG  . SER A 1 135 ? 12.70901  2.84198   -10.66664 1.000 57.73738  ? 135 SER A OG  1 
ATOM   1104 N N   . VAL A 1 136 ? 11.28121  0.79529   -12.98905 1.000 55.30651  ? 136 VAL A N   1 
ATOM   1105 C CA  . VAL A 1 136 ? 10.85014  0.93847   -14.37244 1.000 57.59293  ? 136 VAL A CA  1 
ATOM   1106 C C   . VAL A 1 136 ? 10.14097  2.25232   -14.61887 1.000 62.53970  ? 136 VAL A C   1 
ATOM   1107 O O   . VAL A 1 136 ? 9.82487   2.56274   -15.77491 1.000 57.67927  ? 136 VAL A O   1 
ATOM   1108 C CB  . VAL A 1 136 ? 9.95745   -0.23773  -14.82371 1.000 56.18292  ? 136 VAL A CB  1 
ATOM   1109 C CG1 . VAL A 1 136 ? 10.71898  -1.53016  -14.72986 1.000 55.64722  ? 136 VAL A CG1 1 
ATOM   1110 C CG2 . VAL A 1 136 ? 8.64721   -0.29402  -14.00974 1.000 60.22617  ? 136 VAL A CG2 1 
ATOM   1111 N N   . PHE A 1 137 ? 9.90292   3.04898   -13.57616 1.000 54.11146  ? 137 PHE A N   1 
ATOM   1112 C CA  . PHE A 1 137 ? 9.19635   4.30633   -13.75716 1.000 52.01834  ? 137 PHE A CA  1 
ATOM   1113 C C   . PHE A 1 137 ? 9.40448   5.18187   -12.53255 1.000 56.81150  ? 137 PHE A C   1 
ATOM   1114 O O   . PHE A 1 137 ? 9.34388   4.69523   -11.39900 1.000 55.06546  ? 137 PHE A O   1 
ATOM   1115 C CB  . PHE A 1 137 ? 7.70769   4.07986   -13.97256 1.000 50.29065  ? 137 PHE A CB  1 
ATOM   1116 C CG  . PHE A 1 137 ? 6.90502   5.34749   -13.98994 1.000 59.58470  ? 137 PHE A CG  1 
ATOM   1117 C CD1 . PHE A 1 137 ? 6.83427   6.12285   -15.13155 1.000 58.90601  ? 137 PHE A CD1 1 
ATOM   1118 C CD2 . PHE A 1 137 ? 6.22222   5.76923   -12.86131 1.000 54.51361  ? 137 PHE A CD2 1 
ATOM   1119 C CE1 . PHE A 1 137 ? 6.09171   7.29456   -15.15282 1.000 59.23109  ? 137 PHE A CE1 1 
ATOM   1120 C CE2 . PHE A 1 137 ? 5.47997   6.94418   -12.87691 1.000 53.96110  ? 137 PHE A CE2 1 
ATOM   1121 C CZ  . PHE A 1 137 ? 5.40981   7.69964   -14.02334 1.000 57.50434  ? 137 PHE A CZ  1 
ATOM   1122 N N   . SER A 1 138 ? 9.64162   6.47071   -12.76774 1.000 48.42316  ? 138 SER A N   1 
ATOM   1123 C CA  . SER A 1 138 ? 9.75737   7.42967   -11.68293 1.000 52.75330  ? 138 SER A CA  1 
ATOM   1124 C C   . SER A 1 138 ? 9.28946   8.76536   -12.20529 1.000 59.77966  ? 138 SER A C   1 
ATOM   1125 O O   . SER A 1 138 ? 9.48269   9.08280   -13.38232 1.000 60.61883  ? 138 SER A O   1 
ATOM   1126 C CB  . SER A 1 138 ? 11.18724  7.55575   -11.16197 1.000 60.21741  ? 138 SER A CB  1 
ATOM   1127 O OG  . SER A 1 138 ? 12.06786  7.85445   -12.23219 1.000 62.83608  ? 138 SER A OG  1 
ATOM   1128 N N   . GLU A 1 139 ? 8.68231   9.55991   -11.33266 1.000 49.12672  ? 139 GLU A N   1 
ATOM   1129 C CA  . GLU A 1 139 ? 8.18227   10.84163  -11.80294 1.000 53.57494  ? 139 GLU A CA  1 
ATOM   1130 C C   . GLU A 1 139 ? 8.18427   11.82446  -10.64319 1.000 62.29260  ? 139 GLU A C   1 
ATOM   1131 O O   . GLU A 1 139 ? 7.35055   11.70719  -9.74168  1.000 54.51446  ? 139 GLU A O   1 
ATOM   1132 C CB  . GLU A 1 139 ? 6.79617   10.66486  -12.39087 1.000 52.10634  ? 139 GLU A CB  1 
ATOM   1133 C CG  . GLU A 1 139 ? 6.10412   11.92948  -12.74958 1.000 63.06043  ? 139 GLU A CG  1 
ATOM   1134 C CD  . GLU A 1 139 ? 4.66674   11.65703  -13.13664 1.000 72.74389  ? 139 GLU A CD  1 
ATOM   1135 O OE1 . GLU A 1 139 ? 4.43866   11.32812  -14.32420 1.000 76.18366  ? 139 GLU A OE1 1 
ATOM   1136 O OE2 . GLU A 1 139 ? 3.78012   11.73599  -12.24509 1.000 62.61987  ? 139 GLU A OE2 1 
ATOM   1137 N N   . PHE A 1 140 ? 9.11324   12.78642  -10.68426 1.000 57.61416  ? 140 PHE A N   1 
ATOM   1138 C CA  . PHE A 1 140 ? 9.32639   13.73627  -9.59943  1.000 57.88230  ? 140 PHE A CA  1 
ATOM   1139 C C   . PHE A 1 140 ? 8.37719   14.91978  -9.72779  1.000 57.19489  ? 140 PHE A C   1 
ATOM   1140 O O   . PHE A 1 140 ? 7.99932   15.31780  -10.82958 1.000 61.29600  ? 140 PHE A O   1 
ATOM   1141 C CB  . PHE A 1 140 ? 10.77639  14.23246  -9.61388  1.000 56.17106  ? 140 PHE A CB  1 
ATOM   1142 C CG  . PHE A 1 140 ? 11.07691  15.27748  -8.57714  1.000 59.63608  ? 140 PHE A CG  1 
ATOM   1143 C CD1 . PHE A 1 140 ? 10.91430  16.62451  -8.86175  1.000 61.38065  ? 140 PHE A CD1 1 
ATOM   1144 C CD2 . PHE A 1 140 ? 11.55175  14.91297  -7.31941  1.000 62.16563  ? 140 PHE A CD2 1 
ATOM   1145 C CE1 . PHE A 1 140 ? 11.19904  17.58916  -7.89812  1.000 63.19109  ? 140 PHE A CE1 1 
ATOM   1146 C CE2 . PHE A 1 140 ? 11.84273  15.86947  -6.35805  1.000 62.18749  ? 140 PHE A CE2 1 
ATOM   1147 C CZ  . PHE A 1 140 ? 11.66304  17.20279  -6.64527  1.000 62.92712  ? 140 PHE A CZ  1 
ATOM   1148 N N   . HIS A 1 141 ? 8.00442   15.49654  -8.58834  1.000 55.42694  ? 141 HIS A N   1 
ATOM   1149 C CA  . HIS A 1 141 ? 7.13077   16.65608  -8.56975  1.000 45.75572  ? 141 HIS A CA  1 
ATOM   1150 C C   . HIS A 1 141 ? 7.59900   17.63598  -7.49982  1.000 60.20511  ? 141 HIS A C   1 
ATOM   1151 O O   . HIS A 1 141 ? 7.92820   17.22578  -6.37980  1.000 62.20357  ? 141 HIS A O   1 
ATOM   1152 C CB  . HIS A 1 141 ? 5.68546   16.23796  -8.28194  1.000 59.17263  ? 141 HIS A CB  1 
ATOM   1153 C CG  . HIS A 1 141 ? 5.03896   15.46441  -9.39074  1.000 63.42346  ? 141 HIS A CG  1 
ATOM   1154 N ND1 . HIS A 1 141 ? 4.33062   16.07075  -10.40760 1.000 62.51474  ? 141 HIS A ND1 1 
ATOM   1155 C CD2 . HIS A 1 141 ? 4.99663   14.13278  -9.64659  1.000 64.53229  ? 141 HIS A CD2 1 
ATOM   1156 C CE1 . HIS A 1 141 ? 3.87042   15.14730  -11.23382 1.000 60.74147  ? 141 HIS A CE1 1 
ATOM   1157 N NE2 . HIS A 1 141 ? 4.26077   13.96332  -10.79669 1.000 60.73882  ? 141 HIS A NE2 1 
ATOM   1158 N N   . ASP A 1 142 ? 7.62056   18.92893  -7.83874  1.000 57.51998  ? 142 ASP A N   1 
ATOM   1159 C CA  . ASP A 1 142 ? 7.90042   19.96112  -6.84503  1.000 59.71157  ? 142 ASP A CA  1 
ATOM   1160 C C   . ASP A 1 142 ? 6.73574   20.13052  -5.88047  1.000 61.52084  ? 142 ASP A C   1 
ATOM   1161 O O   . ASP A 1 142 ? 5.57115   19.91594  -6.23473  1.000 58.10600  ? 142 ASP A O   1 
ATOM   1162 C CB  . ASP A 1 142 ? 8.14652   21.31253  -7.50586  1.000 53.46812  ? 142 ASP A CB  1 
ATOM   1163 C CG  . ASP A 1 142 ? 9.43418   21.35788  -8.25725  1.000 56.78830  ? 142 ASP A CG  1 
ATOM   1164 O OD1 . ASP A 1 142 ? 10.40371  20.73908  -7.79266  1.000 66.96095  ? 142 ASP A OD1 1 
ATOM   1165 O OD2 . ASP A 1 142 ? 9.47954   22.02241  -9.30962  1.000 69.90338  ? 142 ASP A OD2 1 
ATOM   1166 N N   . ALA A 1 143 ? 7.05675   20.56146  -4.66076  1.000 53.96326  ? 143 ALA A N   1 
ATOM   1167 C CA  . ALA A 1 143 ? 6.03354   21.11952  -3.78950  1.000 61.38781  ? 143 ALA A CA  1 
ATOM   1168 C C   . ALA A 1 143 ? 5.31248   22.25669  -4.50647  1.000 63.65815  ? 143 ALA A C   1 
ATOM   1169 O O   . ALA A 1 143 ? 5.92353   23.00005  -5.27486  1.000 70.40971  ? 143 ALA A O   1 
ATOM   1170 C CB  . ALA A 1 143 ? 6.67442   21.62032  -2.49473  1.000 64.91778  ? 143 ALA A CB  1 
ATOM   1171 N N   . ASP A 1 144 ? 4.00514   22.36922  -4.29024  1.000 68.28274  ? 144 ASP A N   1 
ATOM   1172 C CA  . ASP A 1 144 ? 3.20367   23.44129  -4.88776  1.000 68.77436  ? 144 ASP A CA  1 
ATOM   1173 C C   . ASP A 1 144 ? 2.17570   23.89235  -3.85125  1.000 75.53713  ? 144 ASP A C   1 
ATOM   1174 O O   . ASP A 1 144 ? 2.28479   23.58387  -2.65810  1.000 72.79194  ? 144 ASP A O   1 
ATOM   1175 C CB  . ASP A 1 144 ? 2.55855   23.01262  -6.22571  1.000 69.60563  ? 144 ASP A CB  1 
ATOM   1176 C CG  . ASP A 1 144 ? 1.51531   21.89652  -6.07556  1.000 74.85883  ? 144 ASP A CG  1 
ATOM   1177 O OD1 . ASP A 1 144 ? 1.20670   21.48031  -4.94547  1.000 77.02249  ? 144 ASP A OD1 1 
ATOM   1178 O OD2 . ASP A 1 144 ? 0.97595   21.43450  -7.10482  1.000 78.78403  ? 144 ASP A OD2 1 
ATOM   1179 N N   . ALA A 1 145 ? 1.15343   24.62210  -4.30782  1.000 74.54971  ? 145 ALA A N   1 
ATOM   1180 C CA  . ALA A 1 145 ? 0.14013   25.13574  -3.38884  1.000 81.34663  ? 145 ALA A CA  1 
ATOM   1181 C C   . ALA A 1 145 ? -0.53136  24.00091  -2.61667  1.000 80.94304  ? 145 ALA A C   1 
ATOM   1182 O O   . ALA A 1 145 ? -0.56645  24.00758  -1.37941  1.000 78.32518  ? 145 ALA A O   1 
ATOM   1183 C CB  . ALA A 1 145 ? -0.88967  25.96261  -4.16171  1.000 75.69461  ? 145 ALA A CB  1 
ATOM   1184 N N   . GLN A 1 146 ? -1.02910  22.99223  -3.33702  1.000 83.37184  ? 146 GLN A N   1 
ATOM   1185 C CA  . GLN A 1 146 ? -1.79200  21.89169  -2.75554  1.000 79.78704  ? 146 GLN A CA  1 
ATOM   1186 C C   . GLN A 1 146 ? -0.92356  20.82904  -2.10068  1.000 75.64218  ? 146 GLN A C   1 
ATOM   1187 O O   . GLN A 1 146 ? -1.41123  20.09876  -1.23272  1.000 75.54853  ? 146 GLN A O   1 
ATOM   1188 C CB  . GLN A 1 146 ? -2.66002  21.26036  -3.84150  1.000 80.95906  ? 146 GLN A CB  1 
ATOM   1189 C CG  . GLN A 1 146 ? -3.58748  22.27683  -4.48839  1.000 91.44231  ? 146 GLN A CG  1 
ATOM   1190 C CD  . GLN A 1 146 ? -2.93247  23.01994  -5.64252  1.000 93.87312  ? 146 GLN A CD  1 
ATOM   1191 O OE1 . GLN A 1 146 ? -1.83006  22.67081  -6.07748  1.000 93.55273  ? 146 GLN A OE1 1 
ATOM   1192 N NE2 . GLN A 1 146 ? -3.58903  24.07897  -6.11401  1.000 96.39911  ? 146 GLN A NE2 1 
ATOM   1193 N N   . ASN A 1 147 ? 0.34410   20.72681  -2.47338  1.000 70.34473  ? 147 ASN A N   1 
ATOM   1194 C CA  . ASN A 1 147 ? 1.21150   19.67616  -1.96634  1.000 69.52052  ? 147 ASN A CA  1 
ATOM   1195 C C   . ASN A 1 147 ? 2.37999   20.30655  -1.22631  1.000 71.49756  ? 147 ASN A C   1 
ATOM   1196 O O   . ASN A 1 147 ? 3.18810   21.02595  -1.82300  1.000 73.20375  ? 147 ASN A O   1 
ATOM   1197 C CB  . ASN A 1 147 ? 1.68004   18.78094  -3.10885  1.000 71.56868  ? 147 ASN A CB  1 
ATOM   1198 C CG  . ASN A 1 147 ? 0.52953   18.06418  -3.77358  1.000 72.93446  ? 147 ASN A CG  1 
ATOM   1199 O OD1 . ASN A 1 147 ? 0.01914   17.08047  -3.24421  1.000 72.70799  ? 147 ASN A OD1 1 
ATOM   1200 N ND2 . ASN A 1 147 ? 0.09941   18.56153  -4.92768  1.000 71.83687  ? 147 ASN A ND2 1 
ATOM   1201 N N   . SER A 1 148 ? 2.47387   20.01940  0.06814   1.000 73.86245  ? 148 SER A N   1 
ATOM   1202 C CA  . SER A 1 148 ? 3.37081   20.74979  0.94929   1.000 74.33744  ? 148 SER A CA  1 
ATOM   1203 C C   . SER A 1 148 ? 4.82906   20.31728  0.83135   1.000 72.28526  ? 148 SER A C   1 
ATOM   1204 O O   . SER A 1 148 ? 5.71047   21.05851  1.27509   1.000 71.70276  ? 148 SER A O   1 
ATOM   1205 C CB  . SER A 1 148 ? 2.87918   20.60824  2.39339   1.000 80.84713  ? 148 SER A CB  1 
ATOM   1206 O OG  . SER A 1 148 ? 3.26331   19.36084  2.94769   1.000 92.46237  ? 148 SER A OG  1 
ATOM   1207 N N   . HIS A 1 149 ? 5.11384   19.15684  0.24944   1.000 65.93164  ? 149 HIS A N   1 
ATOM   1208 C CA  . HIS A 1 149 ? 6.49272   18.72205  0.05325   1.000 70.73960  ? 149 HIS A CA  1 
ATOM   1209 C C   . HIS A 1 149 ? 6.65141   18.17148  -1.35193  1.000 68.99009  ? 149 HIS A C   1 
ATOM   1210 O O   . HIS A 1 149 ? 5.67496   17.79199  -1.99652  1.000 64.94869  ? 149 HIS A O   1 
ATOM   1211 C CB  . HIS A 1 149 ? 6.91097   17.66021  1.06989   1.000 75.45776  ? 149 HIS A CB  1 
ATOM   1212 C CG  . HIS A 1 149 ? 6.94394   18.15006  2.48526   1.000 84.06010  ? 149 HIS A CG  1 
ATOM   1213 N ND1 . HIS A 1 149 ? 6.01061   17.77128  3.42852   1.000 88.49299  ? 149 HIS A ND1 1 
ATOM   1214 C CD2 . HIS A 1 149 ? 7.83226   18.94128  3.13232   1.000 84.82099  ? 149 HIS A CD2 1 
ATOM   1215 C CE1 . HIS A 1 149 ? 6.30071   18.33790  4.58650   1.000 89.95808  ? 149 HIS A CE1 1 
ATOM   1216 N NE2 . HIS A 1 149 ? 7.40371   19.05048  4.43478   1.000 91.95968  ? 149 HIS A NE2 1 
ATOM   1217 N N   . SER A 1 150 ? 7.89488   18.12818  -1.82944  1.000 69.39676  ? 150 SER A N   1 
ATOM   1218 C CA  . SER A 1 150 ? 8.12601   17.46233  -3.10068  1.000 66.76412  ? 150 SER A CA  1 
ATOM   1219 C C   . SER A 1 150 ? 7.99431   15.95154  -2.91915  1.000 66.85221  ? 150 SER A C   1 
ATOM   1220 O O   . SER A 1 150 ? 8.13783   15.40616  -1.81709  1.000 61.37450  ? 150 SER A O   1 
ATOM   1221 C CB  . SER A 1 150 ? 9.49584   17.81124  -3.67408  1.000 62.89269  ? 150 SER A CB  1 
ATOM   1222 O OG  . SER A 1 150 ? 10.51603  17.38263  -2.81442  1.000 67.61045  ? 150 SER A OG  1 
ATOM   1223 N N   . TYR A 1 151 ? 7.70576   15.27243  -4.02021  1.000 55.60296  ? 151 TYR A N   1 
ATOM   1224 C CA  . TYR A 1 151 ? 7.40354   13.85105  -3.94587  1.000 56.25311  ? 151 TYR A CA  1 
ATOM   1225 C C   . TYR A 1 151 ? 7.70758   13.23713  -5.29906  1.000 57.78589  ? 151 TYR A C   1 
ATOM   1226 O O   . TYR A 1 151 ? 7.69173   13.91851  -6.33014  1.000 55.12797  ? 151 TYR A O   1 
ATOM   1227 C CB  . TYR A 1 151 ? 5.94078   13.60453  -3.55455  1.000 48.64447  ? 151 TYR A CB  1 
ATOM   1228 C CG  . TYR A 1 151 ? 4.98052   14.30548  -4.47635  1.000 55.55386  ? 151 TYR A CG  1 
ATOM   1229 C CD1 . TYR A 1 151 ? 4.66299   15.64484  -4.28159  1.000 52.88472  ? 151 TYR A CD1 1 
ATOM   1230 C CD2 . TYR A 1 151 ? 4.41783   13.64296  -5.56817  1.000 52.96764  ? 151 TYR A CD2 1 
ATOM   1231 C CE1 . TYR A 1 151 ? 3.80518   16.30491  -5.13171  1.000 53.46993  ? 151 TYR A CE1 1 
ATOM   1232 C CE2 . TYR A 1 151 ? 3.54233   14.30055  -6.42837  1.000 50.03457  ? 151 TYR A CE2 1 
ATOM   1233 C CZ  . TYR A 1 151 ? 3.24706   15.62854  -6.19756  1.000 53.12512  ? 151 TYR A CZ  1 
ATOM   1234 O OH  . TYR A 1 151 ? 2.40339   16.29503  -7.03286  1.000 56.06907  ? 151 TYR A OH  1 
ATOM   1235 N N   . CYS A 1 152 ? 7.97621   11.93858  -5.27851  1.000 50.89061  ? 152 CYS A N   1 
ATOM   1236 C CA  . CYS A 1 152 ? 8.36529   11.21455  -6.47922  1.000 56.86119  ? 152 CYS A CA  1 
ATOM   1237 C C   . CYS A 1 152 ? 7.65078   9.87301   -6.50184  1.000 53.40548  ? 152 CYS A C   1 
ATOM   1238 O O   . CYS A 1 152 ? 7.84481   9.05372   -5.60112  1.000 55.17055  ? 152 CYS A O   1 
ATOM   1239 C CB  . CYS A 1 152 ? 9.88050   11.01829  -6.52749  1.000 53.49371  ? 152 CYS A CB  1 
ATOM   1240 S SG  . CYS A 1 152 ? 10.39811  10.26009  -8.06619  1.000 66.25453  ? 152 CYS A SG  1 
ATOM   1241 N N   . PHE A 1 153 ? 6.80848   9.65585   -7.50642  1.000 53.11082  ? 153 PHE A N   1 
ATOM   1242 C CA  . PHE A 1 153 ? 6.22402   8.33659   -7.71515  1.000 47.86162  ? 153 PHE A CA  1 
ATOM   1243 C C   . PHE A 1 153 ? 7.24833   7.42177   -8.34069  1.000 53.95478  ? 153 PHE A C   1 
ATOM   1244 O O   . PHE A 1 153 ? 8.02314   7.84449   -9.20222  1.000 59.31298  ? 153 PHE A O   1 
ATOM   1245 C CB  . PHE A 1 153 ? 5.01304   8.42101   -8.62872  1.000 52.34986  ? 153 PHE A CB  1 
ATOM   1246 C CG  . PHE A 1 153 ? 3.99060   9.38111   -8.16040  1.000 52.07520  ? 153 PHE A CG  1 
ATOM   1247 C CD1 . PHE A 1 153 ? 3.48117   9.28216   -6.87796  1.000 51.47754  ? 153 PHE A CD1 1 
ATOM   1248 C CD2 . PHE A 1 153 ? 3.53959   10.38864  -8.98697  1.000 55.32277  ? 153 PHE A CD2 1 
ATOM   1249 C CE1 . PHE A 1 153 ? 2.52165   10.17070  -6.43480  1.000 57.20540  ? 153 PHE A CE1 1 
ATOM   1250 C CE2 . PHE A 1 153 ? 2.57013   11.28253  -8.54880  1.000 52.91120  ? 153 PHE A CE2 1 
ATOM   1251 C CZ  . PHE A 1 153 ? 2.06941   11.17303  -7.26211  1.000 51.42572  ? 153 PHE A CZ  1 
ATOM   1252 N N   . GLU A 1 154 ? 7.25054   6.16309   -7.91913  1.000 43.77389  ? 154 GLU A N   1 
ATOM   1253 C CA  . GLU A 1 154 ? 8.14673   5.19590   -8.51428  1.000 47.01931  ? 154 GLU A CA  1 
ATOM   1254 C C   . GLU A 1 154 ? 7.43404   3.85376   -8.62569  1.000 54.46157  ? 154 GLU A C   1 
ATOM   1255 O O   . GLU A 1 154 ? 6.60776   3.50617   -7.77885  1.000 52.58468  ? 154 GLU A O   1 
ATOM   1256 C CB  . GLU A 1 154 ? 9.43197   5.05955   -7.69553  1.000 52.61715  ? 154 GLU A CB  1 
ATOM   1257 C CG  . GLU A 1 154 ? 10.42551  4.15049   -8.34443  1.000 48.72831  ? 154 GLU A CG  1 
ATOM   1258 C CD  . GLU A 1 154 ? 11.60013  3.83376   -7.46737  1.000 59.80714  ? 154 GLU A CD  1 
ATOM   1259 O OE1 . GLU A 1 154 ? 11.51915  4.06994   -6.24166  1.000 55.23391  ? 154 GLU A OE1 1 
ATOM   1260 O OE2 . GLU A 1 154 ? 12.59297  3.28839   -7.99922  1.000 57.62074  ? 154 GLU A OE2 1 
ATOM   1261 N N   . ILE A 1 155 ? 7.75560   3.09461   -9.67240  1.000 50.89151  ? 155 ILE A N   1 
ATOM   1262 C CA  . ILE A 1 155 ? 7.21454   1.74870   -9.84625  1.000 50.13640  ? 155 ILE A CA  1 
ATOM   1263 C C   . ILE A 1 155 ? 8.38161   0.80641   -10.05548 1.000 52.00055  ? 155 ILE A C   1 
ATOM   1264 O O   . ILE A 1 155 ? 9.26888   1.07719   -10.87434 1.000 52.95871  ? 155 ILE A O   1 
ATOM   1265 C CB  . ILE A 1 155 ? 6.22367   1.64720   -11.02535 1.000 49.75429  ? 155 ILE A CB  1 
ATOM   1266 C CG1 . ILE A 1 155 ? 5.04019   2.57200   -10.78489 1.000 47.45262  ? 155 ILE A CG1 1 
ATOM   1267 C CG2 . ILE A 1 155 ? 5.78678   0.18010   -11.21063 1.000 53.43062  ? 155 ILE A CG2 1 
ATOM   1268 C CD1 . ILE A 1 155 ? 3.98347   2.57079   -11.91199 1.000 51.76615  ? 155 ILE A CD1 1 
ATOM   1269 N N   . LEU A 1 156 ? 8.40591   -0.27944  -9.30146  1.000 47.65607  ? 156 LEU A N   1 
ATOM   1270 C CA  . LEU A 1 156 ? 9.46958   -1.25541  -9.44651  1.000 52.92620  ? 156 LEU A CA  1 
ATOM   1271 C C   . LEU A 1 156 ? 8.84926   -2.60188  -9.75785  1.000 52.57598  ? 156 LEU A C   1 
ATOM   1272 O O   . LEU A 1 156 ? 7.71338   -2.88476  -9.36856  1.000 51.02854  ? 156 LEU A O   1 
ATOM   1273 C CB  . LEU A 1 156 ? 10.35685  -1.35571  -8.17531  1.000 52.80774  ? 156 LEU A CB  1 
ATOM   1274 C CG  . LEU A 1 156 ? 11.04780  -0.08088  -7.65484  1.000 55.88554  ? 156 LEU A CG  1 
ATOM   1275 C CD1 . LEU A 1 156 ? 10.23465  0.61160   -6.59877  1.000 48.15238  ? 156 LEU A CD1 1 
ATOM   1276 C CD2 . LEU A 1 156 ? 12.41338  -0.42066  -7.09819  1.000 54.60739  ? 156 LEU A CD2 1 
ATOM   1277 N N   . GLU A 1 157 ? 9.59943   -3.43135  -10.46171 1.000 55.81515  ? 157 GLU A N   1 
ATOM   1278 C CA  . GLU A 1 157 ? 9.14727   -4.77477  -10.75872 1.000 54.05847  ? 157 GLU A CA  1 
ATOM   1279 C C   . GLU A 1 157 ? 10.22862  -5.77184  -10.38001 1.000 61.19222  ? 157 GLU A C   1 
ATOM   1280 O O   . GLU A 1 157 ? 11.41822  -5.49916  -10.53181 1.000 57.83808  ? 157 GLU A O   1 
ATOM   1281 C CB  . GLU A 1 157 ? 8.74897   -4.88599  -12.21323 1.000 60.01749  ? 157 GLU A CB  1 
ATOM   1282 C CG  . GLU A 1 157 ? 7.24398   -4.79187  -12.34247 1.000 65.64990  ? 157 GLU A CG  1 
ATOM   1283 C CD  . GLU A 1 157 ? 6.80665   -4.40856  -13.71418 1.000 64.08685  ? 157 GLU A CD  1 
ATOM   1284 O OE1 . GLU A 1 157 ? 7.50560   -4.78968  -14.67455 1.000 70.65755  ? 157 GLU A OE1 1 
ATOM   1285 O OE2 . GLU A 1 157 ? 5.78003   -3.69830  -13.82667 1.000 66.82081  ? 157 GLU A OE2 1 
ATOM   1286 N N   . ARG A 1 158 ? 9.80155   -6.89937  -9.82735  1.000 58.38176  ? 158 ARG A N   1 
ATOM   1287 C CA  . ARG A 1 158 ? 10.73387  -7.92282  -9.39510  1.000 68.82448  ? 158 ARG A CA  1 
ATOM   1288 C C   . ARG A 1 158 ? 11.54146  -8.45793  -10.56473 1.000 74.90733  ? 158 ARG A C   1 
ATOM   1289 O O   . ARG A 1 158 ? 10.98344  -8.86401  -11.58877 1.000 70.13313  ? 158 ARG A O   1 
ATOM   1290 C CB  . ARG A 1 158 ? 9.98545   -9.05696  -8.70180  1.000 68.91680  ? 158 ARG A CB  1 
ATOM   1291 C CG  . ARG A 1 158 ? 10.83694  -9.79190  -7.70327  1.000 69.21335  ? 158 ARG A CG  1 
ATOM   1292 C CD  . ARG A 1 158 ? 10.10537  -10.97501 -7.12660  1.000 72.90966  ? 158 ARG A CD  1 
ATOM   1293 N NE  . ARG A 1 158 ? 9.51375   -10.63801 -5.84130  1.000 68.76711  ? 158 ARG A NE  1 
ATOM   1294 C CZ  . ARG A 1 158 ? 10.21842  -10.40980 -4.74092  1.000 72.62973  ? 158 ARG A CZ  1 
ATOM   1295 N NH1 . ARG A 1 158 ? 11.53874  -10.51325 -4.73080  1.000 75.22208  ? 158 ARG A NH1 1 
ATOM   1296 N NH2 . ARG A 1 158 ? 9.58416   -10.07513 -3.62214  1.000 66.45311  ? 158 ARG A NH2 1 
ATOM   1297 N N   . ARG A 1 159 ? 12.86809  -8.40822  -10.41615 1.000 83.29544  ? 159 ARG A N   1 
ATOM   1298 C CA  . ARG A 1 159 ? 13.79860  -9.08486  -11.31612 1.000 94.47164  ? 159 ARG A CA  1 
ATOM   1299 C C   . ARG A 1 159 ? 13.80224  -10.55907 -10.93742 1.000 102.11879 ? 159 ARG A C   1 
ATOM   1300 O O   . ARG A 1 159 ? 14.63123  -11.04125 -10.16098 1.000 101.78138 ? 159 ARG A O   1 
ATOM   1301 C CB  . ARG A 1 159 ? 15.19791  -8.47252  -11.24628 1.000 95.88587  ? 159 ARG A CB  1 
ATOM   1302 C CG  . ARG A 1 159 ? 15.50448  -7.48260  -12.36725 1.000 100.93842 ? 159 ARG A CG  1 
ATOM   1303 C CD  . ARG A 1 159 ? 16.88604  -6.80572  -12.26584 1.000 101.37302 ? 159 ARG A CD  1 
ATOM   1304 N NE  . ARG A 1 159 ? 17.04367  -6.01857  -11.04721 1.000 99.32344  ? 159 ARG A NE  1 
ATOM   1305 C CZ  . ARG A 1 159 ? 17.64460  -4.83420  -10.99595 1.000 103.08052 ? 159 ARG A CZ  1 
ATOM   1306 N NH1 . ARG A 1 159 ? 18.11673  -4.24997  -12.08850 1.000 101.03397 ? 159 ARG A NH1 1 
ATOM   1307 N NH2 . ARG A 1 159 ? 17.74861  -4.20523  -9.82477  1.000 104.11567 ? 159 ARG A NH2 1 
ATOM   1308 N N   . LEU A 1 160 ? 12.81010  -11.27277 -11.46883 1.000 107.89827 ? 160 LEU A N   1 
ATOM   1309 C CA  . LEU A 1 160 ? 12.77820  -12.73145 -11.41675 1.000 116.44430 ? 160 LEU A CA  1 
ATOM   1310 C C   . LEU A 1 160 ? 13.49400  -13.20894 -12.67537 1.000 126.09526 ? 160 LEU A C   1 
ATOM   1311 O O   . LEU A 1 160 ? 12.89094  -13.48677 -13.71381 1.000 127.76894 ? 160 LEU A O   1 
ATOM   1312 N N   . GLU A 1 161 ? 14.81787  -13.26932 -12.57948 1.000 128.87586 ? 161 GLU A N   1 
ATOM   1313 C CA  . GLU A 1 161 ? 15.65626  -13.53684 -13.74036 1.000 134.44098 ? 161 GLU A CA  1 
ATOM   1314 C C   . GLU A 1 161 ? 16.84413  -14.43906 -13.39296 1.000 137.62230 ? 161 GLU A C   1 
ATOM   1315 O O   . GLU A 1 161 ? 17.06053  -14.79010 -12.23277 1.000 137.03283 ? 161 GLU A O   1 
ATOM   1316 C CB  . GLU A 1 161 ? 16.15232  -12.21500 -14.34619 1.000 132.69270 ? 161 GLU A CB  1 
ATOM   1317 C CG  . GLU A 1 161 ? 15.15022  -11.52797 -15.28216 1.000 132.71849 ? 161 GLU A CG  1 
ATOM   1318 C CD  . GLU A 1 161 ? 15.31034  -10.01476 -15.32875 1.000 125.99285 ? 161 GLU A CD  1 
ATOM   1319 O OE1 . GLU A 1 161 ? 16.44977  -9.52977  -15.18934 1.000 125.12300 ? 161 GLU A OE1 1 
ATOM   1320 O OE2 . GLU A 1 161 ? 14.29736  -9.30895  -15.51629 1.000 125.98344 ? 161 GLU A OE2 1 
HETATM 1321 S S   . SO4 B 2 .   ? -2.09063  -3.01993  9.93659   1.000 60.32966  ? 201 SO4 A S   1 
HETATM 1322 O O1  . SO4 B 2 .   ? -2.85603  -3.72582  10.97431  1.000 63.24162  ? 201 SO4 A O1  1 
HETATM 1323 O O2  . SO4 B 2 .   ? -1.23594  -3.97613  9.23671   1.000 55.57770  ? 201 SO4 A O2  1 
HETATM 1324 O O3  . SO4 B 2 .   ? -3.11414  -2.36143  9.09411   1.000 57.87297  ? 201 SO4 A O3  1 
HETATM 1325 O O4  . SO4 B 2 .   ? -1.19648  -2.00050  10.49603  1.000 66.33395  ? 201 SO4 A O4  1 
HETATM 1326 S S   . SO4 C 2 .   ? -4.36244  -8.58973  14.31779  1.000 69.90152  ? 202 SO4 A S   1 
HETATM 1327 O O1  . SO4 C 2 .   ? -4.95599  -8.66250  15.64869  1.000 82.16303  ? 202 SO4 A O1  1 
HETATM 1328 O O2  . SO4 C 2 .   ? -3.95844  -9.93746  13.86103  1.000 64.13228  ? 202 SO4 A O2  1 
HETATM 1329 O O3  . SO4 C 2 .   ? -5.37711  -8.00492  13.43677  1.000 62.18513  ? 202 SO4 A O3  1 
HETATM 1330 O O4  . SO4 C 2 .   ? -3.15900  -7.75745  14.36090  1.000 79.11649  ? 202 SO4 A O4  1 
HETATM 1331 S S   . SO4 D 2 .   ? 13.15358  -9.04406  -1.60015  1.000 87.24503  ? 203 SO4 A S   1 
HETATM 1332 O O1  . SO4 D 2 .   ? 11.69629  -9.17015  -1.55976  1.000 91.93663  ? 203 SO4 A O1  1 
HETATM 1333 O O2  . SO4 D 2 .   ? 13.66514  -10.12004 -2.45211  1.000 91.03506  ? 203 SO4 A O2  1 
HETATM 1334 O O3  . SO4 D 2 .   ? 13.66642  -9.17450  -0.23423  1.000 92.99938  ? 203 SO4 A O3  1 
HETATM 1335 O O4  . SO4 D 2 .   ? 13.52967  -7.73969  -2.12877  1.000 87.50325  ? 203 SO4 A O4  1 
HETATM 1336 S S   . SO4 E 2 .   ? 15.58657  5.35662   -0.13571  1.000 100.62360 ? 204 SO4 A S   1 
HETATM 1337 O O1  . SO4 E 2 .   ? 14.80480  5.23840   1.10034   1.000 98.98730  ? 204 SO4 A O1  1 
HETATM 1338 O O2  . SO4 E 2 .   ? 16.26117  4.10033   -0.46043  1.000 92.29124  ? 204 SO4 A O2  1 
HETATM 1339 O O3  . SO4 E 2 .   ? 14.65974  5.71057   -1.21625  1.000 83.11741  ? 204 SO4 A O3  1 
HETATM 1340 O O4  . SO4 E 2 .   ? 16.63280  6.37361   0.05052   1.000 92.06743  ? 204 SO4 A O4  1 
HETATM 1341 S S   . SO4 F 2 .   ? 2.55638   -20.63992 0.26033   1.000 122.90758 ? 205 SO4 A S   1 
HETATM 1342 O O1  . SO4 F 2 .   ? 2.56464   -22.01529 0.76160   1.000 118.07425 ? 205 SO4 A O1  1 
HETATM 1343 O O2  . SO4 F 2 .   ? 1.73240   -20.56141 -0.95238  1.000 107.00628 ? 205 SO4 A O2  1 
HETATM 1344 O O3  . SO4 F 2 .   ? 3.92810   -20.23512 -0.05141  1.000 121.77222 ? 205 SO4 A O3  1 
HETATM 1345 O O4  . SO4 F 2 .   ? 2.02581   -19.74856 1.29797   1.000 110.48397 ? 205 SO4 A O4  1 
HETATM 1346 S S   . SO4 G 2 .   ? -4.74927  -2.87188  19.08246  1.000 131.73094 ? 206 SO4 A S   1 
HETATM 1347 O O1  . SO4 G 2 .   ? -5.74113  -3.55320  19.91626  1.000 127.93240 ? 206 SO4 A O1  1 
HETATM 1348 O O2  . SO4 G 2 .   ? -3.60808  -3.75868  18.83219  1.000 120.27255 ? 206 SO4 A O2  1 
HETATM 1349 O O3  . SO4 G 2 .   ? -5.38979  -2.51467  17.81624  1.000 118.21705 ? 206 SO4 A O3  1 
HETATM 1350 O O4  . SO4 G 2 .   ? -4.28089  -1.65128  19.74351  1.000 130.28608 ? 206 SO4 A O4  1 
HETATM 1351 S S   . SO4 H 2 .   ? -17.65940 -13.27680 -1.78764  1.000 136.04211 ? 207 SO4 A S   1 
HETATM 1352 O O1  . SO4 H 2 .   ? -18.73483 -14.17210 -1.35196  1.000 118.05270 ? 207 SO4 A O1  1 
HETATM 1353 O O2  . SO4 H 2 .   ? -16.41556 -13.69965 -1.13312  1.000 117.26128 ? 207 SO4 A O2  1 
HETATM 1354 O O3  . SO4 H 2 .   ? -17.98786 -11.89861 -1.39781  1.000 123.48564 ? 207 SO4 A O3  1 
HETATM 1355 O O4  . SO4 H 2 .   ? -17.49523 -13.34732 -3.24517  1.000 119.24670 ? 207 SO4 A O4  1 
HETATM 1356 C C4  . 560 I 3 .   ? -1.78975  5.94853   0.44380   1.000 108.50344 ? 208 560 A C4  1 
HETATM 1357 C C5  . 560 I 3 .   ? -1.91837  4.63355   0.83788   1.000 110.35344 ? 208 560 A C5  1 
HETATM 1358 C C6  . 560 I 3 .   ? -1.10115  3.69025   0.25338   1.000 111.23344 ? 208 560 A C6  1 
HETATM 1359 N N1  . 560 I 3 .   ? -0.21145  4.04443   -0.66394  1.000 100.87344 ? 208 560 A N1  1 
HETATM 1360 N N3  . 560 I 3 .   ? -0.88150  6.25534   -0.47798  1.000 109.38344 ? 208 560 A N3  1 
HETATM 1361 C C2  . 560 I 3 .   ? -0.10479  5.32211   -1.02563  1.000 111.93344 ? 208 560 A C2  1 
HETATM 1362 C CAG . 560 I 3 .   ? -2.85487  4.27933   1.80029   1.000 106.78344 ? 208 560 A CAG 1 
HETATM 1363 C CAH . 560 I 3 .   ? -3.62448  3.97773   2.59037   1.000 114.73344 ? 208 560 A CAH 1 
HETATM 1364 C CAI . 560 I 3 .   ? -4.58900  3.53610   3.58862   1.000 115.43344 ? 208 560 A CAI 1 
HETATM 1365 C CAJ . 560 I 3 .   ? -5.46058  2.45096   2.98130   1.000 108.37344 ? 208 560 A CAJ 1 
HETATM 1366 C CAK . 560 I 3 .   ? -5.45163  4.53929   3.98549   1.000 119.34344 ? 208 560 A CAK 1 
HETATM 1367 C CAL . 560 I 3 .   ? -6.31125  5.12800   3.08286   1.000 116.15344 ? 208 560 A CAL 1 
HETATM 1368 C CAM . 560 I 3 .   ? -7.16572  6.12159   3.54371   1.000 117.76344 ? 208 560 A CAM 1 
HETATM 1369 C CAN . 560 I 3 .   ? -8.01217  6.67659   2.59096   1.000 114.46697 ? 208 560 A CAN 1 
HETATM 1370 C CAO . 560 I 3 .   ? -7.91211  6.24725   1.27900   1.000 111.59344 ? 208 560 A CAO 1 
HETATM 1371 C CAP . 560 I 3 .   ? -8.75720  6.77461   0.31440   1.000 111.01344 ? 208 560 A CAP 1 
HETATM 1372 C CAQ . 560 I 3 .   ? -9.70521  7.72598   0.66599   1.000 116.46886 ? 208 560 A CAQ 1 
HETATM 1373 C CAR . 560 I 3 .   ? -10.56274 8.26188   -0.27704  1.000 115.82852 ? 208 560 A CAR 1 
HETATM 1374 C CAT . 560 I 3 .   ? -9.81388  8.15113   1.97434   1.000 116.89864 ? 208 560 A CAT 1 
HETATM 1375 C CAU . 560 I 3 .   ? -8.97086  7.61695   2.92447   1.000 117.22410 ? 208 560 A CAU 1 
HETATM 1376 C CAV . 560 I 3 .   ? -7.18630  6.48946   4.84801   1.000 122.05159 ? 208 560 A CAV 1 
HETATM 1377 C CAX . 560 I 3 .   ? -7.59218  7.36593   6.88982   1.000 117.17344 ? 208 560 A CAX 1 
HETATM 1378 C CAZ . 560 I 3 .   ? -6.35253  5.90333   5.71715   1.000 122.56723 ? 208 560 A CAZ 1 
HETATM 1379 C CBA . 560 I 3 .   ? -5.50627  4.94738   5.31086   1.000 121.37912 ? 208 560 A CBA 1 
HETATM 1380 C CBC . 560 I 3 .   ? -2.58024  6.93497   1.00806   1.000 106.28344 ? 208 560 A CBC 1 
HETATM 1381 C CBD . 560 I 3 .   ? -3.57698  7.46634   -0.00670  1.000 102.35344 ? 208 560 A CBD 1 
HETATM 1382 N NAA . 560 I 3 .   ? 0.78024   5.67273   -1.94003  1.000 102.98344 ? 208 560 A NAA 1 
HETATM 1383 N NAE . 560 I 3 .   ? -1.24415  2.43933   0.64332   1.000 112.73344 ? 208 560 A NAE 1 
HETATM 1384 N NAS . 560 I 3 .   ? -11.13622 9.53468   0.18836   1.000 115.64556 ? 208 560 A NAS 1 
HETATM 1385 O OAW . 560 I 3 .   ? -7.95056  7.42993   5.49755   1.000 123.19344 ? 208 560 A OAW 1 
HETATM 1386 O OAY . 560 I 3 .   ? -6.50667  6.41046   6.97853   1.000 123.48344 ? 208 560 A OAY 1 
HETATM 1387 O O   . HOH J 4 .   ? 6.13404   -8.09970  10.75960  1.000 81.29845  ? 301 HOH A O   1 
HETATM 1388 O O   . HOH J 4 .   ? 13.08005  18.69445  1.84688   1.000 88.61073  ? 302 HOH A O   1 
HETATM 1389 O O   . HOH J 4 .   ? -3.37112  -11.39032 -9.60783  1.000 63.33409  ? 303 HOH A O   1 
HETATM 1390 O O   . HOH J 4 .   ? -10.28969 11.81592  0.63401   1.000 98.97250  ? 304 HOH A O   1 
HETATM 1391 O O   . HOH J 4 .   ? -17.52281 -10.30358 6.15367   1.000 58.42189  ? 305 HOH A O   1 
HETATM 1392 O O   . HOH J 4 .   ? -14.32481 -14.46089 0.12929   1.000 58.05317  ? 306 HOH A O   1 
HETATM 1393 O O   . HOH J 4 .   ? -6.30886  -14.62341 -6.48849  1.000 57.00455  ? 307 HOH A O   1 
HETATM 1394 O O   . HOH J 4 .   ? -16.29302 -8.54230  1.00438   1.000 61.63534  ? 308 HOH A O   1 
HETATM 1395 O O   . HOH J 4 .   ? -7.02701  -6.55328  -10.75825 1.000 53.96244  ? 309 HOH A O   1 
HETATM 1396 O O   . HOH J 4 .   ? 1.14795   -3.12667  10.77760  1.000 65.62861  ? 310 HOH A O   1 
HETATM 1397 O O   . HOH J 4 .   ? -4.39047  -6.96767  10.89752  1.000 56.10770  ? 311 HOH A O   1 
HETATM 1398 O O   . HOH J 4 .   ? -23.97691 -4.06110  5.82287   1.000 66.04995  ? 312 HOH A O   1 
HETATM 1399 O O   . HOH J 4 .   ? -4.10869  -20.56609 4.69459   1.000 55.42415  ? 313 HOH A O   1 
HETATM 1400 O O   . HOH J 4 .   ? -10.00026 -17.24629 7.39395   1.000 64.49815  ? 314 HOH A O   1 
HETATM 1401 O O   . HOH J 4 .   ? 4.20957   -14.21641 4.20394   1.000 67.98812  ? 315 HOH A O   1 
HETATM 1402 O O   . HOH J 4 .   ? -17.19088 -12.37599 13.02574  1.000 61.06443  ? 316 HOH A O   1 
HETATM 1403 O O   . HOH J 4 .   ? 12.30452  21.52572  -6.03286  1.000 62.84725  ? 317 HOH A O   1 
HETATM 1404 O O   . HOH J 4 .   ? -9.98995  -12.23698 10.40707  1.000 51.18768  ? 318 HOH A O   1 
HETATM 1405 O O   . HOH J 4 .   ? 2.55367   4.93729   -3.94664  1.000 49.28697  ? 319 HOH A O   1 
HETATM 1406 O O   . HOH J 4 .   ? -17.67252 -2.55589  13.07002  1.000 66.50915  ? 320 HOH A O   1 
HETATM 1407 O O   . HOH J 4 .   ? -14.88006 -3.28574  11.87664  1.000 57.76987  ? 321 HOH A O   1 
HETATM 1408 O O   . HOH J 4 .   ? -13.04997 -15.25295 4.36787   1.000 52.86433  ? 322 HOH A O   1 
HETATM 1409 O O   . HOH J 4 .   ? -10.30448 -17.02666 1.01946   1.000 49.77015  ? 323 HOH A O   1 
HETATM 1410 O O   . HOH J 4 .   ? -0.52570  -3.27770  -13.40583 1.000 56.58096  ? 324 HOH A O   1 
HETATM 1411 O O   . HOH J 4 .   ? 12.67031  10.56418  -12.76599 1.000 54.82515  ? 325 HOH A O   1 
HETATM 1412 O O   . HOH J 4 .   ? -11.82383 -3.47687  14.04802  1.000 64.45391  ? 326 HOH A O   1 
HETATM 1413 O O   . HOH J 4 .   ? 13.81680  -11.71380 -7.52835  1.000 81.15100  ? 327 HOH A O   1 
HETATM 1414 O O   . HOH J 4 .   ? -10.71284 8.06834   5.65257   1.000 99.58226  ? 328 HOH A O   1 
HETATM 1415 O O   . HOH J 4 .   ? -1.52499  -6.63157  10.35860  1.000 60.19182  ? 329 HOH A O   1 
HETATM 1416 O O   . HOH J 4 .   ? 1.33510   0.14319   9.71079   1.000 72.67460  ? 330 HOH A O   1 
HETATM 1417 O O   . HOH J 4 .   ? -12.08971 6.61939   -2.60769  1.000 85.08048  ? 331 HOH A O   1 
HETATM 1418 O O   . HOH J 4 .   ? -0.78603  -18.30675 3.92694   1.000 59.65612  ? 332 HOH A O   1 
HETATM 1419 O O   . HOH J 4 .   ? -9.68857  -6.43727  -10.74476 1.000 59.94124  ? 333 HOH A O   1 
HETATM 1420 O O   . HOH J 4 .   ? -17.62318 -9.33530  9.77072   1.000 56.94748  ? 334 HOH A O   1 
HETATM 1421 O O   . HOH J 4 .   ? 1.08908   4.20369   2.58470   1.000 55.93649  ? 335 HOH A O   1 
HETATM 1422 O O   . HOH J 4 .   ? 12.63164  -5.34147  6.28100   1.000 84.67902  ? 336 HOH A O   1 
HETATM 1423 O O   . HOH J 4 .   ? -0.29560  -16.26827 6.53896   1.000 65.32778  ? 337 HOH A O   1 
HETATM 1424 O O   . HOH J 4 .   ? -15.67461 -12.18563 6.24316   1.000 51.50035  ? 338 HOH A O   1 
HETATM 1425 O O   . HOH J 4 .   ? -19.26443 0.49220   -4.06769  1.000 77.68321  ? 339 HOH A O   1 
HETATM 1426 O O   . HOH J 4 .   ? -14.33432 -13.53372 10.58186  1.000 57.35506  ? 340 HOH A O   1 
HETATM 1427 O O   . HOH J 4 .   ? -0.24254  19.55323  1.51548   1.000 76.76131  ? 341 HOH A O   1 
HETATM 1428 O O   . HOH J 4 .   ? 10.10303  17.80156  7.07511   1.000 78.25632  ? 342 HOH A O   1 
HETATM 1429 O O   . HOH J 4 .   ? -16.68028 -12.89988 1.94766   1.000 77.95348  ? 343 HOH A O   1 
HETATM 1430 O O   . HOH J 4 .   ? -12.79245 -15.39073 -9.89999  1.000 72.36067  ? 344 HOH A O   1 
HETATM 1431 O O   . HOH J 4 .   ? -15.74265 -6.60570  -0.22213  1.000 59.72156  ? 345 HOH A O   1 
HETATM 1432 O O   . HOH J 4 .   ? -2.47212  -12.99346 10.51913  1.000 76.08557  ? 346 HOH A O   1 
HETATM 1433 O O   . HOH J 4 .   ? -1.80196  -13.27193 -8.36759  1.000 77.40780  ? 347 HOH A O   1 
HETATM 1434 O O   . HOH J 4 .   ? -12.18173 5.95025   -5.78790  1.000 80.70764  ? 348 HOH A O   1 
HETATM 1435 O O   . HOH J 4 .   ? 7.44400   -13.49190 -6.64913  1.000 82.20543  ? 349 HOH A O   1 
HETATM 1436 O O   . HOH J 4 .   ? -11.19890 -7.06195  13.79819  1.000 74.03209  ? 350 HOH A O   1 
HETATM 1437 O O   . HOH J 4 .   ? -11.67214 -19.72018 4.46956   1.000 55.76123  ? 351 HOH A O   1 
# 
loop_
_pdbx_poly_seq_scheme.asym_id 
_pdbx_poly_seq_scheme.entity_id 
_pdbx_poly_seq_scheme.seq_id 
_pdbx_poly_seq_scheme.mon_id 
_pdbx_poly_seq_scheme.ndb_seq_num 
_pdbx_poly_seq_scheme.pdb_seq_num 
_pdbx_poly_seq_scheme.auth_seq_num 
_pdbx_poly_seq_scheme.pdb_mon_id 
_pdbx_poly_seq_scheme.auth_mon_id 
_pdbx_poly_seq_scheme.pdb_strand_id 
_pdbx_poly_seq_scheme.pdb_ins_code 
_pdbx_poly_seq_scheme.hetero 
A 1 1   MET 1   1   1   MET MET A . n 
A 1 2   ILE 2   2   2   ILE ILE A . n 
A 1 3   SER 3   3   3   SER SER A . n 
A 1 4   LEU 4   4   4   LEU LEU A . n 
A 1 5   ILE 5   5   5   ILE ILE A . n 
A 1 6   ALA 6   6   6   ALA ALA A . n 
A 1 7   ALA 7   7   7   ALA ALA A . n 
A 1 8   LEU 8   8   8   LEU LEU A . n 
A 1 9   ALA 9   9   9   ALA ALA A . n 
A 1 10  VAL 10  10  10  VAL VAL A . n 
A 1 11  ASP 11  11  11  ASP ASP A . n 
A 1 12  ARG 12  12  12  ARG ARG A . n 
A 1 13  VAL 13  13  13  VAL VAL A . n 
A 1 14  ILE 14  14  14  ILE ILE A . n 
A 1 15  GLY 15  15  15  GLY GLY A . n 
A 1 16  MET 16  16  16  MET MET A . n 
A 1 17  GLU 17  17  17  GLU GLU A . n 
A 1 18  ASN 18  18  18  ASN ASN A . n 
A 1 19  ALA 19  19  19  ALA ALA A . n 
A 1 20  MET 20  20  20  MET MET A . n 
A 1 21  PRO 21  21  21  PRO PRO A . n 
A 1 22  TRP 22  22  22  TRP TRP A . n 
A 1 23  ASN 23  23  23  ASN ASN A . n 
A 1 24  LEU 24  24  24  LEU LEU A . n 
A 1 25  PRO 25  25  25  PRO PRO A . n 
A 1 26  ALA 26  26  26  ALA ALA A . n 
A 1 27  ASP 27  27  27  ASP ASP A . n 
A 1 28  LEU 28  28  28  LEU LEU A . n 
A 1 29  ALA 29  29  29  ALA ALA A . n 
A 1 30  TRP 30  30  30  TRP TRP A . n 
A 1 31  PHE 31  31  31  PHE PHE A . n 
A 1 32  LYS 32  32  32  LYS LYS A . n 
A 1 33  ARG 33  33  33  ARG ARG A . n 
A 1 34  ASN 34  34  34  ASN ASN A . n 
A 1 35  THR 35  35  35  THR THR A . n 
A 1 36  LEU 36  36  36  LEU LEU A . n 
A 1 37  ASP 37  37  37  ASP ASP A . n 
A 1 38  LYS 38  38  38  LYS LYS A . n 
A 1 39  PRO 39  39  39  PRO PRO A . n 
A 1 40  VAL 40  40  40  VAL VAL A . n 
A 1 41  ILE 41  41  41  ILE ILE A . n 
A 1 42  MET 42  42  42  MET MET A . n 
A 1 43  GLY 43  43  43  GLY GLY A . n 
A 1 44  ARG 44  44  44  ARG ARG A . n 
A 1 45  HIS 45  45  45  HIS HIS A . n 
A 1 46  THR 46  46  46  THR THR A . n 
A 1 47  TRP 47  47  47  TRP TRP A . n 
A 1 48  GLU 48  48  48  GLU GLU A . n 
A 1 49  SER 49  49  49  SER SER A . n 
A 1 50  ILE 50  50  50  ILE ILE A . n 
A 1 51  GLY 51  51  51  GLY GLY A . n 
A 1 52  ARG 52  52  52  ARG ARG A . n 
A 1 53  PRO 53  53  53  PRO PRO A . n 
A 1 54  LEU 54  54  54  LEU LEU A . n 
A 1 55  PRO 55  55  55  PRO PRO A . n 
A 1 56  GLY 56  56  56  GLY GLY A . n 
A 1 57  ARG 57  57  57  ARG ARG A . n 
A 1 58  LYS 58  58  58  LYS LYS A . n 
A 1 59  ASN 59  59  59  ASN ASN A . n 
A 1 60  ILE 60  60  60  ILE ILE A . n 
A 1 61  ILE 61  61  61  ILE ILE A . n 
A 1 62  LEU 62  62  62  LEU LEU A . n 
A 1 63  SER 63  63  63  SER SER A . n 
A 1 64  SER 64  64  64  SER SER A . n 
A 1 65  GLN 65  65  65  GLN GLN A . n 
A 1 66  PRO 66  66  66  PRO PRO A . n 
A 1 67  GLY 67  67  67  GLY GLY A . n 
A 1 68  THR 68  68  68  THR THR A . n 
A 1 69  ASP 69  69  69  ASP ASP A . n 
A 1 70  ASP 70  70  70  ASP ASP A . n 
A 1 71  ARG 71  71  71  ARG ARG A . n 
A 1 72  VAL 72  72  72  VAL VAL A . n 
A 1 73  THR 73  73  73  THR THR A . n 
A 1 74  TRP 74  74  74  TRP TRP A . n 
A 1 75  VAL 75  75  75  VAL VAL A . n 
A 1 76  LYS 76  76  76  LYS LYS A . n 
A 1 77  SER 77  77  77  SER SER A . n 
A 1 78  VAL 78  78  78  VAL VAL A . n 
A 1 79  ASP 79  79  79  ASP ASP A . n 
A 1 80  GLU 80  80  80  GLU GLU A . n 
A 1 81  ALA 81  81  81  ALA ALA A . n 
A 1 82  ILE 82  82  82  ILE ILE A . n 
A 1 83  ALA 83  83  83  ALA ALA A . n 
A 1 84  ALA 84  84  84  ALA ALA A . n 
A 1 85  CYS 85  85  85  CYS CYS A . n 
A 1 86  GLY 86  86  86  GLY GLY A . n 
A 1 87  ASP 87  87  87  ASP ASP A . n 
A 1 88  VAL 88  88  88  VAL VAL A . n 
A 1 89  PRO 89  89  89  PRO PRO A . n 
A 1 90  GLU 90  90  90  GLU GLU A . n 
A 1 91  ILE 91  91  91  ILE ILE A . n 
A 1 92  MET 92  92  92  MET MET A . n 
A 1 93  VAL 93  93  93  VAL VAL A . n 
A 1 94  ILE 94  94  94  ILE ILE A . n 
A 1 95  GLY 95  95  95  GLY GLY A . n 
A 1 96  GLY 96  96  96  GLY GLY A . n 
A 1 97  GLY 97  97  97  GLY GLY A . n 
A 1 98  ARG 98  98  98  ARG ARG A . n 
A 1 99  VAL 99  99  99  VAL VAL A . n 
A 1 100 TYR 100 100 100 TYR TYR A . n 
A 1 101 GLU 101 101 101 GLU GLU A . n 
A 1 102 GLN 102 102 102 GLN GLN A . n 
A 1 103 PHE 103 103 103 PHE PHE A . n 
A 1 104 LEU 104 104 104 LEU LEU A . n 
A 1 105 PRO 105 105 105 PRO PRO A . n 
A 1 106 LYS 106 106 106 LYS LYS A . n 
A 1 107 ALA 107 107 107 ALA ALA A . n 
A 1 108 GLN 108 108 108 GLN GLN A . n 
A 1 109 LYS 109 109 109 LYS LYS A . n 
A 1 110 LEU 110 110 110 LEU LEU A . n 
A 1 111 TYR 111 111 111 TYR TYR A . n 
A 1 112 LEU 112 112 112 LEU LEU A . n 
A 1 113 THR 113 113 113 THR THR A . n 
A 1 114 HIS 114 114 114 HIS HIS A . n 
A 1 115 ILE 115 115 115 ILE ILE A . n 
A 1 116 ASP 116 116 116 ASP ASP A . n 
A 1 117 ALA 117 117 117 ALA ALA A . n 
A 1 118 GLU 118 118 118 GLU GLU A . n 
A 1 119 VAL 119 119 119 VAL VAL A . n 
A 1 120 GLU 120 120 120 GLU GLU A . n 
A 1 121 GLY 121 121 121 GLY GLY A . n 
A 1 122 ASP 122 122 122 ASP ASP A . n 
A 1 123 THR 123 123 123 THR THR A . n 
A 1 124 HIS 124 124 124 HIS HIS A . n 
A 1 125 PHE 125 125 125 PHE PHE A . n 
A 1 126 PRO 126 126 126 PRO PRO A . n 
A 1 127 ASP 127 127 127 ASP ASP A . n 
A 1 128 TYR 128 128 128 TYR TYR A . n 
A 1 129 GLU 129 129 129 GLU GLU A . n 
A 1 130 PRO 130 130 130 PRO PRO A . n 
A 1 131 ASP 131 131 131 ASP ASP A . n 
A 1 132 ASP 132 132 132 ASP ASP A . n 
A 1 133 TRP 133 133 133 TRP TRP A . n 
A 1 134 GLU 134 134 134 GLU GLU A . n 
A 1 135 SER 135 135 135 SER SER A . n 
A 1 136 VAL 136 136 136 VAL VAL A . n 
A 1 137 PHE 137 137 137 PHE PHE A . n 
A 1 138 SER 138 138 138 SER SER A . n 
A 1 139 GLU 139 139 139 GLU GLU A . n 
A 1 140 PHE 140 140 140 PHE PHE A . n 
A 1 141 HIS 141 141 141 HIS HIS A . n 
A 1 142 ASP 142 142 142 ASP ASP A . n 
A 1 143 ALA 143 143 143 ALA ALA A . n 
A 1 144 ASP 144 144 144 ASP ASP A . n 
A 1 145 ALA 145 145 145 ALA ALA A . n 
A 1 146 GLN 146 146 146 GLN GLN A . n 
A 1 147 ASN 147 147 147 ASN ASN A . n 
A 1 148 SER 148 148 148 SER SER A . n 
A 1 149 HIS 149 149 149 HIS HIS A . n 
A 1 150 SER 150 150 150 SER SER A . n 
A 1 151 TYR 151 151 151 TYR TYR A . n 
A 1 152 CYS 152 152 152 CYS CYS A . n 
A 1 153 PHE 153 153 153 PHE PHE A . n 
A 1 154 GLU 154 154 154 GLU GLU A . n 
A 1 155 ILE 155 155 155 ILE ILE A . n 
A 1 156 LEU 156 156 156 LEU LEU A . n 
A 1 157 GLU 157 157 157 GLU GLU A . n 
A 1 158 ARG 158 158 158 ARG ARG A . n 
A 1 159 ARG 159 159 159 ARG ARG A . n 
A 1 160 LEU 160 160 160 LEU LEU A . n 
A 1 161 GLU 161 161 161 GLU GLU A . n 
# 
loop_
_pdbx_nonpoly_scheme.asym_id 
_pdbx_nonpoly_scheme.entity_id 
_pdbx_nonpoly_scheme.mon_id 
_pdbx_nonpoly_scheme.ndb_seq_num 
_pdbx_nonpoly_scheme.pdb_seq_num 
_pdbx_nonpoly_scheme.auth_seq_num 
_pdbx_nonpoly_scheme.pdb_mon_id 
_pdbx_nonpoly_scheme.auth_mon_id 
_pdbx_nonpoly_scheme.pdb_strand_id 
_pdbx_nonpoly_scheme.pdb_ins_code 
B 2 SO4 1  201 1  SO4 SO4 A . 
C 2 SO4 1  202 2  SO4 SO4 A . 
D 2 SO4 1  203 3  SO4 SO4 A . 
E 2 SO4 1  204 4  SO4 SO4 A . 
F 2 SO4 1  205 5  SO4 SO4 A . 
G 2 SO4 1  206 6  SO4 SO4 A . 
H 2 SO4 1  207 7  SO4 SO4 A . 
I 3 560 1  208 1  560 DRG A . 
J 4 HOH 1  301 53 HOH HOH A . 
J 4 HOH 2  302 36 HOH HOH A . 
J 4 HOH 3  303 35 HOH HOH A . 
J 4 HOH 4  304 31 HOH HOH A . 
J 4 HOH 5  305 52 HOH HOH A . 
J 4 HOH 6  306 13 HOH HOH A . 
J 4 HOH 7  307 12 HOH HOH A . 
J 4 HOH 8  308 16 HOH HOH A . 
J 4 HOH 9  309 11 HOH HOH A . 
J 4 HOH 10 310 15 HOH HOH A . 
J 4 HOH 11 311 9  HOH HOH A . 
J 4 HOH 12 312 30 HOH HOH A . 
J 4 HOH 13 313 32 HOH HOH A . 
J 4 HOH 14 314 40 HOH HOH A . 
J 4 HOH 15 315 22 HOH HOH A . 
J 4 HOH 16 316 44 HOH HOH A . 
J 4 HOH 17 317 14 HOH HOH A . 
J 4 HOH 18 318 41 HOH HOH A . 
J 4 HOH 19 319 1  HOH HOH A . 
J 4 HOH 20 320 39 HOH HOH A . 
J 4 HOH 21 321 4  HOH HOH A . 
J 4 HOH 22 322 5  HOH HOH A . 
J 4 HOH 23 323 7  HOH HOH A . 
J 4 HOH 24 324 8  HOH HOH A . 
J 4 HOH 25 325 51 HOH HOH A . 
J 4 HOH 26 326 29 HOH HOH A . 
J 4 HOH 27 327 20 HOH HOH A . 
J 4 HOH 28 328 47 HOH HOH A . 
J 4 HOH 29 329 26 HOH HOH A . 
J 4 HOH 30 330 21 HOH HOH A . 
J 4 HOH 31 331 24 HOH HOH A . 
J 4 HOH 32 332 28 HOH HOH A . 
J 4 HOH 33 333 23 HOH HOH A . 
J 4 HOH 34 334 3  HOH HOH A . 
J 4 HOH 35 335 2  HOH HOH A . 
J 4 HOH 36 336 42 HOH HOH A . 
J 4 HOH 37 337 18 HOH HOH A . 
J 4 HOH 38 338 17 HOH HOH A . 
J 4 HOH 39 339 38 HOH HOH A . 
J 4 HOH 40 340 37 HOH HOH A . 
J 4 HOH 41 341 48 HOH HOH A . 
J 4 HOH 42 342 43 HOH HOH A . 
J 4 HOH 43 343 27 HOH HOH A . 
J 4 HOH 44 344 50 HOH HOH A . 
J 4 HOH 45 345 33 HOH HOH A . 
J 4 HOH 46 346 46 HOH HOH A . 
J 4 HOH 47 347 34 HOH HOH A . 
J 4 HOH 48 348 25 HOH HOH A . 
J 4 HOH 49 349 6  HOH HOH A . 
J 4 HOH 50 350 49 HOH HOH A . 
J 4 HOH 51 351 19 HOH HOH A . 
# 
_pdbx_struct_assembly.id                   1 
_pdbx_struct_assembly.details              author_and_software_defined_assembly 
_pdbx_struct_assembly.method_details       PISA 
_pdbx_struct_assembly.oligomeric_details   dimeric 
_pdbx_struct_assembly.oligomeric_count     2 
# 
_pdbx_struct_assembly_gen.assembly_id       1 
_pdbx_struct_assembly_gen.oper_expression   1,2 
_pdbx_struct_assembly_gen.asym_id_list      A,B,C,D,E,F,G,H,I,J 
# 
loop_
_pdbx_struct_assembly_prop.biol_id 
_pdbx_struct_assembly_prop.type 
_pdbx_struct_assembly_prop.value 
_pdbx_struct_assembly_prop.details 
1 'ABSA (A^2)' 3760  ? 
1 MORE         -188  ? 
1 'SSA (A^2)'  15680 ? 
# 
loop_
_pdbx_struct_oper_list.id 
_pdbx_struct_oper_list.type 
_pdbx_struct_oper_list.name 
_pdbx_struct_oper_list.symmetry_operation 
_pdbx_struct_oper_list.matrix[1][1] 
_pdbx_struct_oper_list.matrix[1][2] 
_pdbx_struct_oper_list.matrix[1][3] 
_pdbx_struct_oper_list.vector[1] 
_pdbx_struct_oper_list.matrix[2][1] 
_pdbx_struct_oper_list.matrix[2][2] 
_pdbx_struct_oper_list.matrix[2][3] 
_pdbx_struct_oper_list.vector[2] 
_pdbx_struct_oper_list.matrix[3][1] 
_pdbx_struct_oper_list.matrix[3][2] 
_pdbx_struct_oper_list.matrix[3][3] 
_pdbx_struct_oper_list.vector[3] 
1 'identity operation'         1_555  x,y,z        1.0000000000  0.0000000000 0.0000000000 0.0000000000  0.0000000000 1.0000000000  0.0000000000 0.0000000000  0.0000000000 0.0000000000 1.0000000000 0.0000000000  
2 'crystal symmetry operation' 12_555 x,x-y,-z+1/6 -0.9651083886 0.0257920780 0.2605773725 26.3357442375 0.0257920780 -0.9809343490 0.1926202786 25.2770304239 0.2605773725 0.1926202786 0.9460427375 -6.0283196528 
# 
loop_
_pdbx_audit_revision_history.ordinal 
_pdbx_audit_revision_history.data_content_type 
_pdbx_audit_revision_history.major_revision 
_pdbx_audit_revision_history.minor_revision 
_pdbx_audit_revision_history.revision_date 
1 'Structure model' 1 0 2022-07-27 
2 'Structure model' 1 1 2022-08-24 
3 'Structure model' 1 2 2023-10-18 
# 
_pdbx_audit_revision_details.ordinal             1 
_pdbx_audit_revision_details.revision_ordinal    1 
_pdbx_audit_revision_details.data_content_type   'Structure model' 
_pdbx_audit_revision_details.provider            repository 
_pdbx_audit_revision_details.type                'Initial release' 
_pdbx_audit_revision_details.description         ? 
_pdbx_audit_revision_details.details             ? 
# 
loop_
_pdbx_audit_revision_group.ordinal 
_pdbx_audit_revision_group.revision_ordinal 
_pdbx_audit_revision_group.data_content_type 
_pdbx_audit_revision_group.group 
1 2 'Structure model' 'Database references'    
2 3 'Structure model' 'Data collection'        
3 3 'Structure model' 'Refinement description' 
# 
loop_
_pdbx_audit_revision_category.ordinal 
_pdbx_audit_revision_category.revision_ordinal 
_pdbx_audit_revision_category.data_content_type 
_pdbx_audit_revision_category.category 
1 2 'Structure model' citation                      
2 2 'Structure model' citation_author               
3 3 'Structure model' chem_comp_atom                
4 3 'Structure model' chem_comp_bond                
5 3 'Structure model' pdbx_initial_refinement_model 
# 
loop_
_pdbx_audit_revision_item.ordinal 
_pdbx_audit_revision_item.revision_ordinal 
_pdbx_audit_revision_item.data_content_type 
_pdbx_audit_revision_item.item 
1  2 'Structure model' '_citation.country'                 
2  2 'Structure model' '_citation.journal_abbrev'          
3  2 'Structure model' '_citation.journal_id_CSD'          
4  2 'Structure model' '_citation.journal_id_ISSN'         
5  2 'Structure model' '_citation.journal_volume'          
6  2 'Structure model' '_citation.page_first'              
7  2 'Structure model' '_citation.page_last'               
8  2 'Structure model' '_citation.pdbx_database_id_DOI'    
9  2 'Structure model' '_citation.pdbx_database_id_PubMed' 
10 2 'Structure model' '_citation.title'                   
11 2 'Structure model' '_citation.year'                    
# 
_diffrn_reflns.av_R_equivalents   0.078 
_diffrn_reflns.number             285948 
_diffrn_reflns.diffrn_id          1 
# 
loop_
_software.citation_id 
_software.classification 
_software.compiler_name 
_software.compiler_version 
_software.contact_author 
_software.contact_author_email 
_software.date 
_software.description 
_software.dependencies 
_software.hardware 
_software.language 
_software.location 
_software.mods 
_software.name 
_software.os 
_software.os_version 
_software.type 
_software.version 
_software.pdbx_ordinal 
? refinement        ? ? ? ? ? ? ? ? ? ? ? PHENIX      ? ? ? 1.19.2_4158 1 
? 'data reduction'  ? ? ? ? ? ? ? ? ? ? ? HKL-2000    ? ? ? .           2 
? 'data scaling'    ? ? ? ? ? ? ? ? ? ? ? HKL-2000    ? ? ? .           3 
? phasing           ? ? ? ? ? ? ? ? ? ? ? PHASER      ? ? ? .           4 
? 'data extraction' ? ? ? ? ? ? ? ? ? ? ? PDB_EXTRACT ? ? ? .           5 
# 
_pdbx_entry_details.entry_id                 7REB 
_pdbx_entry_details.nonpolymer_details       ? 
_pdbx_entry_details.sequence_details         ? 
_pdbx_entry_details.compound_details         ? 
_pdbx_entry_details.source_details           ? 
_pdbx_entry_details.has_ligand_of_interest   Y 
# 
_pdbx_validate_torsion.id              1 
_pdbx_validate_torsion.PDB_model_num   1 
_pdbx_validate_torsion.auth_comp_id    ASN 
_pdbx_validate_torsion.auth_asym_id    A 
_pdbx_validate_torsion.auth_seq_id     23 
_pdbx_validate_torsion.PDB_ins_code    ? 
_pdbx_validate_torsion.label_alt_id    ? 
_pdbx_validate_torsion.phi             -83.90 
_pdbx_validate_torsion.psi             37.63 
# 
loop_
_pdbx_unobs_or_zero_occ_atoms.id 
_pdbx_unobs_or_zero_occ_atoms.PDB_model_num 
_pdbx_unobs_or_zero_occ_atoms.polymer_flag 
_pdbx_unobs_or_zero_occ_atoms.occupancy_flag 
_pdbx_unobs_or_zero_occ_atoms.auth_asym_id 
_pdbx_unobs_or_zero_occ_atoms.auth_comp_id 
_pdbx_unobs_or_zero_occ_atoms.auth_seq_id 
_pdbx_unobs_or_zero_occ_atoms.PDB_ins_code 
_pdbx_unobs_or_zero_occ_atoms.auth_atom_id 
_pdbx_unobs_or_zero_occ_atoms.label_alt_id 
_pdbx_unobs_or_zero_occ_atoms.label_asym_id 
_pdbx_unobs_or_zero_occ_atoms.label_comp_id 
_pdbx_unobs_or_zero_occ_atoms.label_seq_id 
_pdbx_unobs_or_zero_occ_atoms.label_atom_id 
1 1 Y 1 A LEU 160 ? CB  ? A LEU 160 CB  
2 1 Y 1 A LEU 160 ? CG  ? A LEU 160 CG  
3 1 Y 1 A LEU 160 ? CD1 ? A LEU 160 CD1 
4 1 Y 1 A LEU 160 ? CD2 ? A LEU 160 CD2 
# 
_cell_measurement.reflns_used   285948 
_cell_measurement.entry_id      7REB 
# 
loop_
_chem_comp_atom.comp_id 
_chem_comp_atom.atom_id 
_chem_comp_atom.type_symbol 
_chem_comp_atom.pdbx_aromatic_flag 
_chem_comp_atom.pdbx_stereo_config 
_chem_comp_atom.pdbx_ordinal 
560 C4   C Y N 1   
560 C5   C Y N 2   
560 C6   C Y N 3   
560 N1   N Y N 4   
560 N3   N Y N 5   
560 C2   C Y N 6   
560 CAG  C N N 7   
560 CAH  C N N 8   
560 CAI  C N R 9   
560 CAJ  C N N 10  
560 CAK  C Y N 11  
560 CAL  C Y N 12  
560 CAM  C Y N 13  
560 CAN  C Y N 14  
560 CAO  C Y N 15  
560 CAP  C Y N 16  
560 CAQ  C Y N 17  
560 CAR  C N N 18  
560 CAT  C Y N 19  
560 CAU  C Y N 20  
560 CAV  C Y N 21  
560 CAX  C N N 22  
560 CAZ  C Y N 23  
560 CBA  C Y N 24  
560 CBC  C N N 25  
560 CBD  C N N 26  
560 NAA  N N N 27  
560 NAE  N N N 28  
560 NAS  N N N 29  
560 OAW  O N N 30  
560 OAY  O N N 31  
560 H1   H N N 32  
560 H2   H N N 33  
560 H3   H N N 34  
560 H4   H N N 35  
560 H5   H N N 36  
560 H6   H N N 37  
560 H7   H N N 38  
560 H8   H N N 39  
560 H9   H N N 40  
560 H10  H N N 41  
560 H11  H N N 42  
560 H12  H N N 43  
560 H13  H N N 44  
560 H14  H N N 45  
560 H15  H N N 46  
560 H16  H N N 47  
560 H17  H N N 48  
560 H18  H N N 49  
560 H19  H N N 50  
560 H20  H N N 51  
560 H21  H N N 52  
560 H22  H N N 53  
560 H23  H N N 54  
560 H24  H N N 55  
560 H25  H N N 56  
ALA N    N N N 57  
ALA CA   C N S 58  
ALA C    C N N 59  
ALA O    O N N 60  
ALA CB   C N N 61  
ALA OXT  O N N 62  
ALA H    H N N 63  
ALA H2   H N N 64  
ALA HA   H N N 65  
ALA HB1  H N N 66  
ALA HB2  H N N 67  
ALA HB3  H N N 68  
ALA HXT  H N N 69  
ARG N    N N N 70  
ARG CA   C N S 71  
ARG C    C N N 72  
ARG O    O N N 73  
ARG CB   C N N 74  
ARG CG   C N N 75  
ARG CD   C N N 76  
ARG NE   N N N 77  
ARG CZ   C N N 78  
ARG NH1  N N N 79  
ARG NH2  N N N 80  
ARG OXT  O N N 81  
ARG H    H N N 82  
ARG H2   H N N 83  
ARG HA   H N N 84  
ARG HB2  H N N 85  
ARG HB3  H N N 86  
ARG HG2  H N N 87  
ARG HG3  H N N 88  
ARG HD2  H N N 89  
ARG HD3  H N N 90  
ARG HE   H N N 91  
ARG HH11 H N N 92  
ARG HH12 H N N 93  
ARG HH21 H N N 94  
ARG HH22 H N N 95  
ARG HXT  H N N 96  
ASN N    N N N 97  
ASN CA   C N S 98  
ASN C    C N N 99  
ASN O    O N N 100 
ASN CB   C N N 101 
ASN CG   C N N 102 
ASN OD1  O N N 103 
ASN ND2  N N N 104 
ASN OXT  O N N 105 
ASN H    H N N 106 
ASN H2   H N N 107 
ASN HA   H N N 108 
ASN HB2  H N N 109 
ASN HB3  H N N 110 
ASN HD21 H N N 111 
ASN HD22 H N N 112 
ASN HXT  H N N 113 
ASP N    N N N 114 
ASP CA   C N S 115 
ASP C    C N N 116 
ASP O    O N N 117 
ASP CB   C N N 118 
ASP CG   C N N 119 
ASP OD1  O N N 120 
ASP OD2  O N N 121 
ASP OXT  O N N 122 
ASP H    H N N 123 
ASP H2   H N N 124 
ASP HA   H N N 125 
ASP HB2  H N N 126 
ASP HB3  H N N 127 
ASP HD2  H N N 128 
ASP HXT  H N N 129 
CYS N    N N N 130 
CYS CA   C N R 131 
CYS C    C N N 132 
CYS O    O N N 133 
CYS CB   C N N 134 
CYS SG   S N N 135 
CYS OXT  O N N 136 
CYS H    H N N 137 
CYS H2   H N N 138 
CYS HA   H N N 139 
CYS HB2  H N N 140 
CYS HB3  H N N 141 
CYS HG   H N N 142 
CYS HXT  H N N 143 
GLN N    N N N 144 
GLN CA   C N S 145 
GLN C    C N N 146 
GLN O    O N N 147 
GLN CB   C N N 148 
GLN CG   C N N 149 
GLN CD   C N N 150 
GLN OE1  O N N 151 
GLN NE2  N N N 152 
GLN OXT  O N N 153 
GLN H    H N N 154 
GLN H2   H N N 155 
GLN HA   H N N 156 
GLN HB2  H N N 157 
GLN HB3  H N N 158 
GLN HG2  H N N 159 
GLN HG3  H N N 160 
GLN HE21 H N N 161 
GLN HE22 H N N 162 
GLN HXT  H N N 163 
GLU N    N N N 164 
GLU CA   C N S 165 
GLU C    C N N 166 
GLU O    O N N 167 
GLU CB   C N N 168 
GLU CG   C N N 169 
GLU CD   C N N 170 
GLU OE1  O N N 171 
GLU OE2  O N N 172 
GLU OXT  O N N 173 
GLU H    H N N 174 
GLU H2   H N N 175 
GLU HA   H N N 176 
GLU HB2  H N N 177 
GLU HB3  H N N 178 
GLU HG2  H N N 179 
GLU HG3  H N N 180 
GLU HE2  H N N 181 
GLU HXT  H N N 182 
GLY N    N N N 183 
GLY CA   C N N 184 
GLY C    C N N 185 
GLY O    O N N 186 
GLY OXT  O N N 187 
GLY H    H N N 188 
GLY H2   H N N 189 
GLY HA2  H N N 190 
GLY HA3  H N N 191 
GLY HXT  H N N 192 
HIS N    N N N 193 
HIS CA   C N S 194 
HIS C    C N N 195 
HIS O    O N N 196 
HIS CB   C N N 197 
HIS CG   C Y N 198 
HIS ND1  N Y N 199 
HIS CD2  C Y N 200 
HIS CE1  C Y N 201 
HIS NE2  N Y N 202 
HIS OXT  O N N 203 
HIS H    H N N 204 
HIS H2   H N N 205 
HIS HA   H N N 206 
HIS HB2  H N N 207 
HIS HB3  H N N 208 
HIS HD1  H N N 209 
HIS HD2  H N N 210 
HIS HE1  H N N 211 
HIS HE2  H N N 212 
HIS HXT  H N N 213 
HOH O    O N N 214 
HOH H1   H N N 215 
HOH H2   H N N 216 
ILE N    N N N 217 
ILE CA   C N S 218 
ILE C    C N N 219 
ILE O    O N N 220 
ILE CB   C N S 221 
ILE CG1  C N N 222 
ILE CG2  C N N 223 
ILE CD1  C N N 224 
ILE OXT  O N N 225 
ILE H    H N N 226 
ILE H2   H N N 227 
ILE HA   H N N 228 
ILE HB   H N N 229 
ILE HG12 H N N 230 
ILE HG13 H N N 231 
ILE HG21 H N N 232 
ILE HG22 H N N 233 
ILE HG23 H N N 234 
ILE HD11 H N N 235 
ILE HD12 H N N 236 
ILE HD13 H N N 237 
ILE HXT  H N N 238 
LEU N    N N N 239 
LEU CA   C N S 240 
LEU C    C N N 241 
LEU O    O N N 242 
LEU CB   C N N 243 
LEU CG   C N N 244 
LEU CD1  C N N 245 
LEU CD2  C N N 246 
LEU OXT  O N N 247 
LEU H    H N N 248 
LEU H2   H N N 249 
LEU HA   H N N 250 
LEU HB2  H N N 251 
LEU HB3  H N N 252 
LEU HG   H N N 253 
LEU HD11 H N N 254 
LEU HD12 H N N 255 
LEU HD13 H N N 256 
LEU HD21 H N N 257 
LEU HD22 H N N 258 
LEU HD23 H N N 259 
LEU HXT  H N N 260 
LYS N    N N N 261 
LYS CA   C N S 262 
LYS C    C N N 263 
LYS O    O N N 264 
LYS CB   C N N 265 
LYS CG   C N N 266 
LYS CD   C N N 267 
LYS CE   C N N 268 
LYS NZ   N N N 269 
LYS OXT  O N N 270 
LYS H    H N N 271 
LYS H2   H N N 272 
LYS HA   H N N 273 
LYS HB2  H N N 274 
LYS HB3  H N N 275 
LYS HG2  H N N 276 
LYS HG3  H N N 277 
LYS HD2  H N N 278 
LYS HD3  H N N 279 
LYS HE2  H N N 280 
LYS HE3  H N N 281 
LYS HZ1  H N N 282 
LYS HZ2  H N N 283 
LYS HZ3  H N N 284 
LYS HXT  H N N 285 
MET N    N N N 286 
MET CA   C N S 287 
MET C    C N N 288 
MET O    O N N 289 
MET CB   C N N 290 
MET CG   C N N 291 
MET SD   S N N 292 
MET CE   C N N 293 
MET OXT  O N N 294 
MET H    H N N 295 
MET H2   H N N 296 
MET HA   H N N 297 
MET HB2  H N N 298 
MET HB3  H N N 299 
MET HG2  H N N 300 
MET HG3  H N N 301 
MET HE1  H N N 302 
MET HE2  H N N 303 
MET HE3  H N N 304 
MET HXT  H N N 305 
PHE N    N N N 306 
PHE CA   C N S 307 
PHE C    C N N 308 
PHE O    O N N 309 
PHE CB   C N N 310 
PHE CG   C Y N 311 
PHE CD1  C Y N 312 
PHE CD2  C Y N 313 
PHE CE1  C Y N 314 
PHE CE2  C Y N 315 
PHE CZ   C Y N 316 
PHE OXT  O N N 317 
PHE H    H N N 318 
PHE H2   H N N 319 
PHE HA   H N N 320 
PHE HB2  H N N 321 
PHE HB3  H N N 322 
PHE HD1  H N N 323 
PHE HD2  H N N 324 
PHE HE1  H N N 325 
PHE HE2  H N N 326 
PHE HZ   H N N 327 
PHE HXT  H N N 328 
PRO N    N N N 329 
PRO CA   C N S 330 
PRO C    C N N 331 
PRO O    O N N 332 
PRO CB   C N N 333 
PRO CG   C N N 334 
PRO CD   C N N 335 
PRO OXT  O N N 336 
PRO H    H N N 337 
PRO HA   H N N 338 
PRO HB2  H N N 339 
PRO HB3  H N N 340 
PRO HG2  H N N 341 
PRO HG3  H N N 342 
PRO HD2  H N N 343 
PRO HD3  H N N 344 
PRO HXT  H N N 345 
SER N    N N N 346 
SER CA   C N S 347 
SER C    C N N 348 
SER O    O N N 349 
SER CB   C N N 350 
SER OG   O N N 351 
SER OXT  O N N 352 
SER H    H N N 353 
SER H2   H N N 354 
SER HA   H N N 355 
SER HB2  H N N 356 
SER HB3  H N N 357 
SER HG   H N N 358 
SER HXT  H N N 359 
SO4 S    S N N 360 
SO4 O1   O N N 361 
SO4 O2   O N N 362 
SO4 O3   O N N 363 
SO4 O4   O N N 364 
THR N    N N N 365 
THR CA   C N S 366 
THR C    C N N 367 
THR O    O N N 368 
THR CB   C N R 369 
THR OG1  O N N 370 
THR CG2  C N N 371 
THR OXT  O N N 372 
THR H    H N N 373 
THR H2   H N N 374 
THR HA   H N N 375 
THR HB   H N N 376 
THR HG1  H N N 377 
THR HG21 H N N 378 
THR HG22 H N N 379 
THR HG23 H N N 380 
THR HXT  H N N 381 
TRP N    N N N 382 
TRP CA   C N S 383 
TRP C    C N N 384 
TRP O    O N N 385 
TRP CB   C N N 386 
TRP CG   C Y N 387 
TRP CD1  C Y N 388 
TRP CD2  C Y N 389 
TRP NE1  N Y N 390 
TRP CE2  C Y N 391 
TRP CE3  C Y N 392 
TRP CZ2  C Y N 393 
TRP CZ3  C Y N 394 
TRP CH2  C Y N 395 
TRP OXT  O N N 396 
TRP H    H N N 397 
TRP H2   H N N 398 
TRP HA   H N N 399 
TRP HB2  H N N 400 
TRP HB3  H N N 401 
TRP HD1  H N N 402 
TRP HE1  H N N 403 
TRP HE3  H N N 404 
TRP HZ2  H N N 405 
TRP HZ3  H N N 406 
TRP HH2  H N N 407 
TRP HXT  H N N 408 
TYR N    N N N 409 
TYR CA   C N S 410 
TYR C    C N N 411 
TYR O    O N N 412 
TYR CB   C N N 413 
TYR CG   C Y N 414 
TYR CD1  C Y N 415 
TYR CD2  C Y N 416 
TYR CE1  C Y N 417 
TYR CE2  C Y N 418 
TYR CZ   C Y N 419 
TYR OH   O N N 420 
TYR OXT  O N N 421 
TYR H    H N N 422 
TYR H2   H N N 423 
TYR HA   H N N 424 
TYR HB2  H N N 425 
TYR HB3  H N N 426 
TYR HD1  H N N 427 
TYR HD2  H N N 428 
TYR HE1  H N N 429 
TYR HE2  H N N 430 
TYR HH   H N N 431 
TYR HXT  H N N 432 
VAL N    N N N 433 
VAL CA   C N S 434 
VAL C    C N N 435 
VAL O    O N N 436 
VAL CB   C N N 437 
VAL CG1  C N N 438 
VAL CG2  C N N 439 
VAL OXT  O N N 440 
VAL H    H N N 441 
VAL H2   H N N 442 
VAL HA   H N N 443 
VAL HB   H N N 444 
VAL HG11 H N N 445 
VAL HG12 H N N 446 
VAL HG13 H N N 447 
VAL HG21 H N N 448 
VAL HG22 H N N 449 
VAL HG23 H N N 450 
VAL HXT  H N N 451 
# 
loop_
_chem_comp_bond.comp_id 
_chem_comp_bond.atom_id_1 
_chem_comp_bond.atom_id_2 
_chem_comp_bond.value_order 
_chem_comp_bond.pdbx_aromatic_flag 
_chem_comp_bond.pdbx_stereo_config 
_chem_comp_bond.pdbx_ordinal 
560 NAE C6   sing N N 1   
560 CAJ CAI  sing N N 2   
560 C6  N1   doub Y N 3   
560 C6  C5   sing Y N 4   
560 N1  C2   sing Y N 5   
560 CAI CAH  sing N N 6   
560 CAI CAK  sing N N 7   
560 CAH CAG  trip N N 8   
560 CAG C5   sing N N 9   
560 C5  C4   doub Y N 10  
560 C2  NAA  sing N N 11  
560 C2  N3   doub Y N 12  
560 CAK CAL  doub Y N 13  
560 CAK CBA  sing Y N 14  
560 CAL CAM  sing Y N 15  
560 CBA CAZ  doub Y N 16  
560 C4  N3   sing Y N 17  
560 C4  CBC  sing N N 18  
560 CAU CAT  doub Y N 19  
560 CAU CAN  sing Y N 20  
560 CAM CAN  sing N N 21  
560 CAM CAV  doub Y N 22  
560 CAZ CAV  sing Y N 23  
560 CAZ OAY  sing N N 24  
560 NAS CAR  sing N N 25  
560 CAT CAQ  sing Y N 26  
560 CAN CAO  doub Y N 27  
560 CAV OAW  sing N N 28  
560 OAY CAX  sing N N 29  
560 CBC CBD  sing N N 30  
560 CAQ CAR  sing N N 31  
560 CAQ CAP  doub Y N 32  
560 CAO CAP  sing Y N 33  
560 OAW CAX  sing N N 34  
560 CAI H1   sing N N 35  
560 CAJ H2   sing N N 36  
560 CAJ H3   sing N N 37  
560 CAJ H4   sing N N 38  
560 CAL H5   sing N N 39  
560 CAO H6   sing N N 40  
560 CAP H7   sing N N 41  
560 CAR H8   sing N N 42  
560 CAR H9   sing N N 43  
560 CAT H10  sing N N 44  
560 CAU H11  sing N N 45  
560 CAX H12  sing N N 46  
560 CAX H13  sing N N 47  
560 CBA H14  sing N N 48  
560 CBC H15  sing N N 49  
560 CBC H16  sing N N 50  
560 CBD H17  sing N N 51  
560 CBD H18  sing N N 52  
560 CBD H19  sing N N 53  
560 NAA H20  sing N N 54  
560 NAA H21  sing N N 55  
560 NAE H22  sing N N 56  
560 NAE H23  sing N N 57  
560 NAS H24  sing N N 58  
560 NAS H25  sing N N 59  
ALA N   CA   sing N N 60  
ALA N   H    sing N N 61  
ALA N   H2   sing N N 62  
ALA CA  C    sing N N 63  
ALA CA  CB   sing N N 64  
ALA CA  HA   sing N N 65  
ALA C   O    doub N N 66  
ALA C   OXT  sing N N 67  
ALA CB  HB1  sing N N 68  
ALA CB  HB2  sing N N 69  
ALA CB  HB3  sing N N 70  
ALA OXT HXT  sing N N 71  
ARG N   CA   sing N N 72  
ARG N   H    sing N N 73  
ARG N   H2   sing N N 74  
ARG CA  C    sing N N 75  
ARG CA  CB   sing N N 76  
ARG CA  HA   sing N N 77  
ARG C   O    doub N N 78  
ARG C   OXT  sing N N 79  
ARG CB  CG   sing N N 80  
ARG CB  HB2  sing N N 81  
ARG CB  HB3  sing N N 82  
ARG CG  CD   sing N N 83  
ARG CG  HG2  sing N N 84  
ARG CG  HG3  sing N N 85  
ARG CD  NE   sing N N 86  
ARG CD  HD2  sing N N 87  
ARG CD  HD3  sing N N 88  
ARG NE  CZ   sing N N 89  
ARG NE  HE   sing N N 90  
ARG CZ  NH1  sing N N 91  
ARG CZ  NH2  doub N N 92  
ARG NH1 HH11 sing N N 93  
ARG NH1 HH12 sing N N 94  
ARG NH2 HH21 sing N N 95  
ARG NH2 HH22 sing N N 96  
ARG OXT HXT  sing N N 97  
ASN N   CA   sing N N 98  
ASN N   H    sing N N 99  
ASN N   H2   sing N N 100 
ASN CA  C    sing N N 101 
ASN CA  CB   sing N N 102 
ASN CA  HA   sing N N 103 
ASN C   O    doub N N 104 
ASN C   OXT  sing N N 105 
ASN CB  CG   sing N N 106 
ASN CB  HB2  sing N N 107 
ASN CB  HB3  sing N N 108 
ASN CG  OD1  doub N N 109 
ASN CG  ND2  sing N N 110 
ASN ND2 HD21 sing N N 111 
ASN ND2 HD22 sing N N 112 
ASN OXT HXT  sing N N 113 
ASP N   CA   sing N N 114 
ASP N   H    sing N N 115 
ASP N   H2   sing N N 116 
ASP CA  C    sing N N 117 
ASP CA  CB   sing N N 118 
ASP CA  HA   sing N N 119 
ASP C   O    doub N N 120 
ASP C   OXT  sing N N 121 
ASP CB  CG   sing N N 122 
ASP CB  HB2  sing N N 123 
ASP CB  HB3  sing N N 124 
ASP CG  OD1  doub N N 125 
ASP CG  OD2  sing N N 126 
ASP OD2 HD2  sing N N 127 
ASP OXT HXT  sing N N 128 
CYS N   CA   sing N N 129 
CYS N   H    sing N N 130 
CYS N   H2   sing N N 131 
CYS CA  C    sing N N 132 
CYS CA  CB   sing N N 133 
CYS CA  HA   sing N N 134 
CYS C   O    doub N N 135 
CYS C   OXT  sing N N 136 
CYS CB  SG   sing N N 137 
CYS CB  HB2  sing N N 138 
CYS CB  HB3  sing N N 139 
CYS SG  HG   sing N N 140 
CYS OXT HXT  sing N N 141 
GLN N   CA   sing N N 142 
GLN N   H    sing N N 143 
GLN N   H2   sing N N 144 
GLN CA  C    sing N N 145 
GLN CA  CB   sing N N 146 
GLN CA  HA   sing N N 147 
GLN C   O    doub N N 148 
GLN C   OXT  sing N N 149 
GLN CB  CG   sing N N 150 
GLN CB  HB2  sing N N 151 
GLN CB  HB3  sing N N 152 
GLN CG  CD   sing N N 153 
GLN CG  HG2  sing N N 154 
GLN CG  HG3  sing N N 155 
GLN CD  OE1  doub N N 156 
GLN CD  NE2  sing N N 157 
GLN NE2 HE21 sing N N 158 
GLN NE2 HE22 sing N N 159 
GLN OXT HXT  sing N N 160 
GLU N   CA   sing N N 161 
GLU N   H    sing N N 162 
GLU N   H2   sing N N 163 
GLU CA  C    sing N N 164 
GLU CA  CB   sing N N 165 
GLU CA  HA   sing N N 166 
GLU C   O    doub N N 167 
GLU C   OXT  sing N N 168 
GLU CB  CG   sing N N 169 
GLU CB  HB2  sing N N 170 
GLU CB  HB3  sing N N 171 
GLU CG  CD   sing N N 172 
GLU CG  HG2  sing N N 173 
GLU CG  HG3  sing N N 174 
GLU CD  OE1  doub N N 175 
GLU CD  OE2  sing N N 176 
GLU OE2 HE2  sing N N 177 
GLU OXT HXT  sing N N 178 
GLY N   CA   sing N N 179 
GLY N   H    sing N N 180 
GLY N   H2   sing N N 181 
GLY CA  C    sing N N 182 
GLY CA  HA2  sing N N 183 
GLY CA  HA3  sing N N 184 
GLY C   O    doub N N 185 
GLY C   OXT  sing N N 186 
GLY OXT HXT  sing N N 187 
HIS N   CA   sing N N 188 
HIS N   H    sing N N 189 
HIS N   H2   sing N N 190 
HIS CA  C    sing N N 191 
HIS CA  CB   sing N N 192 
HIS CA  HA   sing N N 193 
HIS C   O    doub N N 194 
HIS C   OXT  sing N N 195 
HIS CB  CG   sing N N 196 
HIS CB  HB2  sing N N 197 
HIS CB  HB3  sing N N 198 
HIS CG  ND1  sing Y N 199 
HIS CG  CD2  doub Y N 200 
HIS ND1 CE1  doub Y N 201 
HIS ND1 HD1  sing N N 202 
HIS CD2 NE2  sing Y N 203 
HIS CD2 HD2  sing N N 204 
HIS CE1 NE2  sing Y N 205 
HIS CE1 HE1  sing N N 206 
HIS NE2 HE2  sing N N 207 
HIS OXT HXT  sing N N 208 
HOH O   H1   sing N N 209 
HOH O   H2   sing N N 210 
ILE N   CA   sing N N 211 
ILE N   H    sing N N 212 
ILE N   H2   sing N N 213 
ILE CA  C    sing N N 214 
ILE CA  CB   sing N N 215 
ILE CA  HA   sing N N 216 
ILE C   O    doub N N 217 
ILE C   OXT  sing N N 218 
ILE CB  CG1  sing N N 219 
ILE CB  CG2  sing N N 220 
ILE CB  HB   sing N N 221 
ILE CG1 CD1  sing N N 222 
ILE CG1 HG12 sing N N 223 
ILE CG1 HG13 sing N N 224 
ILE CG2 HG21 sing N N 225 
ILE CG2 HG22 sing N N 226 
ILE CG2 HG23 sing N N 227 
ILE CD1 HD11 sing N N 228 
ILE CD1 HD12 sing N N 229 
ILE CD1 HD13 sing N N 230 
ILE OXT HXT  sing N N 231 
LEU N   CA   sing N N 232 
LEU N   H    sing N N 233 
LEU N   H2   sing N N 234 
LEU CA  C    sing N N 235 
LEU CA  CB   sing N N 236 
LEU CA  HA   sing N N 237 
LEU C   O    doub N N 238 
LEU C   OXT  sing N N 239 
LEU CB  CG   sing N N 240 
LEU CB  HB2  sing N N 241 
LEU CB  HB3  sing N N 242 
LEU CG  CD1  sing N N 243 
LEU CG  CD2  sing N N 244 
LEU CG  HG   sing N N 245 
LEU CD1 HD11 sing N N 246 
LEU CD1 HD12 sing N N 247 
LEU CD1 HD13 sing N N 248 
LEU CD2 HD21 sing N N 249 
LEU CD2 HD22 sing N N 250 
LEU CD2 HD23 sing N N 251 
LEU OXT HXT  sing N N 252 
LYS N   CA   sing N N 253 
LYS N   H    sing N N 254 
LYS N   H2   sing N N 255 
LYS CA  C    sing N N 256 
LYS CA  CB   sing N N 257 
LYS CA  HA   sing N N 258 
LYS C   O    doub N N 259 
LYS C   OXT  sing N N 260 
LYS CB  CG   sing N N 261 
LYS CB  HB2  sing N N 262 
LYS CB  HB3  sing N N 263 
LYS CG  CD   sing N N 264 
LYS CG  HG2  sing N N 265 
LYS CG  HG3  sing N N 266 
LYS CD  CE   sing N N 267 
LYS CD  HD2  sing N N 268 
LYS CD  HD3  sing N N 269 
LYS CE  NZ   sing N N 270 
LYS CE  HE2  sing N N 271 
LYS CE  HE3  sing N N 272 
LYS NZ  HZ1  sing N N 273 
LYS NZ  HZ2  sing N N 274 
LYS NZ  HZ3  sing N N 275 
LYS OXT HXT  sing N N 276 
MET N   CA   sing N N 277 
MET N   H    sing N N 278 
MET N   H2   sing N N 279 
MET CA  C    sing N N 280 
MET CA  CB   sing N N 281 
MET CA  HA   sing N N 282 
MET C   O    doub N N 283 
MET C   OXT  sing N N 284 
MET CB  CG   sing N N 285 
MET CB  HB2  sing N N 286 
MET CB  HB3  sing N N 287 
MET CG  SD   sing N N 288 
MET CG  HG2  sing N N 289 
MET CG  HG3  sing N N 290 
MET SD  CE   sing N N 291 
MET CE  HE1  sing N N 292 
MET CE  HE2  sing N N 293 
MET CE  HE3  sing N N 294 
MET OXT HXT  sing N N 295 
PHE N   CA   sing N N 296 
PHE N   H    sing N N 297 
PHE N   H2   sing N N 298 
PHE CA  C    sing N N 299 
PHE CA  CB   sing N N 300 
PHE CA  HA   sing N N 301 
PHE C   O    doub N N 302 
PHE C   OXT  sing N N 303 
PHE CB  CG   sing N N 304 
PHE CB  HB2  sing N N 305 
PHE CB  HB3  sing N N 306 
PHE CG  CD1  doub Y N 307 
PHE CG  CD2  sing Y N 308 
PHE CD1 CE1  sing Y N 309 
PHE CD1 HD1  sing N N 310 
PHE CD2 CE2  doub Y N 311 
PHE CD2 HD2  sing N N 312 
PHE CE1 CZ   doub Y N 313 
PHE CE1 HE1  sing N N 314 
PHE CE2 CZ   sing Y N 315 
PHE CE2 HE2  sing N N 316 
PHE CZ  HZ   sing N N 317 
PHE OXT HXT  sing N N 318 
PRO N   CA   sing N N 319 
PRO N   CD   sing N N 320 
PRO N   H    sing N N 321 
PRO CA  C    sing N N 322 
PRO CA  CB   sing N N 323 
PRO CA  HA   sing N N 324 
PRO C   O    doub N N 325 
PRO C   OXT  sing N N 326 
PRO CB  CG   sing N N 327 
PRO CB  HB2  sing N N 328 
PRO CB  HB3  sing N N 329 
PRO CG  CD   sing N N 330 
PRO CG  HG2  sing N N 331 
PRO CG  HG3  sing N N 332 
PRO CD  HD2  sing N N 333 
PRO CD  HD3  sing N N 334 
PRO OXT HXT  sing N N 335 
SER N   CA   sing N N 336 
SER N   H    sing N N 337 
SER N   H2   sing N N 338 
SER CA  C    sing N N 339 
SER CA  CB   sing N N 340 
SER CA  HA   sing N N 341 
SER C   O    doub N N 342 
SER C   OXT  sing N N 343 
SER CB  OG   sing N N 344 
SER CB  HB2  sing N N 345 
SER CB  HB3  sing N N 346 
SER OG  HG   sing N N 347 
SER OXT HXT  sing N N 348 
SO4 S   O1   doub N N 349 
SO4 S   O2   doub N N 350 
SO4 S   O3   sing N N 351 
SO4 S   O4   sing N N 352 
THR N   CA   sing N N 353 
THR N   H    sing N N 354 
THR N   H2   sing N N 355 
THR CA  C    sing N N 356 
THR CA  CB   sing N N 357 
THR CA  HA   sing N N 358 
THR C   O    doub N N 359 
THR C   OXT  sing N N 360 
THR CB  OG1  sing N N 361 
THR CB  CG2  sing N N 362 
THR CB  HB   sing N N 363 
THR OG1 HG1  sing N N 364 
THR CG2 HG21 sing N N 365 
THR CG2 HG22 sing N N 366 
THR CG2 HG23 sing N N 367 
THR OXT HXT  sing N N 368 
TRP N   CA   sing N N 369 
TRP N   H    sing N N 370 
TRP N   H2   sing N N 371 
TRP CA  C    sing N N 372 
TRP CA  CB   sing N N 373 
TRP CA  HA   sing N N 374 
TRP C   O    doub N N 375 
TRP C   OXT  sing N N 376 
TRP CB  CG   sing N N 377 
TRP CB  HB2  sing N N 378 
TRP CB  HB3  sing N N 379 
TRP CG  CD1  doub Y N 380 
TRP CG  CD2  sing Y N 381 
TRP CD1 NE1  sing Y N 382 
TRP CD1 HD1  sing N N 383 
TRP CD2 CE2  doub Y N 384 
TRP CD2 CE3  sing Y N 385 
TRP NE1 CE2  sing Y N 386 
TRP NE1 HE1  sing N N 387 
TRP CE2 CZ2  sing Y N 388 
TRP CE3 CZ3  doub Y N 389 
TRP CE3 HE3  sing N N 390 
TRP CZ2 CH2  doub Y N 391 
TRP CZ2 HZ2  sing N N 392 
TRP CZ3 CH2  sing Y N 393 
TRP CZ3 HZ3  sing N N 394 
TRP CH2 HH2  sing N N 395 
TRP OXT HXT  sing N N 396 
TYR N   CA   sing N N 397 
TYR N   H    sing N N 398 
TYR N   H2   sing N N 399 
TYR CA  C    sing N N 400 
TYR CA  CB   sing N N 401 
TYR CA  HA   sing N N 402 
TYR C   O    doub N N 403 
TYR C   OXT  sing N N 404 
TYR CB  CG   sing N N 405 
TYR CB  HB2  sing N N 406 
TYR CB  HB3  sing N N 407 
TYR CG  CD1  doub Y N 408 
TYR CG  CD2  sing Y N 409 
TYR CD1 CE1  sing Y N 410 
TYR CD1 HD1  sing N N 411 
TYR CD2 CE2  doub Y N 412 
TYR CD2 HD2  sing N N 413 
TYR CE1 CZ   doub Y N 414 
TYR CE1 HE1  sing N N 415 
TYR CE2 CZ   sing Y N 416 
TYR CE2 HE2  sing N N 417 
TYR CZ  OH   sing N N 418 
TYR OH  HH   sing N N 419 
TYR OXT HXT  sing N N 420 
VAL N   CA   sing N N 421 
VAL N   H    sing N N 422 
VAL N   H2   sing N N 423 
VAL CA  C    sing N N 424 
VAL CA  CB   sing N N 425 
VAL CA  HA   sing N N 426 
VAL C   O    doub N N 427 
VAL C   OXT  sing N N 428 
VAL CB  CG1  sing N N 429 
VAL CB  CG2  sing N N 430 
VAL CB  HB   sing N N 431 
VAL CG1 HG11 sing N N 432 
VAL CG1 HG12 sing N N 433 
VAL CG1 HG13 sing N N 434 
VAL CG2 HG21 sing N N 435 
VAL CG2 HG22 sing N N 436 
VAL CG2 HG23 sing N N 437 
VAL OXT HXT  sing N N 438 
# 
_diffrn_measurement.method      '\w scans' 
_diffrn_measurement.details     '0.25 degrees, 10.85 sec, detector distance 220.00 mm' 
_diffrn_measurement.diffrn_id   1 
# 
_pdbx_audit_support.funding_organization   
'National Institutes of Health/National Institute Of Allergy and Infectious Diseases (NIH/NIAID)' 
_pdbx_audit_support.country                ? 
_pdbx_audit_support.grant_number           ? 
_pdbx_audit_support.ordinal                1 
# 
_pdbx_entity_instance_feature.ordinal        1 
_pdbx_entity_instance_feature.comp_id        560 
_pdbx_entity_instance_feature.asym_id        ? 
_pdbx_entity_instance_feature.seq_num        ? 
_pdbx_entity_instance_feature.auth_comp_id   560 
_pdbx_entity_instance_feature.auth_asym_id   ? 
_pdbx_entity_instance_feature.auth_seq_num   ? 
_pdbx_entity_instance_feature.feature_type   'SUBJECT OF INVESTIGATION' 
_pdbx_entity_instance_feature.details        ? 
# 
loop_
_pdbx_entity_nonpoly.entity_id 
_pdbx_entity_nonpoly.name 
_pdbx_entity_nonpoly.comp_id 
2 'SULFATE ION'                                                                                               SO4 
3 '5-[(3R)-3-{7-[4-(aminomethyl)phenyl]-2H-1,3-benzodioxol-5-yl}but-1-yn-1-yl]-6-ethylpyrimidine-2,4-diamine' 560 
4 water                                                                                                       HOH 
# 
_pdbx_initial_refinement_model.id               1 
_pdbx_initial_refinement_model.entity_id_list   ? 
_pdbx_initial_refinement_model.type             'experimental model' 
_pdbx_initial_refinement_model.source_name      PDB 
_pdbx_initial_refinement_model.accession_code   1RX2 
_pdbx_initial_refinement_model.details          ? 
# 
_pdbx_struct_assembly_auth_evidence.id                     1 
_pdbx_struct_assembly_auth_evidence.assembly_id            1 
_pdbx_struct_assembly_auth_evidence.experimental_support   none 
_pdbx_struct_assembly_auth_evidence.details                ? 
# 
